data_2B3B
#
_entry.id   2B3B
#
_cell.length_a   121.643
_cell.length_b   134.874
_cell.length_c   159.547
_cell.angle_alpha   90.00
_cell.angle_beta   90.00
_cell.angle_gamma   90.00
#
_symmetry.space_group_name_H-M   'P 21 21 21'
#
loop_
_entity.id
_entity.type
_entity.pdbx_description
1 polymer 'glucose-binding protein'
2 non-polymer alpha-D-glucopyranose
3 non-polymer beta-D-glucopyranose
4 water water
#
_entity_poly.entity_id   1
_entity_poly.type   'polypeptide(L)'
_entity_poly.pdbx_seq_one_letter_code
;MKLEIFSWWAGDEGPALEALIRLYKQKYPGVEVINATVTGGAGVNARAVLKTRMLGGDPPDTFQVHAGMELIGTWVVANR
MEDLSALFRQEGWLQAFPKGLIDLISYKGGIWSVPVNIHRSNVMWYLPAKLKGWGVNPPRTWDKFLATCQTLKQKGLEAP
LALGENWTQQHLWESVALAVLGPDDWNNLWNGKLKFTDPKAVRAWEVFGRVLDCANKDAAGLSWQQAVDRVVQGKAAFNI
MGDWAAGYMTTTLKLKPGTDFAWAPSPGTQGVFMMLSDSFGLPKGAKNRQNAINWLRLVGSKEGQDTSNPLKGSIAARLD
SDPSKYNAYGQSAMRDWRSNRIVGSLVHGAVAPESFMSQFGTVMEIFLQTRNPQAAANAAQAIADQVGLGRLGQHHHHHH
;
_entity_poly.pdbx_strand_id   A,B,C,D,E,F
#
loop_
_chem_comp.id
_chem_comp.type
_chem_comp.name
_chem_comp.formula
BGC D-saccharide, beta linking beta-D-glucopyranose 'C6 H12 O6'
GLC D-saccharide, alpha linking alpha-D-glucopyranose 'C6 H12 O6'
#
# COMPACT_ATOMS: atom_id res chain seq x y z
N MET A 1 -5.68 -5.43 13.54
CA MET A 1 -6.76 -6.22 12.88
C MET A 1 -6.88 -5.76 11.43
N LYS A 2 -6.53 -6.67 10.51
CA LYS A 2 -6.50 -6.37 9.09
C LYS A 2 -7.06 -7.52 8.26
N LEU A 3 -7.47 -7.17 7.04
CA LEU A 3 -7.90 -8.13 6.03
C LEU A 3 -7.54 -7.58 4.64
N GLU A 4 -6.74 -8.31 3.88
CA GLU A 4 -6.35 -7.86 2.53
C GLU A 4 -7.04 -8.74 1.50
N ILE A 5 -7.89 -8.11 0.70
CA ILE A 5 -8.70 -8.79 -0.29
C ILE A 5 -8.15 -8.43 -1.67
N PHE A 6 -7.77 -9.44 -2.41
CA PHE A 6 -7.14 -9.28 -3.72
C PHE A 6 -8.17 -9.60 -4.80
N SER A 7 -8.28 -8.72 -5.79
CA SER A 7 -9.24 -8.90 -6.87
C SER A 7 -8.88 -7.99 -8.05
N TRP A 8 -9.65 -8.09 -9.12
CA TRP A 8 -9.50 -7.13 -10.19
C TRP A 8 -10.71 -6.22 -10.32
N TRP A 9 -11.42 -6.06 -9.21
CA TRP A 9 -12.64 -5.27 -9.27
C TRP A 9 -12.35 -3.79 -9.04
N ALA A 10 -11.56 -3.20 -9.94
CA ALA A 10 -11.10 -1.83 -9.81
C ALA A 10 -12.05 -0.91 -10.51
N GLY A 11 -12.00 0.37 -10.16
CA GLY A 11 -12.76 1.41 -10.84
C GLY A 11 -14.24 1.13 -10.84
N ASP A 12 -14.84 1.15 -12.01
CA ASP A 12 -16.29 0.97 -12.11
C ASP A 12 -16.76 -0.47 -11.95
N GLU A 13 -15.80 -1.41 -11.79
CA GLU A 13 -16.13 -2.76 -11.39
C GLU A 13 -16.23 -2.91 -9.85
N GLY A 14 -15.84 -1.87 -9.11
CA GLY A 14 -15.78 -1.96 -7.65
C GLY A 14 -17.05 -1.85 -6.82
N PRO A 15 -18.13 -1.23 -7.35
CA PRO A 15 -19.33 -1.04 -6.53
C PRO A 15 -19.79 -2.27 -5.75
N ALA A 16 -19.98 -3.40 -6.41
CA ALA A 16 -20.44 -4.61 -5.74
C ALA A 16 -19.49 -5.04 -4.60
N LEU A 17 -18.18 -5.03 -4.85
CA LEU A 17 -17.19 -5.37 -3.85
C LEU A 17 -17.20 -4.40 -2.67
N GLU A 18 -17.32 -3.11 -2.99
CA GLU A 18 -17.32 -2.05 -2.00
C GLU A 18 -18.52 -2.22 -1.05
N ALA A 19 -19.66 -2.62 -1.60
CA ALA A 19 -20.86 -2.95 -0.83
C ALA A 19 -20.64 -4.12 0.14
N LEU A 20 -19.95 -5.14 -0.34
CA LEU A 20 -19.56 -6.29 0.50
C LEU A 20 -18.61 -5.88 1.60
N ILE A 21 -17.69 -4.98 1.27
CA ILE A 21 -16.74 -4.48 2.24
C ILE A 21 -17.42 -3.65 3.36
N ARG A 22 -18.39 -2.83 2.98
CA ARG A 22 -19.12 -2.04 3.98
C ARG A 22 -19.86 -2.99 4.93
N LEU A 23 -20.57 -3.96 4.36
CA LEU A 23 -21.18 -5.04 5.13
C LEU A 23 -20.22 -5.74 6.11
N TYR A 24 -19.03 -6.09 5.64
CA TYR A 24 -18.05 -6.74 6.48
C TYR A 24 -17.58 -5.83 7.64
N LYS A 25 -17.28 -4.57 7.30
CA LYS A 25 -16.89 -3.56 8.30
C LYS A 25 -17.98 -3.28 9.37
N GLN A 26 -19.26 -3.33 8.99
CA GLN A 26 -20.35 -3.29 9.98
C GLN A 26 -20.24 -4.46 10.98
N LYS A 27 -20.02 -5.66 10.47
CA LYS A 27 -19.98 -6.84 11.32
C LYS A 27 -18.68 -6.91 12.13
N TYR A 28 -17.60 -6.37 11.58
CA TYR A 28 -16.28 -6.52 12.19
C TYR A 28 -15.61 -5.15 12.21
N PRO A 29 -16.06 -4.24 13.08
CA PRO A 29 -15.52 -2.87 13.12
C PRO A 29 -14.06 -2.75 13.51
N GLY A 30 -13.49 -3.78 14.12
CA GLY A 30 -12.06 -3.76 14.42
C GLY A 30 -11.12 -3.92 13.23
N VAL A 31 -11.61 -4.47 12.13
CA VAL A 31 -10.73 -4.87 11.01
C VAL A 31 -10.56 -3.74 9.99
N GLU A 32 -9.30 -3.39 9.69
CA GLU A 32 -9.03 -2.47 8.60
C GLU A 32 -8.89 -3.31 7.33
N VAL A 33 -9.79 -3.07 6.38
CA VAL A 33 -9.86 -3.84 5.15
C VAL A 33 -9.01 -3.16 4.06
N ILE A 34 -8.04 -3.90 3.52
CA ILE A 34 -7.20 -3.41 2.44
C ILE A 34 -7.81 -3.94 1.14
N ASN A 35 -8.30 -3.02 0.31
CA ASN A 35 -8.91 -3.36 -0.96
C ASN A 35 -7.80 -3.38 -2.03
N ALA A 36 -7.15 -4.53 -2.17
CA ALA A 36 -5.99 -4.68 -3.05
C ALA A 36 -6.41 -5.11 -4.46
N THR A 37 -6.86 -4.17 -5.26
CA THR A 37 -7.22 -4.45 -6.64
C THR A 37 -6.02 -4.31 -7.57
N VAL A 38 -5.95 -5.21 -8.55
CA VAL A 38 -5.03 -5.09 -9.67
C VAL A 38 -5.88 -4.78 -10.92
N THR A 39 -5.69 -3.59 -11.43
CA THR A 39 -6.53 -3.09 -12.52
C THR A 39 -6.26 -3.89 -13.81
N GLY A 40 -7.33 -4.37 -14.41
CA GLY A 40 -7.23 -5.10 -15.68
C GLY A 40 -8.37 -6.05 -15.90
N GLY A 41 -9.06 -5.87 -17.02
CA GLY A 41 -10.15 -6.72 -17.40
C GLY A 41 -9.84 -8.20 -17.36
N ALA A 42 -10.80 -8.97 -16.88
CA ALA A 42 -10.75 -10.41 -16.83
C ALA A 42 -9.58 -11.01 -16.07
N GLY A 43 -8.92 -10.22 -15.23
CA GLY A 43 -7.88 -10.75 -14.36
C GLY A 43 -6.53 -11.10 -14.98
N VAL A 44 -6.30 -10.68 -16.21
CA VAL A 44 -5.06 -10.98 -16.89
C VAL A 44 -3.91 -10.37 -16.08
N ASN A 45 -4.02 -9.10 -15.72
CA ASN A 45 -3.00 -8.50 -14.88
C ASN A 45 -2.98 -9.05 -13.45
N ALA A 46 -4.16 -9.29 -12.88
CA ALA A 46 -4.26 -9.79 -11.48
C ALA A 46 -3.53 -11.12 -11.30
N ARG A 47 -3.78 -12.02 -12.25
CA ARG A 47 -3.10 -13.33 -12.39
C ARG A 47 -1.56 -13.18 -12.28
N ALA A 48 -1.00 -12.20 -12.99
CA ALA A 48 0.45 -12.00 -13.01
C ALA A 48 1.00 -11.46 -11.70
N VAL A 49 0.29 -10.52 -11.11
CA VAL A 49 0.71 -9.95 -9.84
C VAL A 49 0.54 -10.99 -8.70
N LEU A 50 -0.55 -11.74 -8.74
CA LEU A 50 -0.78 -12.79 -7.73
C LEU A 50 0.34 -13.79 -7.78
N LYS A 51 0.75 -14.18 -8.99
CA LYS A 51 1.87 -15.10 -9.18
C LYS A 51 3.15 -14.61 -8.48
N THR A 52 3.49 -13.34 -8.68
CA THR A 52 4.64 -12.74 -8.01
C THR A 52 4.50 -12.84 -6.48
N ARG A 53 3.33 -12.50 -5.96
CA ARG A 53 3.10 -12.56 -4.52
C ARG A 53 3.09 -13.98 -3.96
N MET A 54 2.35 -14.88 -4.60
CA MET A 54 2.29 -16.27 -4.17
C MET A 54 3.66 -16.94 -4.23
N LEU A 55 4.35 -16.86 -5.36
CA LEU A 55 5.68 -17.45 -5.45
C LEU A 55 6.69 -16.81 -4.51
N GLY A 56 6.50 -15.53 -4.22
CA GLY A 56 7.37 -14.82 -3.29
C GLY A 56 7.14 -15.18 -1.84
N GLY A 57 6.11 -15.98 -1.54
CA GLY A 57 5.76 -16.31 -0.18
C GLY A 57 4.92 -15.27 0.55
N ASP A 58 4.23 -14.41 -0.20
CA ASP A 58 3.52 -13.29 0.38
C ASP A 58 2.07 -13.29 -0.04
N PRO A 59 1.31 -14.34 0.34
CA PRO A 59 -0.08 -14.39 -0.10
C PRO A 59 -0.95 -13.29 0.49
N PRO A 60 -1.97 -12.87 -0.28
CA PRO A 60 -2.97 -12.01 0.32
C PRO A 60 -3.81 -12.90 1.23
N ASP A 61 -4.71 -12.30 2.00
CA ASP A 61 -5.56 -13.08 2.90
C ASP A 61 -6.59 -13.90 2.13
N THR A 62 -6.95 -13.43 0.94
CA THR A 62 -7.87 -14.12 0.05
C THR A 62 -7.79 -13.45 -1.32
N PHE A 63 -8.10 -14.21 -2.36
CA PHE A 63 -8.04 -13.65 -3.71
C PHE A 63 -9.18 -14.15 -4.59
N GLN A 64 -9.68 -13.23 -5.42
CA GLN A 64 -10.65 -13.54 -6.44
C GLN A 64 -10.07 -14.61 -7.37
N VAL A 65 -10.86 -15.63 -7.64
CA VAL A 65 -10.40 -16.74 -8.46
C VAL A 65 -11.61 -17.42 -9.05
N HIS A 66 -11.47 -17.85 -10.29
CA HIS A 66 -12.53 -18.50 -10.99
C HIS A 66 -12.68 -19.94 -10.53
N ALA A 67 -13.92 -20.34 -10.29
CA ALA A 67 -14.23 -21.72 -10.02
C ALA A 67 -13.93 -22.56 -11.27
N GLY A 68 -13.33 -23.72 -11.05
CA GLY A 68 -13.03 -24.67 -12.11
C GLY A 68 -11.56 -24.90 -12.28
N MET A 69 -11.13 -25.10 -13.53
CA MET A 69 -9.75 -25.46 -13.80
C MET A 69 -8.73 -24.37 -13.48
N GLU A 70 -9.15 -23.11 -13.57
CA GLU A 70 -8.28 -22.00 -13.18
C GLU A 70 -7.84 -22.17 -11.73
N LEU A 71 -8.82 -22.33 -10.85
CA LEU A 71 -8.58 -22.54 -9.40
C LEU A 71 -7.70 -23.77 -9.16
N ILE A 72 -8.14 -24.89 -9.72
CA ILE A 72 -7.55 -26.20 -9.42
C ILE A 72 -6.15 -26.30 -9.96
N GLY A 73 -5.96 -25.91 -11.22
CA GLY A 73 -4.73 -26.18 -11.93
C GLY A 73 -3.60 -25.25 -11.57
N THR A 74 -3.88 -24.24 -10.77
CA THR A 74 -2.80 -23.36 -10.36
C THR A 74 -2.43 -23.49 -8.85
N TRP A 75 -3.13 -22.84 -7.94
CA TRP A 75 -2.67 -22.77 -6.55
C TRP A 75 -3.08 -23.99 -5.70
N VAL A 76 -4.09 -24.74 -6.15
CA VAL A 76 -4.52 -25.97 -5.47
C VAL A 76 -3.53 -27.14 -5.69
N VAL A 77 -3.22 -27.45 -6.96
CA VAL A 77 -2.21 -28.45 -7.27
C VAL A 77 -0.83 -28.10 -6.73
N ALA A 78 -0.56 -26.81 -6.56
CA ALA A 78 0.68 -26.35 -5.95
C ALA A 78 0.65 -26.45 -4.42
N ASN A 79 -0.45 -26.95 -3.86
CA ASN A 79 -0.63 -27.09 -2.42
C ASN A 79 -0.42 -25.80 -1.66
N ARG A 80 -1.03 -24.71 -2.14
CA ARG A 80 -0.91 -23.40 -1.50
C ARG A 80 -2.23 -22.88 -0.90
N MET A 81 -3.29 -23.66 -1.02
CA MET A 81 -4.62 -23.28 -0.57
C MET A 81 -5.07 -24.23 0.55
N GLU A 82 -5.82 -23.70 1.52
CA GLU A 82 -6.45 -24.52 2.54
C GLU A 82 -7.73 -25.19 2.06
N ASP A 83 -7.91 -26.42 2.52
CA ASP A 83 -9.14 -27.17 2.27
C ASP A 83 -10.28 -26.56 3.10
N LEU A 84 -11.37 -26.22 2.45
CA LEU A 84 -12.49 -25.54 3.08
C LEU A 84 -13.65 -26.46 3.43
N SER A 85 -13.43 -27.77 3.39
CA SER A 85 -14.51 -28.74 3.62
C SER A 85 -15.21 -28.57 4.99
N ALA A 86 -14.42 -28.38 6.03
CA ALA A 86 -14.93 -28.17 7.40
C ALA A 86 -15.84 -26.97 7.47
N LEU A 87 -15.37 -25.85 6.90
CA LEU A 87 -16.18 -24.64 6.77
C LEU A 87 -17.47 -24.84 5.98
N PHE A 88 -17.39 -25.54 4.85
CA PHE A 88 -18.58 -25.84 4.08
C PHE A 88 -19.64 -26.56 4.95
N ARG A 89 -19.19 -27.55 5.71
CA ARG A 89 -20.10 -28.24 6.63
C ARG A 89 -20.65 -27.25 7.64
N GLN A 90 -19.78 -26.48 8.28
CA GLN A 90 -20.23 -25.54 9.31
C GLN A 90 -21.32 -24.62 8.80
N GLU A 91 -21.20 -24.16 7.55
CA GLU A 91 -22.11 -23.16 6.99
C GLU A 91 -23.28 -23.76 6.24
N GLY A 92 -23.33 -25.08 6.12
CA GLY A 92 -24.40 -25.71 5.34
C GLY A 92 -24.30 -25.44 3.84
N TRP A 93 -23.10 -25.15 3.34
CA TRP A 93 -22.95 -24.75 1.93
C TRP A 93 -23.18 -25.85 0.91
N LEU A 94 -22.92 -27.10 1.30
CA LEU A 94 -23.14 -28.21 0.38
C LEU A 94 -24.60 -28.31 -0.12
N GLN A 95 -25.57 -27.80 0.66
CA GLN A 95 -26.96 -27.75 0.22
C GLN A 95 -27.35 -26.38 -0.33
N ALA A 96 -26.56 -25.36 -0.01
CA ALA A 96 -26.80 -23.98 -0.44
C ALA A 96 -26.46 -23.68 -1.92
N PHE A 97 -25.50 -24.43 -2.51
CA PHE A 97 -25.05 -24.21 -3.89
C PHE A 97 -25.43 -25.41 -4.76
N PRO A 98 -25.63 -25.20 -6.07
CA PRO A 98 -25.93 -26.35 -6.94
C PRO A 98 -24.74 -27.31 -7.05
N LYS A 99 -25.04 -28.61 -7.22
CA LYS A 99 -24.01 -29.67 -7.22
C LYS A 99 -22.96 -29.41 -8.30
N GLY A 100 -23.42 -29.01 -9.48
CA GLY A 100 -22.54 -28.65 -10.58
C GLY A 100 -21.50 -27.61 -10.21
N LEU A 101 -21.89 -26.65 -9.39
CA LEU A 101 -20.95 -25.63 -8.91
C LEU A 101 -20.00 -26.19 -7.86
N ILE A 102 -20.54 -26.99 -6.92
CA ILE A 102 -19.70 -27.68 -5.96
C ILE A 102 -18.62 -28.49 -6.67
N ASP A 103 -19.00 -29.17 -7.75
CA ASP A 103 -18.05 -30.00 -8.50
C ASP A 103 -16.86 -29.19 -8.99
N LEU A 104 -17.13 -27.98 -9.51
CA LEU A 104 -16.08 -27.10 -10.06
C LEU A 104 -15.05 -26.66 -9.06
N ILE A 105 -15.43 -26.56 -7.79
CA ILE A 105 -14.55 -26.08 -6.73
C ILE A 105 -13.98 -27.22 -5.89
N SER A 106 -14.27 -28.47 -6.29
CA SER A 106 -13.87 -29.67 -5.56
C SER A 106 -12.81 -30.46 -6.33
N TYR A 107 -11.82 -31.00 -5.60
CA TYR A 107 -10.70 -31.72 -6.20
C TYR A 107 -9.98 -32.58 -5.17
N LYS A 108 -9.77 -33.86 -5.52
CA LYS A 108 -9.04 -34.80 -4.64
C LYS A 108 -9.51 -34.76 -3.18
N GLY A 109 -10.82 -34.82 -2.98
CA GLY A 109 -11.40 -34.87 -1.64
C GLY A 109 -11.53 -33.56 -0.89
N GLY A 110 -11.10 -32.45 -1.49
CA GLY A 110 -11.14 -31.13 -0.83
C GLY A 110 -12.04 -30.18 -1.59
N ILE A 111 -12.41 -29.08 -0.93
CA ILE A 111 -13.20 -28.00 -1.53
C ILE A 111 -12.39 -26.73 -1.30
N TRP A 112 -12.21 -25.93 -2.34
CA TRP A 112 -11.07 -25.02 -2.35
C TRP A 112 -11.39 -23.53 -2.44
N SER A 113 -12.65 -23.20 -2.70
CA SER A 113 -13.08 -21.80 -2.72
C SER A 113 -14.57 -21.72 -2.49
N VAL A 114 -15.03 -20.49 -2.25
CA VAL A 114 -16.42 -20.17 -2.02
C VAL A 114 -16.91 -19.22 -3.11
N PRO A 115 -17.87 -19.69 -3.92
CA PRO A 115 -18.51 -18.90 -4.97
C PRO A 115 -19.38 -17.74 -4.46
N VAL A 116 -19.22 -16.59 -5.08
CA VAL A 116 -19.98 -15.40 -4.68
C VAL A 116 -21.07 -15.10 -5.68
N ASN A 117 -20.93 -15.66 -6.88
CA ASN A 117 -21.79 -15.29 -7.97
C ASN A 117 -21.76 -16.31 -9.09
N ILE A 118 -22.62 -16.07 -10.07
CA ILE A 118 -22.56 -16.71 -11.38
C ILE A 118 -22.63 -15.57 -12.42
N HIS A 119 -21.65 -15.50 -13.33
CA HIS A 119 -21.74 -14.66 -14.52
C HIS A 119 -21.99 -15.54 -15.74
N ARG A 120 -22.59 -14.96 -16.76
CA ARG A 120 -22.80 -15.59 -18.05
C ARG A 120 -21.92 -14.90 -19.06
N SER A 121 -21.25 -15.69 -19.90
CA SER A 121 -20.33 -15.21 -20.90
C SER A 121 -21.08 -14.84 -22.20
N ASN A 122 -22.01 -15.70 -22.61
CA ASN A 122 -22.60 -15.61 -23.95
C ASN A 122 -23.84 -14.72 -24.04
N VAL A 123 -23.64 -13.43 -23.81
CA VAL A 123 -24.69 -12.45 -23.93
C VAL A 123 -24.33 -11.41 -25.00
N MET A 124 -25.30 -11.14 -25.87
CA MET A 124 -25.22 -10.06 -26.86
C MET A 124 -26.07 -8.89 -26.37
N TRP A 125 -25.43 -7.72 -26.28
CA TRP A 125 -26.06 -6.48 -25.83
C TRP A 125 -26.33 -5.55 -27.01
N TYR A 126 -27.44 -4.83 -26.93
CA TYR A 126 -27.85 -3.91 -27.99
C TYR A 126 -28.89 -2.96 -27.43
N LEU A 127 -29.15 -1.88 -28.17
CA LEU A 127 -30.11 -0.88 -27.76
C LEU A 127 -31.33 -1.09 -28.63
N PRO A 128 -32.44 -1.55 -28.03
CA PRO A 128 -33.58 -1.88 -28.88
C PRO A 128 -34.17 -0.66 -29.63
N ALA A 129 -34.00 0.55 -29.08
CA ALA A 129 -34.37 1.78 -29.79
C ALA A 129 -33.46 2.15 -30.95
N LYS A 130 -32.17 1.83 -30.84
CA LYS A 130 -31.22 2.09 -31.92
C LYS A 130 -31.42 1.09 -33.04
N LEU A 131 -31.80 -0.13 -32.69
CA LEU A 131 -32.04 -1.16 -33.70
C LEU A 131 -33.26 -0.80 -34.56
N LYS A 132 -34.29 -0.23 -33.91
CA LYS A 132 -35.49 0.28 -34.62
C LYS A 132 -35.16 1.49 -35.51
N GLY A 133 -34.41 2.45 -34.97
CA GLY A 133 -33.83 3.57 -35.74
C GLY A 133 -33.06 3.15 -37.00
N TRP A 134 -32.43 1.97 -36.94
CA TRP A 134 -31.78 1.32 -38.11
C TRP A 134 -32.68 0.31 -38.82
N GLY A 135 -33.84 0.05 -38.25
CA GLY A 135 -34.76 -0.94 -38.79
C GLY A 135 -34.14 -2.30 -39.00
N VAL A 136 -33.57 -2.88 -37.93
CA VAL A 136 -33.11 -4.28 -37.95
C VAL A 136 -33.57 -4.98 -36.67
N ASN A 137 -33.58 -6.31 -36.70
CA ASN A 137 -33.83 -7.16 -35.53
C ASN A 137 -32.54 -7.65 -34.86
N PRO A 138 -32.62 -8.13 -33.59
CA PRO A 138 -31.47 -8.76 -32.94
C PRO A 138 -31.23 -10.17 -33.45
N PRO A 139 -30.04 -10.44 -34.03
CA PRO A 139 -29.82 -11.71 -34.71
C PRO A 139 -29.67 -12.93 -33.80
N ARG A 140 -30.35 -14.02 -34.18
CA ARG A 140 -30.41 -15.21 -33.38
C ARG A 140 -29.46 -16.32 -33.91
N THR A 141 -28.89 -16.12 -35.10
CA THR A 141 -27.81 -16.98 -35.61
C THR A 141 -26.66 -16.11 -36.13
N TRP A 142 -25.50 -16.72 -36.33
CA TRP A 142 -24.35 -15.99 -36.87
C TRP A 142 -24.54 -15.60 -38.35
N ASP A 143 -25.25 -16.42 -39.11
CA ASP A 143 -25.62 -16.02 -40.49
C ASP A 143 -26.50 -14.77 -40.52
N LYS A 144 -27.52 -14.76 -39.67
CA LYS A 144 -28.38 -13.59 -39.55
C LYS A 144 -27.64 -12.37 -38.99
N PHE A 145 -26.67 -12.63 -38.11
CA PHE A 145 -25.77 -11.58 -37.61
C PHE A 145 -24.95 -11.02 -38.75
N LEU A 146 -24.30 -11.88 -39.51
CA LEU A 146 -23.43 -11.43 -40.58
C LEU A 146 -24.22 -10.61 -41.63
N ALA A 147 -25.41 -11.11 -41.98
CA ALA A 147 -26.30 -10.44 -42.94
C ALA A 147 -26.84 -9.12 -42.38
N THR A 148 -27.24 -9.10 -41.10
CA THR A 148 -27.68 -7.83 -40.48
C THR A 148 -26.58 -6.77 -40.42
N CYS A 149 -25.36 -7.17 -40.11
CA CYS A 149 -24.24 -6.23 -40.06
C CYS A 149 -23.93 -5.62 -41.43
N GLN A 150 -24.08 -6.42 -42.48
CA GLN A 150 -23.88 -5.93 -43.85
C GLN A 150 -24.92 -4.85 -44.18
N THR A 151 -26.17 -5.14 -43.88
CA THR A 151 -27.23 -4.15 -43.94
C THR A 151 -26.84 -2.86 -43.19
N LEU A 152 -26.26 -2.99 -41.99
CA LEU A 152 -25.91 -1.81 -41.18
C LEU A 152 -24.76 -1.03 -41.78
N LYS A 153 -23.78 -1.74 -42.34
CA LYS A 153 -22.71 -1.06 -43.08
C LYS A 153 -23.27 -0.27 -44.26
N GLN A 154 -24.15 -0.92 -45.02
CA GLN A 154 -24.90 -0.28 -46.11
C GLN A 154 -25.60 0.99 -45.63
N LYS A 155 -26.27 0.90 -44.47
CA LYS A 155 -26.95 2.03 -43.87
C LYS A 155 -26.04 3.05 -43.16
N GLY A 156 -24.72 2.91 -43.29
CA GLY A 156 -23.76 3.87 -42.72
C GLY A 156 -23.08 3.56 -41.39
N LEU A 157 -23.39 2.41 -40.80
CA LEU A 157 -22.71 1.99 -39.55
C LEU A 157 -21.46 1.16 -39.91
N GLU A 158 -20.29 1.81 -39.86
CA GLU A 158 -19.02 1.24 -40.30
C GLU A 158 -18.60 -0.06 -39.59
N ALA A 159 -18.82 -0.08 -38.28
CA ALA A 159 -18.37 -1.16 -37.42
C ALA A 159 -19.53 -1.57 -36.53
N PRO A 160 -20.48 -2.36 -37.06
CA PRO A 160 -21.67 -2.71 -36.26
C PRO A 160 -21.39 -3.53 -34.99
N LEU A 161 -20.26 -4.23 -34.96
CA LEU A 161 -19.87 -4.98 -33.75
C LEU A 161 -18.83 -4.20 -32.97
N ALA A 162 -19.14 -3.95 -31.71
CA ALA A 162 -18.15 -3.43 -30.76
C ALA A 162 -17.26 -4.55 -30.25
N LEU A 163 -15.98 -4.25 -30.17
CA LEU A 163 -14.96 -5.18 -29.70
C LEU A 163 -13.85 -4.40 -29.03
N GLY A 164 -13.23 -5.01 -28.04
CA GLY A 164 -12.06 -4.40 -27.40
C GLY A 164 -10.80 -5.23 -27.44
N GLU A 165 -10.04 -5.10 -26.37
CA GLU A 165 -8.73 -5.69 -26.23
C GLU A 165 -8.70 -7.22 -26.33
N ASN A 166 -7.48 -7.77 -26.43
CA ASN A 166 -7.27 -9.19 -26.75
C ASN A 166 -8.23 -10.14 -26.04
N TRP A 167 -8.33 -10.05 -24.72
CA TRP A 167 -9.17 -11.02 -23.98
C TRP A 167 -10.63 -10.92 -24.44
N THR A 168 -11.08 -9.72 -24.81
CA THR A 168 -12.46 -9.57 -25.24
C THR A 168 -12.68 -10.22 -26.63
N GLN A 169 -11.62 -10.35 -27.41
CA GLN A 169 -11.68 -11.09 -28.69
C GLN A 169 -11.76 -12.59 -28.44
N GLN A 170 -11.05 -13.06 -27.42
CA GLN A 170 -11.17 -14.45 -26.98
C GLN A 170 -12.59 -14.71 -26.47
N HIS A 171 -13.15 -13.72 -25.76
CA HIS A 171 -14.51 -13.78 -25.23
C HIS A 171 -15.53 -13.93 -26.34
N LEU A 172 -15.40 -13.11 -27.38
CA LEU A 172 -16.19 -13.29 -28.57
C LEU A 172 -16.01 -14.68 -29.16
N TRP A 173 -14.76 -15.13 -29.25
CA TRP A 173 -14.45 -16.43 -29.84
C TRP A 173 -15.20 -17.56 -29.14
N GLU A 174 -15.28 -17.54 -27.80
CA GLU A 174 -15.91 -18.68 -27.11
C GLU A 174 -17.40 -18.77 -27.38
N SER A 175 -18.07 -17.63 -27.58
CA SER A 175 -19.46 -17.64 -28.03
C SER A 175 -19.61 -18.22 -29.44
N VAL A 176 -18.75 -17.77 -30.35
CA VAL A 176 -18.77 -18.30 -31.73
C VAL A 176 -18.55 -19.79 -31.67
N ALA A 177 -17.50 -20.25 -30.98
CA ALA A 177 -17.18 -21.68 -30.90
C ALA A 177 -18.34 -22.49 -30.34
N LEU A 178 -18.95 -22.01 -29.26
CA LEU A 178 -20.11 -22.68 -28.66
C LEU A 178 -21.20 -22.87 -29.70
N ALA A 179 -21.48 -21.79 -30.44
CA ALA A 179 -22.50 -21.82 -31.50
C ALA A 179 -22.15 -22.84 -32.58
N VAL A 180 -20.91 -22.88 -33.01
CA VAL A 180 -20.49 -23.72 -34.12
C VAL A 180 -20.41 -25.20 -33.72
N LEU A 181 -19.91 -25.48 -32.52
CA LEU A 181 -19.72 -26.84 -32.05
C LEU A 181 -20.94 -27.43 -31.36
N GLY A 182 -21.78 -26.57 -30.79
CA GLY A 182 -22.78 -27.03 -29.82
C GLY A 182 -22.16 -27.33 -28.46
N PRO A 183 -23.01 -27.49 -27.44
CA PRO A 183 -22.46 -27.69 -26.09
C PRO A 183 -21.63 -28.98 -25.87
N ASP A 184 -22.02 -30.09 -26.48
CA ASP A 184 -21.29 -31.35 -26.27
C ASP A 184 -19.87 -31.27 -26.84
N ASP A 185 -19.74 -30.84 -28.11
CA ASP A 185 -18.41 -30.72 -28.70
C ASP A 185 -17.58 -29.61 -28.08
N TRP A 186 -18.22 -28.53 -27.62
CA TRP A 186 -17.54 -27.51 -26.79
C TRP A 186 -16.92 -28.21 -25.60
N ASN A 187 -17.71 -28.99 -24.88
CA ASN A 187 -17.20 -29.78 -23.76
C ASN A 187 -16.09 -30.76 -24.17
N ASN A 188 -16.17 -31.28 -25.38
CA ASN A 188 -15.17 -32.25 -25.85
C ASN A 188 -13.79 -31.65 -26.12
N LEU A 189 -13.72 -30.34 -26.33
CA LEU A 189 -12.43 -29.68 -26.45
C LEU A 189 -11.63 -29.85 -25.18
N TRP A 190 -12.32 -29.72 -24.05
CA TRP A 190 -11.68 -29.51 -22.73
C TRP A 190 -11.36 -30.83 -22.02
N ASN A 191 -12.04 -31.89 -22.41
CA ASN A 191 -11.71 -33.27 -21.97
C ASN A 191 -10.77 -33.98 -22.98
N GLY A 192 -10.46 -33.32 -24.10
CA GLY A 192 -9.51 -33.83 -25.08
C GLY A 192 -10.09 -34.81 -26.09
N LYS A 193 -11.42 -34.98 -26.07
CA LYS A 193 -12.08 -35.88 -27.02
C LYS A 193 -12.17 -35.28 -28.42
N LEU A 194 -12.33 -33.97 -28.49
CA LEU A 194 -12.31 -33.27 -29.76
C LEU A 194 -11.00 -32.49 -29.85
N LYS A 195 -10.26 -32.70 -30.94
CA LYS A 195 -9.05 -31.93 -31.20
C LYS A 195 -9.43 -30.56 -31.80
N PHE A 196 -8.62 -29.55 -31.49
CA PHE A 196 -8.79 -28.20 -32.06
C PHE A 196 -8.60 -28.18 -33.59
N THR A 197 -7.88 -29.17 -34.10
CA THR A 197 -7.62 -29.30 -35.52
C THR A 197 -8.68 -30.14 -36.23
N ASP A 198 -9.70 -30.55 -35.53
CA ASP A 198 -10.83 -31.21 -36.18
C ASP A 198 -11.53 -30.20 -37.07
N PRO A 199 -11.90 -30.62 -38.31
CA PRO A 199 -12.68 -29.69 -39.16
C PRO A 199 -13.83 -28.96 -38.43
N LYS A 200 -14.54 -29.67 -37.54
CA LYS A 200 -15.61 -29.01 -36.75
C LYS A 200 -15.08 -27.82 -35.94
N ALA A 201 -13.93 -27.98 -35.31
CA ALA A 201 -13.33 -26.91 -34.48
C ALA A 201 -12.63 -25.83 -35.32
N VAL A 202 -12.04 -26.21 -36.45
CA VAL A 202 -11.44 -25.25 -37.39
C VAL A 202 -12.49 -24.23 -37.87
N ARG A 203 -13.69 -24.72 -38.11
CA ARG A 203 -14.80 -23.90 -38.55
C ARG A 203 -15.18 -22.78 -37.54
N ALA A 204 -14.93 -23.00 -36.26
CA ALA A 204 -15.12 -21.95 -35.26
C ALA A 204 -14.34 -20.72 -35.69
N TRP A 205 -13.10 -20.91 -36.12
CA TRP A 205 -12.24 -19.82 -36.53
C TRP A 205 -12.68 -19.18 -37.86
N GLU A 206 -13.26 -19.97 -38.76
CA GLU A 206 -13.83 -19.45 -40.03
C GLU A 206 -14.96 -18.47 -39.76
N VAL A 207 -15.92 -18.92 -38.95
CA VAL A 207 -17.05 -18.09 -38.62
C VAL A 207 -16.55 -16.86 -37.82
N PHE A 208 -15.63 -17.10 -36.90
CA PHE A 208 -15.06 -16.01 -36.07
C PHE A 208 -14.40 -14.90 -36.93
N GLY A 209 -13.62 -15.32 -37.93
CA GLY A 209 -13.00 -14.38 -38.87
C GLY A 209 -13.98 -13.44 -39.56
N ARG A 210 -15.15 -13.94 -39.89
CA ARG A 210 -16.14 -13.15 -40.60
C ARG A 210 -16.78 -12.17 -39.65
N VAL A 211 -17.03 -12.65 -38.42
CA VAL A 211 -17.58 -11.83 -37.36
C VAL A 211 -16.61 -10.67 -37.11
N LEU A 212 -15.32 -10.97 -37.03
CA LEU A 212 -14.29 -9.96 -36.76
C LEU A 212 -14.30 -8.79 -37.80
N ASP A 213 -14.70 -9.13 -39.02
CA ASP A 213 -14.81 -8.12 -40.10
C ASP A 213 -15.98 -7.15 -39.93
N CYS A 214 -16.83 -7.34 -38.92
CA CYS A 214 -17.85 -6.35 -38.56
C CYS A 214 -17.45 -5.43 -37.39
N ALA A 215 -16.24 -5.63 -36.87
CA ALA A 215 -15.82 -5.00 -35.63
C ALA A 215 -15.04 -3.71 -35.90
N ASN A 216 -14.98 -2.86 -34.89
CA ASN A 216 -14.16 -1.65 -34.96
C ASN A 216 -12.66 -2.00 -35.07
N LYS A 217 -11.95 -1.24 -35.92
CA LYS A 217 -10.57 -1.50 -36.23
C LYS A 217 -9.64 -1.09 -35.11
N ASP A 218 -10.12 -0.26 -34.20
CA ASP A 218 -9.32 0.19 -33.07
C ASP A 218 -9.47 -0.66 -31.78
N ALA A 219 -10.07 -1.84 -31.94
CA ALA A 219 -10.45 -2.71 -30.83
C ALA A 219 -9.30 -2.98 -29.86
N ALA A 220 -8.09 -3.18 -30.37
CA ALA A 220 -6.98 -3.70 -29.57
C ALA A 220 -6.66 -2.87 -28.32
N GLY A 221 -6.86 -1.57 -28.42
CA GLY A 221 -6.54 -0.65 -27.33
C GLY A 221 -7.69 -0.21 -26.45
N LEU A 222 -8.85 -0.86 -26.60
CA LEU A 222 -10.05 -0.54 -25.80
C LEU A 222 -10.36 -1.54 -24.67
N SER A 223 -10.77 -1.00 -23.52
CA SER A 223 -11.32 -1.81 -22.45
C SER A 223 -12.68 -2.37 -22.79
N TRP A 224 -13.13 -3.36 -22.00
CA TRP A 224 -14.43 -3.93 -22.24
C TRP A 224 -15.49 -2.88 -22.03
N GLN A 225 -15.32 -1.99 -21.05
CA GLN A 225 -16.27 -0.89 -20.81
C GLN A 225 -16.34 0.04 -22.01
N GLN A 226 -15.20 0.34 -22.59
CA GLN A 226 -15.19 1.19 -23.82
C GLN A 226 -15.91 0.55 -24.99
N ALA A 227 -15.81 -0.77 -25.14
CA ALA A 227 -16.53 -1.47 -26.16
C ALA A 227 -18.07 -1.43 -25.90
N VAL A 228 -18.47 -1.60 -24.63
CA VAL A 228 -19.89 -1.45 -24.30
C VAL A 228 -20.33 -0.01 -24.63
N ASP A 229 -19.53 0.98 -24.20
CA ASP A 229 -19.80 2.38 -24.48
C ASP A 229 -20.12 2.63 -25.97
N ARG A 230 -19.47 1.90 -26.89
CA ARG A 230 -19.71 2.06 -28.32
C ARG A 230 -21.14 1.72 -28.68
N VAL A 231 -21.68 0.68 -28.05
CA VAL A 231 -23.06 0.31 -28.23
C VAL A 231 -23.96 1.40 -27.65
N VAL A 232 -23.71 1.82 -26.42
CA VAL A 232 -24.52 2.86 -25.77
C VAL A 232 -24.54 4.17 -26.62
N GLN A 233 -23.44 4.45 -27.31
CA GLN A 233 -23.29 5.64 -28.15
C GLN A 233 -23.87 5.50 -29.56
N GLY A 234 -24.24 4.28 -29.94
CA GLY A 234 -24.71 4.01 -31.26
C GLY A 234 -23.61 3.97 -32.30
N LYS A 235 -22.34 3.92 -31.86
CA LYS A 235 -21.20 3.69 -32.78
C LYS A 235 -21.04 2.21 -33.11
N ALA A 236 -21.86 1.39 -32.46
CA ALA A 236 -21.99 -0.03 -32.80
C ALA A 236 -23.42 -0.45 -32.51
N ALA A 237 -23.82 -1.58 -33.09
CA ALA A 237 -25.12 -2.20 -32.85
C ALA A 237 -25.10 -3.27 -31.76
N PHE A 238 -23.99 -4.03 -31.71
CA PHE A 238 -23.90 -5.24 -30.89
C PHE A 238 -22.56 -5.30 -30.14
N ASN A 239 -22.57 -6.02 -29.02
CA ASN A 239 -21.36 -6.37 -28.26
C ASN A 239 -21.59 -7.72 -27.57
N ILE A 240 -20.61 -8.62 -27.67
CA ILE A 240 -20.66 -9.93 -27.02
C ILE A 240 -19.78 -9.81 -25.81
N MET A 241 -20.39 -9.86 -24.63
CA MET A 241 -19.67 -9.68 -23.38
C MET A 241 -20.43 -10.28 -22.19
N GLY A 242 -19.69 -10.63 -21.14
CA GLY A 242 -20.32 -11.14 -19.92
C GLY A 242 -21.20 -10.10 -19.27
N ASP A 243 -22.05 -10.56 -18.36
CA ASP A 243 -23.10 -9.72 -17.80
C ASP A 243 -22.67 -8.79 -16.71
N TRP A 244 -21.38 -8.70 -16.48
CA TRP A 244 -20.83 -7.53 -15.82
C TRP A 244 -21.15 -6.24 -16.62
N ALA A 245 -21.39 -6.39 -17.92
CA ALA A 245 -21.84 -5.27 -18.77
C ALA A 245 -23.17 -4.73 -18.28
N ALA A 246 -24.09 -5.62 -17.92
CA ALA A 246 -25.37 -5.17 -17.36
C ALA A 246 -25.15 -4.38 -16.06
N GLY A 247 -24.29 -4.88 -15.18
CA GLY A 247 -23.92 -4.13 -13.99
C GLY A 247 -23.38 -2.75 -14.32
N TYR A 248 -22.50 -2.68 -15.31
CA TYR A 248 -21.92 -1.38 -15.74
C TYR A 248 -23.01 -0.43 -16.21
N MET A 249 -23.85 -0.90 -17.12
CA MET A 249 -24.90 -0.08 -17.67
C MET A 249 -25.95 0.40 -16.66
N THR A 250 -26.22 -0.36 -15.61
CA THR A 250 -27.25 -0.01 -14.63
C THR A 250 -26.61 0.71 -13.45
N THR A 251 -25.62 0.10 -12.82
CA THR A 251 -24.96 0.69 -11.66
C THR A 251 -24.17 1.98 -11.96
N THR A 252 -23.41 1.99 -13.07
CA THR A 252 -22.54 3.12 -13.35
C THR A 252 -23.27 4.11 -14.29
N LEU A 253 -23.82 3.63 -15.40
CA LEU A 253 -24.44 4.51 -16.37
C LEU A 253 -25.91 4.83 -16.08
N LYS A 254 -26.52 4.13 -15.12
CA LYS A 254 -27.91 4.37 -14.71
C LYS A 254 -28.92 4.19 -15.85
N LEU A 255 -28.61 3.29 -16.80
CA LEU A 255 -29.56 2.93 -17.83
C LEU A 255 -30.60 1.90 -17.32
N LYS A 256 -31.81 1.98 -17.87
CA LYS A 256 -32.91 1.09 -17.47
C LYS A 256 -32.93 -0.17 -18.31
N PRO A 257 -32.82 -1.34 -17.64
CA PRO A 257 -32.81 -2.63 -18.37
C PRO A 257 -34.09 -2.90 -19.14
N GLY A 258 -33.95 -3.30 -20.39
CA GLY A 258 -35.10 -3.65 -21.22
C GLY A 258 -35.57 -2.55 -22.16
N THR A 259 -35.49 -1.31 -21.71
CA THR A 259 -35.89 -0.16 -22.49
C THR A 259 -34.68 0.61 -23.01
N ASP A 260 -33.73 0.93 -22.13
CA ASP A 260 -32.51 1.65 -22.52
C ASP A 260 -31.42 0.73 -23.10
N PHE A 261 -31.50 -0.55 -22.76
CA PHE A 261 -30.70 -1.57 -23.40
C PHE A 261 -31.40 -2.90 -23.25
N ALA A 262 -31.05 -3.82 -24.12
CA ALA A 262 -31.58 -5.17 -24.09
C ALA A 262 -30.45 -6.19 -24.32
N TRP A 263 -30.81 -7.46 -24.27
CA TRP A 263 -29.85 -8.55 -24.25
C TRP A 263 -30.48 -9.77 -24.91
N ALA A 264 -29.64 -10.62 -25.47
CA ALA A 264 -30.06 -11.94 -25.96
C ALA A 264 -28.86 -12.86 -25.83
N PRO A 265 -29.11 -14.17 -25.84
CA PRO A 265 -27.99 -15.09 -25.91
C PRO A 265 -27.15 -14.74 -27.12
N SER A 266 -25.85 -15.00 -27.05
CA SER A 266 -25.01 -14.85 -28.21
C SER A 266 -25.64 -15.65 -29.35
N PRO A 267 -25.59 -15.09 -30.58
CA PRO A 267 -26.14 -15.83 -31.72
C PRO A 267 -25.72 -17.30 -31.75
N GLY A 268 -26.71 -18.18 -31.91
CA GLY A 268 -26.50 -19.61 -32.07
C GLY A 268 -26.33 -20.36 -30.76
N THR A 269 -26.61 -19.72 -29.64
CA THR A 269 -26.32 -20.34 -28.34
C THR A 269 -27.52 -20.31 -27.44
N GLN A 270 -28.67 -19.95 -28.01
CA GLN A 270 -29.91 -19.84 -27.25
C GLN A 270 -30.18 -21.19 -26.57
N GLY A 271 -30.50 -21.15 -25.28
CA GLY A 271 -30.75 -22.36 -24.51
C GLY A 271 -29.54 -22.92 -23.78
N VAL A 272 -28.36 -22.33 -24.02
CA VAL A 272 -27.12 -22.72 -23.37
C VAL A 272 -26.63 -21.51 -22.56
N PHE A 273 -26.25 -21.75 -21.32
CA PHE A 273 -25.75 -20.70 -20.43
C PHE A 273 -24.28 -21.06 -20.23
N MET A 274 -23.39 -20.25 -20.80
CA MET A 274 -21.97 -20.44 -20.63
C MET A 274 -21.58 -19.71 -19.37
N MET A 275 -21.26 -20.46 -18.32
CA MET A 275 -21.14 -19.83 -17.01
C MET A 275 -19.70 -19.66 -16.64
N LEU A 276 -19.51 -18.80 -15.64
CA LEU A 276 -18.29 -18.70 -14.86
C LEU A 276 -18.69 -18.25 -13.46
N SER A 277 -17.76 -18.34 -12.52
CA SER A 277 -18.05 -18.00 -11.13
C SER A 277 -16.82 -17.39 -10.47
N ASP A 278 -17.01 -16.20 -9.91
CA ASP A 278 -16.04 -15.58 -9.04
C ASP A 278 -16.14 -16.19 -7.64
N SER A 279 -15.00 -16.56 -7.07
CA SER A 279 -14.96 -17.24 -5.80
C SER A 279 -13.74 -16.76 -5.02
N PHE A 280 -13.75 -17.04 -3.72
CA PHE A 280 -12.67 -16.70 -2.83
C PHE A 280 -12.26 -17.93 -2.01
N GLY A 281 -10.96 -18.12 -1.87
CA GLY A 281 -10.41 -19.17 -1.04
C GLY A 281 -9.60 -18.67 0.15
N LEU A 282 -8.90 -19.61 0.78
CA LEU A 282 -8.06 -19.33 1.92
C LEU A 282 -6.63 -19.83 1.66
N PRO A 283 -5.74 -18.91 1.22
CA PRO A 283 -4.32 -19.20 1.03
C PRO A 283 -3.64 -19.69 2.30
N LYS A 284 -2.77 -20.69 2.19
CA LYS A 284 -1.91 -21.07 3.31
C LYS A 284 -0.95 -19.91 3.54
N GLY A 285 -0.69 -19.63 4.82
CA GLY A 285 0.21 -18.56 5.18
C GLY A 285 -0.44 -17.20 5.22
N ALA A 286 -1.76 -17.14 4.99
CA ALA A 286 -2.47 -15.88 5.14
C ALA A 286 -2.13 -15.24 6.49
N LYS A 287 -1.70 -13.98 6.47
CA LYS A 287 -1.35 -13.27 7.69
C LYS A 287 -2.57 -13.08 8.60
N ASN A 288 -3.76 -12.99 8.04
CA ASN A 288 -4.97 -12.72 8.82
C ASN A 288 -6.02 -13.79 8.58
N ARG A 289 -5.71 -15.00 9.03
CA ARG A 289 -6.49 -16.17 8.71
C ARG A 289 -7.93 -16.11 9.17
N GLN A 290 -8.19 -15.66 10.40
CA GLN A 290 -9.56 -15.67 10.90
C GLN A 290 -10.41 -14.62 10.23
N ASN A 291 -9.83 -13.45 10.04
CA ASN A 291 -10.54 -12.37 9.37
C ASN A 291 -10.93 -12.81 7.94
N ALA A 292 -10.06 -13.60 7.29
CA ALA A 292 -10.33 -14.09 5.93
C ALA A 292 -11.46 -15.08 5.98
N ILE A 293 -11.40 -15.99 6.95
CA ILE A 293 -12.48 -16.97 7.11
C ILE A 293 -13.83 -16.28 7.28
N ASN A 294 -13.86 -15.22 8.07
CA ASN A 294 -15.07 -14.42 8.23
C ASN A 294 -15.51 -13.76 6.94
N TRP A 295 -14.55 -13.38 6.10
CA TRP A 295 -14.89 -12.86 4.77
C TRP A 295 -15.55 -13.97 3.95
N LEU A 296 -14.99 -15.18 3.99
CA LEU A 296 -15.58 -16.33 3.27
C LEU A 296 -17.03 -16.61 3.69
N ARG A 297 -17.28 -16.52 5.00
CA ARG A 297 -18.62 -16.70 5.52
C ARG A 297 -19.60 -15.66 4.97
N LEU A 298 -19.14 -14.41 4.86
CA LEU A 298 -19.99 -13.35 4.30
C LEU A 298 -20.26 -13.56 2.81
N VAL A 299 -19.20 -13.81 2.02
CA VAL A 299 -19.37 -13.99 0.56
C VAL A 299 -20.20 -15.22 0.20
N GLY A 300 -20.15 -16.26 1.05
CA GLY A 300 -21.01 -17.44 0.91
C GLY A 300 -22.47 -17.30 1.35
N SER A 301 -22.81 -16.15 1.95
CA SER A 301 -24.12 -15.94 2.58
C SER A 301 -25.12 -15.25 1.68
N LYS A 302 -26.39 -15.42 1.98
CA LYS A 302 -27.46 -14.84 1.17
C LYS A 302 -27.50 -13.31 1.29
N GLU A 303 -27.23 -12.81 2.49
CA GLU A 303 -27.13 -11.37 2.76
C GLU A 303 -26.04 -10.71 1.90
N GLY A 304 -24.86 -11.33 1.91
CA GLY A 304 -23.72 -10.86 1.11
C GLY A 304 -24.00 -10.89 -0.39
N GLN A 305 -24.44 -12.04 -0.89
CA GLN A 305 -24.63 -12.25 -2.32
C GLN A 305 -25.79 -11.46 -2.90
N ASP A 306 -26.84 -11.27 -2.10
CA ASP A 306 -27.97 -10.46 -2.57
C ASP A 306 -27.81 -8.96 -2.35
N THR A 307 -26.78 -8.56 -1.63
CA THR A 307 -26.38 -7.16 -1.61
C THR A 307 -25.49 -6.84 -2.81
N SER A 308 -24.48 -7.66 -3.02
CA SER A 308 -23.45 -7.41 -4.02
C SER A 308 -23.87 -7.64 -5.46
N ASN A 309 -24.52 -8.76 -5.74
CA ASN A 309 -24.75 -9.14 -7.14
C ASN A 309 -25.68 -8.28 -7.95
N PRO A 310 -26.77 -7.74 -7.33
CA PRO A 310 -27.60 -6.78 -8.09
C PRO A 310 -26.82 -5.59 -8.67
N LEU A 311 -25.78 -5.14 -7.96
CA LEU A 311 -24.90 -4.06 -8.42
C LEU A 311 -23.96 -4.53 -9.54
N LYS A 312 -23.51 -5.77 -9.42
CA LYS A 312 -22.53 -6.39 -10.33
C LYS A 312 -23.05 -6.78 -11.73
N GLY A 313 -24.29 -7.20 -11.83
CA GLY A 313 -24.86 -7.79 -13.05
C GLY A 313 -24.79 -9.32 -13.13
N SER A 314 -24.01 -9.92 -12.26
CA SER A 314 -24.02 -11.38 -12.07
C SER A 314 -25.26 -11.74 -11.26
N ILE A 315 -25.55 -13.03 -11.16
CA ILE A 315 -26.58 -13.51 -10.23
C ILE A 315 -25.87 -14.20 -9.05
N ALA A 316 -26.61 -14.45 -7.96
CA ALA A 316 -26.06 -15.20 -6.85
C ALA A 316 -25.75 -16.64 -7.22
N ALA A 317 -24.71 -17.21 -6.63
CA ALA A 317 -24.47 -18.65 -6.69
C ALA A 317 -25.46 -19.43 -5.76
N ARG A 318 -25.80 -18.85 -4.61
CA ARG A 318 -26.73 -19.48 -3.65
C ARG A 318 -28.09 -19.78 -4.25
N LEU A 319 -28.59 -21.00 -4.00
CA LEU A 319 -29.89 -21.39 -4.52
C LEU A 319 -31.03 -20.60 -3.88
N ASP A 320 -30.82 -20.06 -2.68
CA ASP A 320 -31.92 -19.38 -1.95
C ASP A 320 -31.99 -17.87 -2.22
N SER A 321 -31.32 -17.41 -3.28
CA SER A 321 -31.27 -15.98 -3.61
C SER A 321 -32.67 -15.42 -3.87
N ASP A 322 -32.92 -14.20 -3.42
CA ASP A 322 -34.23 -13.58 -3.54
C ASP A 322 -34.28 -12.77 -4.84
N PRO A 323 -35.09 -13.21 -5.83
CA PRO A 323 -35.15 -12.55 -7.12
C PRO A 323 -35.66 -11.12 -7.08
N SER A 324 -36.40 -10.76 -6.01
CA SER A 324 -37.02 -9.43 -5.92
C SER A 324 -35.94 -8.37 -5.74
N LYS A 325 -34.75 -8.81 -5.34
CA LYS A 325 -33.60 -7.94 -5.17
C LYS A 325 -32.86 -7.63 -6.47
N TYR A 326 -33.31 -8.22 -7.56
CA TYR A 326 -32.63 -8.13 -8.85
C TYR A 326 -33.52 -7.38 -9.79
N ASN A 327 -32.91 -6.65 -10.71
CA ASN A 327 -33.62 -5.98 -11.77
C ASN A 327 -34.00 -6.96 -12.88
N ALA A 328 -34.58 -6.43 -13.95
CA ALA A 328 -35.03 -7.20 -15.08
C ALA A 328 -33.94 -8.05 -15.77
N TYR A 329 -32.70 -7.55 -15.84
CA TYR A 329 -31.63 -8.39 -16.37
C TYR A 329 -31.38 -9.56 -15.42
N GLY A 330 -31.14 -9.24 -14.14
CA GLY A 330 -30.84 -10.26 -13.12
C GLY A 330 -31.86 -11.37 -13.09
N GLN A 331 -33.14 -10.99 -13.12
CA GLN A 331 -34.25 -11.95 -13.09
C GLN A 331 -34.32 -12.84 -14.36
N SER A 332 -33.97 -12.27 -15.51
CA SER A 332 -33.85 -13.02 -16.77
C SER A 332 -32.72 -14.06 -16.70
N ALA A 333 -31.55 -13.63 -16.23
CA ALA A 333 -30.41 -14.53 -16.08
C ALA A 333 -30.70 -15.61 -15.04
N MET A 334 -31.42 -15.23 -13.98
CA MET A 334 -31.79 -16.21 -12.95
C MET A 334 -32.64 -17.31 -13.59
N ARG A 335 -33.59 -16.92 -14.40
CA ARG A 335 -34.48 -17.87 -15.08
C ARG A 335 -33.68 -18.84 -15.95
N ASP A 336 -32.85 -18.27 -16.84
CA ASP A 336 -32.00 -19.06 -17.75
C ASP A 336 -31.03 -19.97 -17.05
N TRP A 337 -30.48 -19.52 -15.92
CA TRP A 337 -29.61 -20.36 -15.09
C TRP A 337 -30.27 -21.68 -14.69
N ARG A 338 -31.54 -21.62 -14.32
CA ARG A 338 -32.28 -22.81 -13.86
C ARG A 338 -32.80 -23.70 -14.99
N SER A 339 -32.97 -23.15 -16.18
CA SER A 339 -33.60 -23.86 -17.30
C SER A 339 -32.66 -24.33 -18.41
N ASN A 340 -31.53 -23.66 -18.58
CA ASN A 340 -30.66 -23.91 -19.73
C ASN A 340 -29.70 -25.08 -19.52
N ARG A 341 -29.19 -25.62 -20.63
CA ARG A 341 -27.99 -26.42 -20.62
C ARG A 341 -26.84 -25.52 -20.14
N ILE A 342 -26.01 -26.03 -19.24
CA ILE A 342 -24.92 -25.24 -18.66
C ILE A 342 -23.61 -25.77 -19.22
N VAL A 343 -22.78 -24.87 -19.73
CA VAL A 343 -21.37 -25.20 -20.06
C VAL A 343 -20.50 -24.14 -19.41
N GLY A 344 -19.20 -24.34 -19.38
CA GLY A 344 -18.31 -23.39 -18.76
C GLY A 344 -17.50 -22.58 -19.75
N SER A 345 -17.06 -21.43 -19.28
CA SER A 345 -16.24 -20.51 -20.06
C SER A 345 -14.79 -20.96 -20.06
N LEU A 346 -14.12 -20.74 -21.19
CA LEU A 346 -12.69 -20.85 -21.29
C LEU A 346 -12.01 -19.59 -20.76
N VAL A 347 -12.46 -18.44 -21.25
CA VAL A 347 -11.76 -17.20 -20.99
C VAL A 347 -11.84 -16.83 -19.51
N HIS A 348 -12.88 -17.32 -18.86
CA HIS A 348 -13.12 -17.02 -17.44
C HIS A 348 -13.01 -18.26 -16.53
N GLY A 349 -12.15 -19.19 -16.94
CA GLY A 349 -11.50 -20.13 -16.02
C GLY A 349 -12.21 -21.41 -15.63
N ALA A 350 -13.38 -21.68 -16.20
CA ALA A 350 -14.12 -22.85 -15.77
C ALA A 350 -13.52 -24.16 -16.36
N VAL A 351 -13.14 -24.14 -17.64
CA VAL A 351 -12.94 -25.40 -18.38
C VAL A 351 -11.49 -25.81 -18.68
N ALA A 352 -10.56 -24.86 -18.61
CA ALA A 352 -9.16 -25.12 -18.93
C ALA A 352 -8.22 -24.49 -17.92
N PRO A 353 -7.05 -25.12 -17.70
CA PRO A 353 -6.08 -24.53 -16.79
C PRO A 353 -5.44 -23.23 -17.29
N GLU A 354 -4.89 -22.46 -16.38
CA GLU A 354 -4.22 -21.21 -16.71
C GLU A 354 -3.07 -21.42 -17.71
N SER A 355 -2.45 -22.59 -17.65
CA SER A 355 -1.39 -22.96 -18.62
C SER A 355 -1.85 -22.81 -20.06
N PHE A 356 -3.06 -23.31 -20.32
CA PHE A 356 -3.71 -23.15 -21.61
C PHE A 356 -4.32 -21.73 -21.78
N MET A 357 -5.11 -21.27 -20.82
CA MET A 357 -5.74 -19.95 -20.91
C MET A 357 -4.74 -18.86 -21.24
N SER A 358 -3.60 -18.88 -20.56
CA SER A 358 -2.62 -17.82 -20.70
C SER A 358 -1.99 -17.79 -22.10
N GLN A 359 -1.99 -18.92 -22.78
CA GLN A 359 -1.38 -19.03 -24.11
C GLN A 359 -2.39 -18.83 -25.25
N PHE A 360 -3.67 -18.92 -24.91
CA PHE A 360 -4.73 -18.67 -25.89
C PHE A 360 -4.74 -17.26 -26.45
N GLY A 361 -4.32 -16.29 -25.64
CA GLY A 361 -4.15 -14.93 -26.14
C GLY A 361 -3.15 -14.83 -27.29
N THR A 362 -2.11 -15.66 -27.22
CA THR A 362 -1.09 -15.75 -28.29
C THR A 362 -1.66 -16.34 -29.55
N VAL A 363 -2.44 -17.39 -29.37
CA VAL A 363 -3.21 -17.96 -30.45
C VAL A 363 -4.10 -16.91 -31.11
N MET A 364 -4.83 -16.15 -30.29
CA MET A 364 -5.69 -15.14 -30.82
C MET A 364 -4.87 -14.06 -31.56
N GLU A 365 -3.75 -13.62 -30.99
CA GLU A 365 -2.85 -12.68 -31.68
C GLU A 365 -2.47 -13.13 -33.08
N ILE A 366 -2.16 -14.41 -33.23
CA ILE A 366 -1.76 -14.93 -34.52
C ILE A 366 -2.94 -15.07 -35.47
N PHE A 367 -4.13 -15.38 -34.98
CA PHE A 367 -5.28 -15.34 -35.86
C PHE A 367 -5.51 -13.90 -36.37
N LEU A 368 -5.35 -12.91 -35.50
CA LEU A 368 -5.57 -11.52 -35.89
C LEU A 368 -4.61 -11.11 -37.01
N GLN A 369 -3.37 -11.60 -36.95
CA GLN A 369 -2.39 -11.25 -37.97
C GLN A 369 -2.52 -12.11 -39.23
N THR A 370 -2.67 -13.43 -39.09
CA THR A 370 -2.81 -14.30 -40.26
C THR A 370 -4.21 -14.36 -40.85
N ARG A 371 -5.24 -14.27 -40.01
CA ARG A 371 -6.63 -14.58 -40.39
C ARG A 371 -6.75 -15.95 -41.04
N ASN A 372 -5.87 -16.87 -40.65
CA ASN A 372 -5.87 -18.24 -41.18
C ASN A 372 -6.48 -19.19 -40.15
N PRO A 373 -7.70 -19.69 -40.40
CA PRO A 373 -8.28 -20.61 -39.44
C PRO A 373 -7.43 -21.86 -39.13
N GLN A 374 -6.72 -22.41 -40.13
CA GLN A 374 -6.03 -23.67 -39.90
C GLN A 374 -4.83 -23.45 -39.00
N ALA A 375 -4.13 -22.36 -39.22
CA ALA A 375 -3.00 -21.97 -38.40
C ALA A 375 -3.38 -21.78 -36.94
N ALA A 376 -4.52 -21.14 -36.69
CA ALA A 376 -4.99 -20.87 -35.32
C ALA A 376 -5.40 -22.17 -34.64
N ALA A 377 -6.13 -22.99 -35.38
CA ALA A 377 -6.51 -24.31 -34.93
C ALA A 377 -5.27 -25.13 -34.57
N ASN A 378 -4.28 -25.13 -35.45
CA ASN A 378 -3.03 -25.85 -35.22
C ASN A 378 -2.30 -25.34 -33.98
N ALA A 379 -2.29 -24.02 -33.81
CA ALA A 379 -1.67 -23.39 -32.66
C ALA A 379 -2.35 -23.77 -31.33
N ALA A 380 -3.66 -23.82 -31.32
CA ALA A 380 -4.41 -24.18 -30.11
C ALA A 380 -4.10 -25.60 -29.77
N GLN A 381 -4.04 -26.46 -30.80
CA GLN A 381 -3.70 -27.87 -30.57
C GLN A 381 -2.28 -28.10 -30.04
N ALA A 382 -1.32 -27.32 -30.53
CA ALA A 382 0.06 -27.47 -30.08
C ALA A 382 0.12 -27.11 -28.58
N ILE A 383 -0.62 -26.08 -28.21
CA ILE A 383 -0.64 -25.61 -26.83
C ILE A 383 -1.27 -26.67 -25.93
N ALA A 384 -2.39 -27.23 -26.38
CA ALA A 384 -3.09 -28.26 -25.64
C ALA A 384 -2.18 -29.48 -25.42
N ASP A 385 -1.49 -29.89 -26.48
CA ASP A 385 -0.48 -30.94 -26.42
C ASP A 385 0.64 -30.61 -25.42
N GLN A 386 1.14 -29.38 -25.46
CA GLN A 386 2.26 -29.00 -24.61
C GLN A 386 1.90 -28.96 -23.13
N VAL A 387 0.66 -28.54 -22.83
CA VAL A 387 0.20 -28.49 -21.44
C VAL A 387 -0.46 -29.79 -20.97
N GLY A 388 -0.69 -30.72 -21.89
CA GLY A 388 -1.38 -31.95 -21.53
C GLY A 388 -2.85 -31.72 -21.19
N LEU A 389 -3.50 -30.88 -21.99
CA LEU A 389 -4.91 -30.54 -21.79
C LEU A 389 -5.74 -31.79 -21.54
N GLY A 390 -6.39 -31.87 -20.38
CA GLY A 390 -7.16 -33.06 -20.00
C GLY A 390 -6.58 -33.89 -18.85
N ARG A 391 -5.31 -33.68 -18.54
CA ARG A 391 -4.65 -34.46 -17.49
C ARG A 391 -5.20 -34.18 -16.08
N LEU A 392 -5.56 -32.94 -15.80
CA LEU A 392 -6.30 -32.64 -14.58
C LEU A 392 -7.77 -32.91 -14.90
N MET B 1 -16.97 6.14 -20.31
CA MET B 1 -17.61 7.37 -20.90
C MET B 1 -16.86 8.62 -20.49
N LYS B 2 -16.68 9.51 -21.47
CA LYS B 2 -16.05 10.78 -21.22
C LYS B 2 -16.76 11.94 -21.93
N LEU B 3 -16.45 13.13 -21.48
CA LEU B 3 -16.87 14.37 -22.14
C LEU B 3 -15.78 15.39 -21.90
N GLU B 4 -15.24 15.96 -22.97
CA GLU B 4 -14.27 17.02 -22.88
C GLU B 4 -14.91 18.37 -23.26
N ILE B 5 -14.98 19.25 -22.28
CA ILE B 5 -15.51 20.60 -22.42
C ILE B 5 -14.34 21.59 -22.45
N PHE B 6 -14.33 22.43 -23.48
CA PHE B 6 -13.25 23.39 -23.75
C PHE B 6 -13.80 24.84 -23.55
N SER B 7 -13.08 25.62 -22.74
CA SER B 7 -13.46 26.99 -22.41
C SER B 7 -12.25 27.79 -21.94
N TRP B 8 -12.47 29.08 -21.70
CA TRP B 8 -11.49 29.85 -20.93
C TRP B 8 -11.91 30.17 -19.51
N TRP B 9 -12.86 29.39 -18.98
CA TRP B 9 -13.35 29.66 -17.66
C TRP B 9 -12.47 29.02 -16.57
N ALA B 10 -11.21 29.46 -16.54
CA ALA B 10 -10.22 29.00 -15.60
C ALA B 10 -10.25 29.78 -14.30
N GLY B 11 -9.72 29.18 -13.24
CA GLY B 11 -9.54 29.90 -11.97
C GLY B 11 -10.82 30.54 -11.46
N ASP B 12 -10.74 31.82 -11.10
CA ASP B 12 -11.91 32.50 -10.52
C ASP B 12 -13.08 32.69 -11.51
N GLU B 13 -12.85 32.41 -12.80
CA GLU B 13 -13.94 32.35 -13.77
C GLU B 13 -14.67 31.00 -13.79
N GLY B 14 -14.11 29.98 -13.11
CA GLY B 14 -14.69 28.64 -13.07
C GLY B 14 -15.97 28.30 -12.27
N PRO B 15 -16.24 28.98 -11.16
CA PRO B 15 -17.38 28.53 -10.32
C PRO B 15 -18.70 28.21 -11.07
N ALA B 16 -19.09 29.10 -11.95
CA ALA B 16 -20.27 28.90 -12.76
C ALA B 16 -20.21 27.60 -13.59
N LEU B 17 -19.16 27.43 -14.39
CA LEU B 17 -18.95 26.20 -15.16
C LEU B 17 -18.90 24.96 -14.27
N GLU B 18 -18.18 25.05 -13.15
CA GLU B 18 -18.03 23.90 -12.24
C GLU B 18 -19.39 23.44 -11.66
N ALA B 19 -20.26 24.41 -11.37
CA ALA B 19 -21.64 24.15 -10.94
C ALA B 19 -22.47 23.46 -12.01
N LEU B 20 -22.30 23.88 -13.26
CA LEU B 20 -22.96 23.21 -14.38
C LEU B 20 -22.44 21.80 -14.55
N ILE B 21 -21.12 21.62 -14.44
CA ILE B 21 -20.51 20.30 -14.56
C ILE B 21 -21.02 19.35 -13.46
N ARG B 22 -21.14 19.84 -12.23
CA ARG B 22 -21.71 19.05 -11.14
C ARG B 22 -23.16 18.64 -11.45
N LEU B 23 -23.93 19.53 -12.05
CA LEU B 23 -25.29 19.20 -12.44
C LEU B 23 -25.31 18.16 -13.55
N TYR B 24 -24.43 18.33 -14.53
CA TYR B 24 -24.30 17.33 -15.59
C TYR B 24 -24.01 15.95 -14.98
N LYS B 25 -23.06 15.87 -14.06
CA LYS B 25 -22.72 14.56 -13.45
C LYS B 25 -23.85 13.97 -12.60
N GLN B 26 -24.69 14.80 -11.96
CA GLN B 26 -25.92 14.29 -11.32
C GLN B 26 -26.87 13.67 -12.35
N LYS B 27 -27.06 14.34 -13.48
CA LYS B 27 -27.97 13.87 -14.50
C LYS B 27 -27.40 12.72 -15.35
N TYR B 28 -26.08 12.65 -15.46
CA TYR B 28 -25.40 11.66 -16.32
C TYR B 28 -24.23 11.09 -15.55
N PRO B 29 -24.54 10.19 -14.60
CA PRO B 29 -23.48 9.62 -13.81
C PRO B 29 -22.67 8.67 -14.71
N GLY B 30 -21.44 8.41 -14.30
CA GLY B 30 -20.60 7.48 -15.05
C GLY B 30 -19.94 8.09 -16.28
N VAL B 31 -20.09 9.40 -16.44
CA VAL B 31 -19.39 10.10 -17.52
C VAL B 31 -18.29 10.93 -16.86
N GLU B 32 -17.04 10.64 -17.22
CA GLU B 32 -15.89 11.41 -16.77
C GLU B 32 -15.87 12.76 -17.53
N VAL B 33 -15.97 13.87 -16.81
CA VAL B 33 -15.93 15.18 -17.46
C VAL B 33 -14.53 15.75 -17.35
N ILE B 34 -13.92 16.01 -18.51
CA ILE B 34 -12.63 16.66 -18.61
C ILE B 34 -12.89 18.15 -18.82
N ASN B 35 -12.52 18.95 -17.83
CA ASN B 35 -12.69 20.38 -17.86
C ASN B 35 -11.43 21.03 -18.44
N ALA B 36 -11.42 21.13 -19.76
CA ALA B 36 -10.26 21.62 -20.51
C ALA B 36 -10.31 23.14 -20.65
N THR B 37 -9.70 23.85 -19.71
CA THR B 37 -9.63 25.29 -19.79
C THR B 37 -8.28 25.74 -20.32
N VAL B 38 -8.30 26.88 -21.01
CA VAL B 38 -7.09 27.60 -21.37
C VAL B 38 -7.21 29.02 -20.80
N THR B 39 -6.36 29.30 -19.82
CA THR B 39 -6.38 30.57 -19.10
C THR B 39 -5.99 31.70 -20.05
N GLY B 40 -6.81 32.75 -20.01
CA GLY B 40 -6.59 33.93 -20.86
C GLY B 40 -7.88 34.72 -21.03
N GLY B 41 -7.91 35.95 -20.50
CA GLY B 41 -9.13 36.76 -20.50
C GLY B 41 -9.65 36.98 -21.89
N ALA B 42 -10.96 36.88 -22.05
CA ALA B 42 -11.64 37.17 -23.32
C ALA B 42 -11.29 36.13 -24.41
N GLY B 43 -10.63 35.05 -24.02
CA GLY B 43 -10.46 33.88 -24.90
C GLY B 43 -9.32 33.95 -25.86
N VAL B 44 -8.41 34.89 -25.67
CA VAL B 44 -7.32 35.08 -26.60
C VAL B 44 -6.45 33.80 -26.75
N ASN B 45 -5.99 33.26 -25.64
CA ASN B 45 -5.20 32.04 -25.68
C ASN B 45 -6.02 30.82 -26.12
N ALA B 46 -7.24 30.71 -25.60
CA ALA B 46 -8.16 29.61 -25.92
C ALA B 46 -8.40 29.48 -27.41
N ARG B 47 -8.57 30.61 -28.10
CA ARG B 47 -8.75 30.62 -29.55
C ARG B 47 -7.55 30.05 -30.26
N ALA B 48 -6.35 30.43 -29.82
CA ALA B 48 -5.12 29.95 -30.43
C ALA B 48 -4.94 28.44 -30.23
N VAL B 49 -5.23 27.95 -29.03
CA VAL B 49 -5.13 26.52 -28.75
C VAL B 49 -6.14 25.78 -29.62
N LEU B 50 -7.38 26.27 -29.63
CA LEU B 50 -8.43 25.56 -30.31
C LEU B 50 -8.15 25.48 -31.80
N LYS B 51 -7.62 26.54 -32.39
CA LYS B 51 -7.26 26.50 -33.79
C LYS B 51 -6.29 25.35 -34.11
N THR B 52 -5.27 25.22 -33.28
CA THR B 52 -4.27 24.18 -33.44
C THR B 52 -4.91 22.83 -33.30
N ARG B 53 -5.74 22.65 -32.27
CA ARG B 53 -6.51 21.40 -32.09
C ARG B 53 -7.42 21.03 -33.29
N MET B 54 -8.17 22.00 -33.78
CA MET B 54 -9.10 21.76 -34.87
C MET B 54 -8.34 21.42 -36.15
N LEU B 55 -7.26 22.14 -36.43
CA LEU B 55 -6.52 21.95 -37.66
C LEU B 55 -5.75 20.64 -37.65
N GLY B 56 -5.45 20.12 -36.46
CA GLY B 56 -4.79 18.83 -36.29
C GLY B 56 -5.73 17.66 -36.06
N GLY B 57 -7.02 17.83 -36.32
CA GLY B 57 -7.98 16.73 -36.25
C GLY B 57 -8.29 16.28 -34.85
N ASP B 58 -8.20 17.20 -33.88
CA ASP B 58 -8.38 16.85 -32.48
C ASP B 58 -9.41 17.77 -31.77
N PRO B 59 -10.65 17.86 -32.27
CA PRO B 59 -11.60 18.74 -31.61
C PRO B 59 -12.00 18.26 -30.22
N PRO B 60 -12.30 19.20 -29.30
CA PRO B 60 -12.93 18.80 -28.04
C PRO B 60 -14.35 18.34 -28.36
N ASP B 61 -15.11 17.91 -27.38
CA ASP B 61 -16.48 17.49 -27.64
C ASP B 61 -17.40 18.68 -27.77
N THR B 62 -17.03 19.77 -27.12
CA THR B 62 -17.76 21.01 -27.23
C THR B 62 -16.81 22.12 -26.78
N PHE B 63 -17.01 23.33 -27.29
CA PHE B 63 -16.18 24.46 -26.89
C PHE B 63 -17.01 25.74 -26.73
N GLN B 64 -16.65 26.51 -25.70
CA GLN B 64 -17.13 27.86 -25.52
C GLN B 64 -16.87 28.69 -26.77
N VAL B 65 -17.94 29.27 -27.30
CA VAL B 65 -17.80 30.19 -28.46
C VAL B 65 -18.89 31.28 -28.39
N HIS B 66 -18.53 32.48 -28.81
CA HIS B 66 -19.45 33.61 -28.85
C HIS B 66 -20.46 33.52 -29.97
N ALA B 67 -21.73 33.68 -29.60
CA ALA B 67 -22.81 33.88 -30.57
C ALA B 67 -22.51 35.08 -31.48
N GLY B 68 -22.83 34.95 -32.77
CA GLY B 68 -22.72 36.01 -33.73
C GLY B 68 -21.62 35.77 -34.75
N MET B 69 -20.96 36.85 -35.18
CA MET B 69 -19.99 36.77 -36.27
C MET B 69 -18.76 35.92 -35.99
N GLU B 70 -18.36 35.83 -34.72
CA GLU B 70 -17.25 34.96 -34.35
C GLU B 70 -17.59 33.50 -34.65
N LEU B 71 -18.72 33.03 -34.13
CA LEU B 71 -19.19 31.70 -34.41
C LEU B 71 -19.27 31.42 -35.92
N ILE B 72 -20.06 32.23 -36.61
CA ILE B 72 -20.42 31.96 -38.02
C ILE B 72 -19.22 32.08 -38.95
N GLY B 73 -18.49 33.18 -38.79
CA GLY B 73 -17.35 33.52 -39.65
C GLY B 73 -16.13 32.61 -39.53
N THR B 74 -15.93 32.01 -38.36
CA THR B 74 -14.79 31.12 -38.18
C THR B 74 -15.21 29.65 -38.35
N TRP B 75 -16.15 29.16 -37.53
CA TRP B 75 -16.36 27.72 -37.43
C TRP B 75 -17.36 27.16 -38.40
N VAL B 76 -18.41 27.93 -38.63
CA VAL B 76 -19.51 27.46 -39.40
C VAL B 76 -19.16 27.53 -40.89
N VAL B 77 -18.61 28.65 -41.32
CA VAL B 77 -18.19 28.82 -42.71
C VAL B 77 -17.13 27.79 -43.08
N ALA B 78 -16.29 27.42 -42.11
CA ALA B 78 -15.26 26.41 -42.30
C ALA B 78 -15.81 24.97 -42.37
N ASN B 79 -17.12 24.81 -42.24
CA ASN B 79 -17.78 23.49 -42.34
C ASN B 79 -17.35 22.55 -41.22
N ARG B 80 -17.00 23.11 -40.06
CA ARG B 80 -16.44 22.34 -38.93
C ARG B 80 -17.46 22.04 -37.83
N MET B 81 -18.67 22.57 -37.96
CA MET B 81 -19.72 22.42 -36.95
C MET B 81 -20.91 21.61 -37.46
N GLU B 82 -21.57 20.91 -36.54
CA GLU B 82 -22.87 20.28 -36.81
C GLU B 82 -24.02 21.26 -36.66
N ASP B 83 -24.99 21.13 -37.56
CA ASP B 83 -26.24 21.87 -37.49
C ASP B 83 -27.11 21.31 -36.35
N LEU B 84 -27.55 22.19 -35.45
CA LEU B 84 -28.33 21.81 -34.27
C LEU B 84 -29.82 22.15 -34.42
N SER B 85 -30.26 22.45 -35.65
CA SER B 85 -31.67 22.75 -35.92
C SER B 85 -32.64 21.75 -35.27
N ALA B 86 -32.40 20.46 -35.50
CA ALA B 86 -33.25 19.39 -34.96
C ALA B 86 -33.22 19.36 -33.43
N LEU B 87 -32.04 19.50 -32.84
CA LEU B 87 -31.93 19.65 -31.39
C LEU B 87 -32.80 20.80 -30.87
N PHE B 88 -32.72 21.97 -31.50
CA PHE B 88 -33.51 23.13 -31.04
C PHE B 88 -35.02 22.86 -31.05
N ARG B 89 -35.49 22.19 -32.09
CA ARG B 89 -36.92 21.91 -32.25
C ARG B 89 -37.38 20.86 -31.25
N GLN B 90 -36.57 19.80 -31.09
CA GLN B 90 -36.81 18.78 -30.08
C GLN B 90 -36.90 19.33 -28.68
N GLU B 91 -36.08 20.34 -28.37
CA GLU B 91 -36.05 20.93 -27.02
C GLU B 91 -36.99 22.10 -26.85
N GLY B 92 -37.71 22.47 -27.89
CA GLY B 92 -38.61 23.61 -27.83
C GLY B 92 -37.87 24.93 -27.69
N TRP B 93 -36.66 24.99 -28.22
CA TRP B 93 -35.79 26.15 -27.96
C TRP B 93 -36.09 27.33 -28.89
N LEU B 94 -36.85 27.09 -29.96
CA LEU B 94 -37.25 28.20 -30.82
C LEU B 94 -38.22 29.13 -30.08
N GLN B 95 -38.91 28.62 -29.08
CA GLN B 95 -39.76 29.47 -28.22
C GLN B 95 -39.06 29.94 -26.95
N ALA B 96 -38.00 29.25 -26.55
CA ALA B 96 -37.32 29.50 -25.27
C ALA B 96 -36.30 30.65 -25.31
N PHE B 97 -35.83 30.99 -26.50
CA PHE B 97 -34.87 32.08 -26.69
C PHE B 97 -35.43 33.23 -27.51
N PRO B 98 -34.97 34.47 -27.20
CA PRO B 98 -35.35 35.60 -28.06
C PRO B 98 -34.90 35.42 -29.51
N LYS B 99 -35.75 35.86 -30.44
CA LYS B 99 -35.48 35.77 -31.87
C LYS B 99 -34.16 36.42 -32.27
N GLY B 100 -33.85 37.56 -31.66
CA GLY B 100 -32.58 38.26 -31.92
C GLY B 100 -31.36 37.40 -31.61
N LEU B 101 -31.47 36.58 -30.58
CA LEU B 101 -30.36 35.70 -30.19
C LEU B 101 -30.28 34.51 -31.16
N ILE B 102 -31.43 33.94 -31.47
CA ILE B 102 -31.50 32.88 -32.49
C ILE B 102 -30.85 33.34 -33.80
N ASP B 103 -31.16 34.56 -34.22
CA ASP B 103 -30.55 35.15 -35.42
C ASP B 103 -29.02 35.16 -35.37
N LEU B 104 -28.44 35.48 -34.20
CA LEU B 104 -26.99 35.52 -34.06
C LEU B 104 -26.34 34.15 -34.21
N ILE B 105 -27.08 33.09 -33.95
CA ILE B 105 -26.51 31.75 -33.98
C ILE B 105 -26.96 30.98 -35.22
N SER B 106 -27.69 31.66 -36.12
CA SER B 106 -28.24 31.04 -37.32
C SER B 106 -27.52 31.50 -38.56
N TYR B 107 -27.50 30.62 -39.55
CA TYR B 107 -26.80 30.87 -40.79
C TYR B 107 -27.11 29.78 -41.83
N LYS B 108 -27.43 30.23 -43.05
CA LYS B 108 -27.76 29.36 -44.19
C LYS B 108 -28.69 28.23 -43.80
N GLY B 109 -29.73 28.58 -43.04
CA GLY B 109 -30.75 27.62 -42.65
C GLY B 109 -30.42 26.73 -41.48
N GLY B 110 -29.20 26.86 -40.94
CA GLY B 110 -28.73 26.08 -39.81
C GLY B 110 -28.73 26.91 -38.54
N ILE B 111 -28.75 26.24 -37.40
CA ILE B 111 -28.55 26.85 -36.09
C ILE B 111 -27.35 26.13 -35.46
N TRP B 112 -26.38 26.89 -35.00
CA TRP B 112 -25.04 26.37 -34.91
C TRP B 112 -24.44 26.28 -33.51
N SER B 113 -25.13 26.80 -32.50
CA SER B 113 -24.66 26.67 -31.12
C SER B 113 -25.80 26.91 -30.15
N VAL B 114 -25.59 26.54 -28.87
CA VAL B 114 -26.58 26.69 -27.82
C VAL B 114 -26.10 27.75 -26.82
N PRO B 115 -26.80 28.90 -26.75
CA PRO B 115 -26.44 29.99 -25.83
C PRO B 115 -26.71 29.62 -24.37
N VAL B 116 -25.77 29.93 -23.49
CA VAL B 116 -25.88 29.53 -22.12
C VAL B 116 -26.18 30.76 -21.28
N ASN B 117 -25.93 31.93 -21.85
CA ASN B 117 -26.02 33.16 -21.09
C ASN B 117 -26.17 34.38 -21.98
N ILE B 118 -26.35 35.52 -21.32
CA ILE B 118 -26.15 36.84 -21.89
C ILE B 118 -25.30 37.64 -20.92
N HIS B 119 -24.20 38.19 -21.41
CA HIS B 119 -23.42 39.16 -20.69
C HIS B 119 -23.62 40.53 -21.34
N ARG B 120 -23.33 41.56 -20.55
CA ARG B 120 -23.37 42.91 -20.97
C ARG B 120 -21.98 43.49 -20.92
N SER B 121 -21.54 44.10 -22.03
CA SER B 121 -20.22 44.70 -22.16
C SER B 121 -20.16 46.06 -21.46
N ASN B 122 -21.15 46.91 -21.74
CA ASN B 122 -21.13 48.33 -21.32
C ASN B 122 -21.58 48.61 -19.87
N VAL B 123 -20.78 48.18 -18.91
CA VAL B 123 -21.11 48.42 -17.50
C VAL B 123 -19.94 49.10 -16.79
N MET B 124 -20.29 50.09 -15.97
CA MET B 124 -19.35 50.84 -15.15
C MET B 124 -19.50 50.41 -13.68
N TRP B 125 -18.38 50.04 -13.07
CA TRP B 125 -18.35 49.55 -11.71
C TRP B 125 -17.70 50.59 -10.81
N TYR B 126 -18.26 50.74 -9.62
CA TYR B 126 -17.77 51.69 -8.62
C TYR B 126 -18.20 51.26 -7.23
N LEU B 127 -17.58 51.87 -6.22
CA LEU B 127 -17.93 51.63 -4.81
C LEU B 127 -18.69 52.86 -4.29
N PRO B 128 -20.01 52.73 -4.06
CA PRO B 128 -20.87 53.85 -3.62
C PRO B 128 -20.29 54.64 -2.44
N ALA B 129 -19.68 53.91 -1.51
CA ALA B 129 -19.09 54.49 -0.30
C ALA B 129 -17.82 55.27 -0.58
N LYS B 130 -17.08 54.89 -1.61
CA LYS B 130 -15.90 55.65 -2.03
C LYS B 130 -16.32 56.93 -2.72
N LEU B 131 -17.25 56.85 -3.66
CA LEU B 131 -17.78 58.05 -4.33
C LEU B 131 -18.39 59.05 -3.31
N LYS B 132 -19.11 58.51 -2.34
CA LYS B 132 -19.64 59.34 -1.26
C LYS B 132 -18.52 60.03 -0.50
N GLY B 133 -17.51 59.28 -0.08
CA GLY B 133 -16.36 59.85 0.61
C GLY B 133 -15.54 60.87 -0.17
N TRP B 134 -15.53 60.76 -1.50
CA TRP B 134 -14.81 61.69 -2.36
C TRP B 134 -15.71 62.85 -2.77
N GLY B 135 -17.00 62.73 -2.49
CA GLY B 135 -17.96 63.77 -2.82
C GLY B 135 -18.40 63.82 -4.27
N VAL B 136 -18.37 62.68 -4.97
CA VAL B 136 -18.76 62.62 -6.39
C VAL B 136 -19.95 61.69 -6.67
N ASN B 137 -20.61 61.93 -7.79
CA ASN B 137 -21.62 61.03 -8.34
C ASN B 137 -21.04 60.14 -9.45
N PRO B 138 -21.66 58.97 -9.69
CA PRO B 138 -21.29 58.21 -10.89
C PRO B 138 -21.73 58.93 -12.17
N PRO B 139 -20.77 59.19 -13.08
CA PRO B 139 -21.02 59.95 -14.32
C PRO B 139 -22.00 59.28 -15.31
N ARG B 140 -22.92 60.06 -15.86
CA ARG B 140 -23.93 59.56 -16.79
C ARG B 140 -23.54 59.77 -18.25
N THR B 141 -22.53 60.61 -18.47
CA THR B 141 -22.04 60.93 -19.79
C THR B 141 -20.52 60.97 -19.72
N TRP B 142 -19.86 60.87 -20.89
CA TRP B 142 -18.40 60.95 -20.94
C TRP B 142 -17.90 62.36 -20.55
N ASP B 143 -18.65 63.40 -20.89
CA ASP B 143 -18.27 64.75 -20.45
C ASP B 143 -18.22 64.83 -18.92
N LYS B 144 -19.25 64.29 -18.27
CA LYS B 144 -19.31 64.25 -16.80
C LYS B 144 -18.25 63.33 -16.19
N PHE B 145 -17.98 62.19 -16.84
CA PHE B 145 -16.92 61.29 -16.41
C PHE B 145 -15.58 62.02 -16.34
N LEU B 146 -15.28 62.77 -17.39
CA LEU B 146 -14.00 63.46 -17.49
C LEU B 146 -13.89 64.55 -16.44
N ALA B 147 -15.00 65.24 -16.18
CA ALA B 147 -15.05 66.28 -15.13
C ALA B 147 -14.85 65.68 -13.75
N THR B 148 -15.53 64.57 -13.49
CA THR B 148 -15.38 63.89 -12.22
C THR B 148 -13.98 63.36 -12.03
N CYS B 149 -13.38 62.78 -13.08
CA CYS B 149 -12.00 62.29 -12.95
C CYS B 149 -11.01 63.43 -12.66
N GLN B 150 -11.23 64.58 -13.27
CA GLN B 150 -10.42 65.78 -12.97
C GLN B 150 -10.59 66.19 -11.49
N THR B 151 -11.84 66.24 -11.04
CA THR B 151 -12.11 66.50 -9.62
C THR B 151 -11.33 65.51 -8.74
N LEU B 152 -11.48 64.21 -9.02
CA LEU B 152 -10.83 63.19 -8.22
C LEU B 152 -9.32 63.27 -8.24
N LYS B 153 -8.74 63.55 -9.42
CA LYS B 153 -7.28 63.71 -9.54
C LYS B 153 -6.74 64.88 -8.70
N GLN B 154 -7.52 65.95 -8.66
CA GLN B 154 -7.18 67.12 -7.85
C GLN B 154 -7.26 66.83 -6.35
N LYS B 155 -8.02 65.79 -5.99
CA LYS B 155 -8.01 65.25 -4.63
C LYS B 155 -6.92 64.22 -4.41
N GLY B 156 -6.06 63.99 -5.39
CA GLY B 156 -4.97 63.02 -5.20
C GLY B 156 -5.23 61.59 -5.66
N LEU B 157 -6.38 61.30 -6.26
CA LEU B 157 -6.59 60.00 -6.94
C LEU B 157 -5.96 60.13 -8.32
N GLU B 158 -4.70 59.70 -8.40
CA GLU B 158 -3.90 59.84 -9.61
C GLU B 158 -4.52 59.16 -10.84
N ALA B 159 -5.18 58.03 -10.61
CA ALA B 159 -5.71 57.23 -11.70
C ALA B 159 -7.12 56.74 -11.39
N PRO B 160 -8.11 57.62 -11.56
CA PRO B 160 -9.54 57.35 -11.30
C PRO B 160 -10.13 56.21 -12.10
N LEU B 161 -9.57 55.94 -13.27
CA LEU B 161 -10.08 54.85 -14.09
C LEU B 161 -9.14 53.67 -13.95
N ALA B 162 -9.68 52.53 -13.53
CA ALA B 162 -8.96 51.27 -13.57
C ALA B 162 -9.04 50.71 -14.97
N LEU B 163 -7.92 50.18 -15.43
CA LEU B 163 -7.83 49.58 -16.75
C LEU B 163 -6.76 48.50 -16.74
N GLY B 164 -6.92 47.51 -17.61
CA GLY B 164 -5.93 46.42 -17.70
C GLY B 164 -5.40 46.19 -19.09
N GLU B 165 -5.18 44.91 -19.44
CA GLU B 165 -4.48 44.54 -20.67
C GLU B 165 -5.21 45.00 -21.95
N ASN B 166 -4.52 44.88 -23.09
CA ASN B 166 -5.00 45.35 -24.42
C ASN B 166 -6.48 45.11 -24.69
N TRP B 167 -6.95 43.87 -24.52
CA TRP B 167 -8.36 43.61 -24.83
C TRP B 167 -9.31 44.42 -23.90
N THR B 168 -8.90 44.70 -22.67
CA THR B 168 -9.74 45.51 -21.76
C THR B 168 -9.80 46.97 -22.23
N GLN B 169 -8.77 47.39 -22.96
CA GLN B 169 -8.70 48.72 -23.54
C GLN B 169 -9.58 48.79 -24.78
N GLN B 170 -9.58 47.73 -25.57
CA GLN B 170 -10.61 47.59 -26.63
C GLN B 170 -12.03 47.56 -26.03
N HIS B 171 -12.17 46.90 -24.88
CA HIS B 171 -13.45 46.76 -24.20
C HIS B 171 -13.96 48.16 -23.80
N LEU B 172 -13.05 48.95 -23.26
CA LEU B 172 -13.33 50.32 -22.92
C LEU B 172 -13.73 51.12 -24.17
N TRP B 173 -12.96 50.95 -25.24
CA TRP B 173 -13.22 51.61 -26.50
C TRP B 173 -14.64 51.36 -27.04
N GLU B 174 -15.15 50.12 -26.97
CA GLU B 174 -16.46 49.86 -27.54
C GLU B 174 -17.56 50.61 -26.79
N SER B 175 -17.42 50.78 -25.47
CA SER B 175 -18.34 51.64 -24.71
C SER B 175 -18.25 53.09 -25.16
N VAL B 176 -17.02 53.60 -25.34
CA VAL B 176 -16.84 54.96 -25.84
C VAL B 176 -17.46 55.13 -27.22
N ALA B 177 -17.15 54.23 -28.13
CA ALA B 177 -17.67 54.29 -29.50
C ALA B 177 -19.18 54.27 -29.51
N LEU B 178 -19.78 53.42 -28.66
CA LEU B 178 -21.24 53.34 -28.59
C LEU B 178 -21.84 54.65 -28.09
N ALA B 179 -21.20 55.27 -27.11
CA ALA B 179 -21.70 56.51 -26.55
C ALA B 179 -21.59 57.65 -27.56
N VAL B 180 -20.46 57.71 -28.26
CA VAL B 180 -20.19 58.75 -29.25
C VAL B 180 -21.04 58.58 -30.51
N LEU B 181 -21.18 57.35 -30.99
CA LEU B 181 -21.91 57.12 -32.22
C LEU B 181 -23.40 56.95 -32.05
N GLY B 182 -23.83 56.51 -30.87
CA GLY B 182 -25.18 55.99 -30.69
C GLY B 182 -25.37 54.62 -31.33
N PRO B 183 -26.43 53.90 -30.94
CA PRO B 183 -26.59 52.50 -31.37
C PRO B 183 -26.73 52.31 -32.87
N ASP B 184 -27.40 53.23 -33.59
CA ASP B 184 -27.54 53.07 -35.04
C ASP B 184 -26.21 53.15 -35.79
N ASP B 185 -25.42 54.16 -35.51
CA ASP B 185 -24.12 54.29 -36.19
C ASP B 185 -23.07 53.26 -35.72
N TRP B 186 -23.13 52.87 -34.45
CA TRP B 186 -22.40 51.68 -33.98
C TRP B 186 -22.70 50.48 -34.90
N ASN B 187 -23.98 50.15 -35.05
CA ASN B 187 -24.41 49.12 -36.00
C ASN B 187 -23.92 49.33 -37.43
N ASN B 188 -23.86 50.58 -37.87
CA ASN B 188 -23.39 50.91 -39.20
C ASN B 188 -21.89 50.71 -39.44
N LEU B 189 -21.06 50.73 -38.40
CA LEU B 189 -19.69 50.25 -38.55
C LEU B 189 -19.67 48.82 -39.09
N TRP B 190 -20.49 47.96 -38.51
CA TRP B 190 -20.37 46.51 -38.70
C TRP B 190 -21.07 46.03 -39.96
N ASN B 191 -21.99 46.83 -40.50
CA ASN B 191 -22.58 46.53 -41.82
C ASN B 191 -21.87 47.25 -42.99
N GLY B 192 -20.80 48.00 -42.69
CA GLY B 192 -20.05 48.70 -43.72
C GLY B 192 -20.60 50.05 -44.14
N LYS B 193 -21.74 50.45 -43.59
CA LYS B 193 -22.36 51.71 -43.99
C LYS B 193 -21.68 52.95 -43.43
N LEU B 194 -21.07 52.84 -42.24
CA LEU B 194 -20.24 53.89 -41.69
C LEU B 194 -18.77 53.49 -41.69
N LYS B 195 -17.93 54.33 -42.28
CA LYS B 195 -16.50 54.09 -42.30
C LYS B 195 -15.85 54.51 -40.98
N PHE B 196 -14.78 53.82 -40.57
CA PHE B 196 -14.04 54.22 -39.36
C PHE B 196 -13.35 55.57 -39.54
N THR B 197 -13.12 55.97 -40.79
CA THR B 197 -12.56 57.30 -41.09
C THR B 197 -13.62 58.44 -41.15
N ASP B 198 -14.88 58.09 -40.95
CA ASP B 198 -15.89 59.12 -40.84
C ASP B 198 -15.61 59.95 -39.61
N PRO B 199 -15.68 61.30 -39.74
CA PRO B 199 -15.44 62.17 -38.58
C PRO B 199 -16.16 61.77 -37.29
N LYS B 200 -17.36 61.22 -37.42
CA LYS B 200 -18.08 60.71 -36.28
C LYS B 200 -17.30 59.58 -35.57
N ALA B 201 -16.77 58.65 -36.33
CA ALA B 201 -16.03 57.50 -35.81
C ALA B 201 -14.59 57.89 -35.39
N VAL B 202 -14.02 58.92 -36.01
CA VAL B 202 -12.73 59.47 -35.58
C VAL B 202 -12.89 60.11 -34.19
N ARG B 203 -14.02 60.77 -33.99
CA ARG B 203 -14.34 61.38 -32.71
C ARG B 203 -14.35 60.35 -31.56
N ALA B 204 -14.79 59.13 -31.84
CA ALA B 204 -14.77 58.08 -30.84
C ALA B 204 -13.35 57.89 -30.24
N TRP B 205 -12.33 57.91 -31.09
CA TRP B 205 -10.91 57.84 -30.66
C TRP B 205 -10.47 59.07 -29.87
N GLU B 206 -10.96 60.23 -30.28
CA GLU B 206 -10.65 61.46 -29.57
C GLU B 206 -11.19 61.43 -28.11
N VAL B 207 -12.44 61.02 -27.93
CA VAL B 207 -13.00 60.90 -26.59
C VAL B 207 -12.24 59.83 -25.80
N PHE B 208 -12.06 58.68 -26.45
CA PHE B 208 -11.32 57.58 -25.89
C PHE B 208 -9.96 57.99 -25.32
N GLY B 209 -9.19 58.80 -26.06
CA GLY B 209 -7.88 59.24 -25.60
C GLY B 209 -7.94 60.06 -24.33
N ARG B 210 -8.97 60.90 -24.22
CA ARG B 210 -9.18 61.68 -23.02
C ARG B 210 -9.48 60.78 -21.84
N VAL B 211 -10.35 59.80 -22.05
CA VAL B 211 -10.68 58.79 -21.05
C VAL B 211 -9.42 58.01 -20.64
N LEU B 212 -8.63 57.64 -21.64
CA LEU B 212 -7.43 56.85 -21.41
C LEU B 212 -6.40 57.59 -20.55
N ASP B 213 -6.37 58.92 -20.64
CA ASP B 213 -5.47 59.67 -19.80
C ASP B 213 -5.94 59.73 -18.32
N CYS B 214 -7.06 59.10 -17.98
CA CYS B 214 -7.52 58.94 -16.58
C CYS B 214 -7.16 57.58 -15.99
N ALA B 215 -6.48 56.76 -16.77
CA ALA B 215 -6.27 55.36 -16.38
C ALA B 215 -4.92 55.17 -15.71
N ASN B 216 -4.78 54.06 -14.99
CA ASN B 216 -3.48 53.66 -14.42
C ASN B 216 -2.43 53.33 -15.47
N LYS B 217 -1.20 53.79 -15.26
CA LYS B 217 -0.16 53.71 -16.27
C LYS B 217 0.38 52.30 -16.44
N ASP B 218 0.10 51.42 -15.48
CA ASP B 218 0.54 50.03 -15.52
C ASP B 218 -0.50 49.05 -16.08
N ALA B 219 -1.51 49.59 -16.79
CA ALA B 219 -2.66 48.81 -17.29
C ALA B 219 -2.27 47.59 -18.10
N ALA B 220 -1.26 47.75 -18.95
CA ALA B 220 -0.89 46.76 -19.97
C ALA B 220 -0.68 45.37 -19.43
N GLY B 221 -0.17 45.30 -18.21
CA GLY B 221 0.21 44.06 -17.55
C GLY B 221 -0.84 43.47 -16.64
N LEU B 222 -1.99 44.11 -16.52
CA LEU B 222 -3.02 43.66 -15.59
C LEU B 222 -4.16 42.87 -16.24
N SER B 223 -4.63 41.83 -15.54
CA SER B 223 -5.82 41.08 -15.93
C SER B 223 -7.07 41.93 -15.72
N TRP B 224 -8.20 41.53 -16.28
CA TRP B 224 -9.44 42.22 -16.01
C TRP B 224 -9.75 42.18 -14.50
N GLN B 225 -9.44 41.07 -13.83
CA GLN B 225 -9.71 40.95 -12.38
C GLN B 225 -8.83 41.92 -11.62
N GLN B 226 -7.59 42.05 -12.02
CA GLN B 226 -6.69 42.99 -11.34
C GLN B 226 -7.13 44.44 -11.49
N ALA B 227 -7.73 44.77 -12.64
CA ALA B 227 -8.30 46.11 -12.84
C ALA B 227 -9.51 46.29 -11.93
N VAL B 228 -10.37 45.27 -11.82
CA VAL B 228 -11.50 45.37 -10.89
C VAL B 228 -11.01 45.57 -9.44
N ASP B 229 -9.91 44.92 -9.09
CA ASP B 229 -9.31 44.99 -7.73
C ASP B 229 -8.87 46.41 -7.34
N ARG B 230 -8.43 47.20 -8.31
CA ARG B 230 -8.08 48.61 -8.09
C ARG B 230 -9.27 49.40 -7.58
N VAL B 231 -10.45 49.14 -8.15
CA VAL B 231 -11.67 49.79 -7.70
C VAL B 231 -12.07 49.29 -6.31
N VAL B 232 -12.06 47.96 -6.14
CA VAL B 232 -12.36 47.35 -4.85
C VAL B 232 -11.46 47.90 -3.73
N GLN B 233 -10.18 48.10 -4.04
CA GLN B 233 -9.17 48.53 -3.09
C GLN B 233 -8.99 50.06 -3.00
N GLY B 234 -9.86 50.81 -3.66
CA GLY B 234 -9.85 52.27 -3.55
C GLY B 234 -8.70 52.96 -4.27
N LYS B 235 -8.04 52.25 -5.19
CA LYS B 235 -6.94 52.81 -6.00
C LYS B 235 -7.45 53.40 -7.32
N ALA B 236 -8.76 53.34 -7.50
CA ALA B 236 -9.45 53.79 -8.71
C ALA B 236 -10.88 54.01 -8.34
N ALA B 237 -11.58 54.82 -9.13
CA ALA B 237 -12.97 55.13 -8.87
C ALA B 237 -13.92 54.28 -9.72
N PHE B 238 -13.51 54.01 -10.97
CA PHE B 238 -14.38 53.38 -11.96
C PHE B 238 -13.64 52.29 -12.75
N ASN B 239 -14.42 51.34 -13.27
CA ASN B 239 -13.90 50.35 -14.23
C ASN B 239 -15.01 50.05 -15.21
N ILE B 240 -14.67 50.00 -16.49
CA ILE B 240 -15.62 49.63 -17.54
C ILE B 240 -15.28 48.19 -17.95
N MET B 241 -16.20 47.27 -17.68
CA MET B 241 -15.94 45.86 -17.89
C MET B 241 -17.27 45.11 -17.95
N GLY B 242 -17.29 43.96 -18.65
CA GLY B 242 -18.49 43.13 -18.69
C GLY B 242 -18.87 42.58 -17.34
N ASP B 243 -20.11 42.10 -17.20
CA ASP B 243 -20.66 41.76 -15.89
C ASP B 243 -20.20 40.44 -15.28
N TRP B 244 -19.28 39.76 -15.95
CA TRP B 244 -18.44 38.81 -15.29
C TRP B 244 -17.77 39.49 -14.08
N ALA B 245 -17.65 40.81 -14.11
CA ALA B 245 -17.12 41.56 -12.95
C ALA B 245 -18.02 41.43 -11.70
N ALA B 246 -19.34 41.37 -11.92
CA ALA B 246 -20.30 41.20 -10.82
C ALA B 246 -20.12 39.82 -10.24
N GLY B 247 -20.04 38.80 -11.08
CA GLY B 247 -19.75 37.43 -10.63
C GLY B 247 -18.44 37.30 -9.86
N TYR B 248 -17.40 38.01 -10.29
CA TYR B 248 -16.16 38.04 -9.51
C TYR B 248 -16.37 38.68 -8.13
N MET B 249 -17.09 39.80 -8.09
CA MET B 249 -17.20 40.57 -6.86
C MET B 249 -18.06 39.86 -5.81
N THR B 250 -19.05 39.07 -6.24
CA THR B 250 -19.94 38.37 -5.35
C THR B 250 -19.42 36.98 -5.06
N THR B 251 -19.26 36.18 -6.11
CA THR B 251 -18.89 34.79 -5.98
C THR B 251 -17.49 34.60 -5.43
N THR B 252 -16.52 35.42 -5.85
CA THR B 252 -15.17 35.28 -5.35
C THR B 252 -14.90 36.24 -4.18
N LEU B 253 -15.20 37.52 -4.34
CA LEU B 253 -14.84 38.51 -3.32
C LEU B 253 -15.92 38.69 -2.23
N LYS B 254 -17.06 38.03 -2.39
CA LYS B 254 -18.13 38.01 -1.37
C LYS B 254 -18.67 39.40 -1.03
N LEU B 255 -18.65 40.32 -2.01
CA LEU B 255 -19.16 41.67 -1.80
C LEU B 255 -20.65 41.69 -2.04
N LYS B 256 -21.36 42.51 -1.26
CA LYS B 256 -22.82 42.65 -1.39
C LYS B 256 -23.22 43.66 -2.47
N PRO B 257 -23.98 43.21 -3.50
CA PRO B 257 -24.30 44.09 -4.61
C PRO B 257 -25.20 45.24 -4.20
N GLY B 258 -24.84 46.45 -4.62
CA GLY B 258 -25.60 47.64 -4.26
C GLY B 258 -25.04 48.37 -3.06
N THR B 259 -24.39 47.66 -2.14
CA THR B 259 -23.81 48.25 -0.93
C THR B 259 -22.31 48.35 -1.05
N ASP B 260 -21.69 47.18 -1.27
CA ASP B 260 -20.24 47.03 -1.29
C ASP B 260 -19.70 47.40 -2.68
N PHE B 261 -20.57 47.35 -3.67
CA PHE B 261 -20.27 47.89 -4.99
C PHE B 261 -21.56 48.21 -5.67
N ALA B 262 -21.47 48.98 -6.76
CA ALA B 262 -22.63 49.33 -7.55
C ALA B 262 -22.27 49.44 -9.04
N TRP B 263 -23.26 49.77 -9.85
CA TRP B 263 -23.11 49.76 -11.29
C TRP B 263 -24.03 50.74 -11.97
N ALA B 264 -23.62 51.14 -13.17
CA ALA B 264 -24.46 51.85 -14.08
C ALA B 264 -24.06 51.50 -15.53
N PRO B 265 -24.93 51.83 -16.51
CA PRO B 265 -24.43 51.72 -17.87
C PRO B 265 -23.15 52.52 -18.06
N SER B 266 -22.31 52.13 -19.01
CA SER B 266 -21.16 52.94 -19.32
C SER B 266 -21.71 54.33 -19.66
N PRO B 267 -20.97 55.39 -19.26
CA PRO B 267 -21.38 56.75 -19.56
C PRO B 267 -21.81 56.93 -21.00
N GLY B 268 -22.97 57.58 -21.17
CA GLY B 268 -23.47 57.90 -22.49
C GLY B 268 -24.19 56.76 -23.17
N THR B 269 -24.39 55.62 -22.48
CA THR B 269 -24.98 54.43 -23.13
C THR B 269 -26.26 53.95 -22.43
N GLN B 270 -26.78 54.77 -21.52
CA GLN B 270 -28.04 54.47 -20.82
C GLN B 270 -29.14 54.11 -21.81
N GLY B 271 -29.91 53.07 -21.51
CA GLY B 271 -30.94 52.62 -22.44
C GLY B 271 -30.51 51.67 -23.54
N VAL B 272 -29.20 51.39 -23.65
CA VAL B 272 -28.66 50.47 -24.64
C VAL B 272 -27.88 49.37 -23.89
N PHE B 273 -28.14 48.13 -24.25
CA PHE B 273 -27.52 46.95 -23.67
C PHE B 273 -26.63 46.39 -24.76
N MET B 274 -25.30 46.49 -24.62
CA MET B 274 -24.39 45.92 -25.61
C MET B 274 -24.12 44.49 -25.18
N MET B 275 -24.67 43.53 -25.91
CA MET B 275 -24.65 42.16 -25.47
C MET B 275 -23.53 41.31 -26.10
N LEU B 276 -23.29 40.17 -25.47
CA LEU B 276 -22.52 39.05 -26.01
C LEU B 276 -23.12 37.80 -25.37
N SER B 277 -22.88 36.64 -25.97
CA SER B 277 -23.41 35.41 -25.43
C SER B 277 -22.36 34.31 -25.59
N ASP B 278 -22.05 33.64 -24.49
CA ASP B 278 -21.26 32.44 -24.52
C ASP B 278 -22.22 31.33 -24.92
N SER B 279 -21.77 30.50 -25.85
CA SER B 279 -22.56 29.39 -26.33
C SER B 279 -21.67 28.16 -26.52
N PHE B 280 -22.32 26.99 -26.56
CA PHE B 280 -21.62 25.74 -26.85
C PHE B 280 -22.20 25.11 -28.12
N GLY B 281 -21.35 24.68 -29.04
CA GLY B 281 -21.82 23.93 -30.23
C GLY B 281 -21.31 22.50 -30.28
N LEU B 282 -21.51 21.81 -31.41
CA LEU B 282 -21.06 20.44 -31.54
C LEU B 282 -20.13 20.33 -32.74
N PRO B 283 -18.82 20.30 -32.49
CA PRO B 283 -17.90 20.16 -33.59
C PRO B 283 -18.01 18.80 -34.26
N LYS B 284 -17.91 18.82 -35.58
CA LYS B 284 -17.75 17.57 -36.35
C LYS B 284 -16.52 16.84 -35.84
N GLY B 285 -16.65 15.52 -35.72
CA GLY B 285 -15.55 14.70 -35.29
C GLY B 285 -15.33 14.64 -33.79
N ALA B 286 -16.21 15.23 -32.99
CA ALA B 286 -16.12 15.02 -31.56
C ALA B 286 -16.08 13.51 -31.21
N LYS B 287 -15.18 13.12 -30.31
CA LYS B 287 -15.04 11.71 -29.90
C LYS B 287 -16.22 11.18 -29.12
N ASN B 288 -16.88 12.04 -28.36
CA ASN B 288 -17.98 11.67 -27.46
C ASN B 288 -19.24 12.47 -27.82
N ARG B 289 -19.68 12.29 -29.04
CA ARG B 289 -20.79 13.04 -29.59
C ARG B 289 -22.07 13.00 -28.77
N GLN B 290 -22.47 11.79 -28.34
CA GLN B 290 -23.69 11.61 -27.55
C GLN B 290 -23.63 12.36 -26.20
N ASN B 291 -22.51 12.27 -25.51
CA ASN B 291 -22.35 12.96 -24.22
C ASN B 291 -22.35 14.48 -24.39
N ALA B 292 -21.77 14.94 -25.48
CA ALA B 292 -21.80 16.38 -25.85
C ALA B 292 -23.24 16.87 -26.11
N ILE B 293 -24.03 16.07 -26.81
CA ILE B 293 -25.42 16.46 -27.06
C ILE B 293 -26.20 16.59 -25.75
N ASN B 294 -25.99 15.66 -24.83
CA ASN B 294 -26.57 15.76 -23.49
C ASN B 294 -26.13 17.01 -22.73
N TRP B 295 -24.86 17.36 -22.86
CA TRP B 295 -24.34 18.61 -22.38
C TRP B 295 -25.13 19.81 -22.95
N LEU B 296 -25.32 19.83 -24.27
CA LEU B 296 -26.07 20.90 -24.96
C LEU B 296 -27.51 21.03 -24.48
N ARG B 297 -28.16 19.89 -24.24
CA ARG B 297 -29.51 19.90 -23.67
C ARG B 297 -29.51 20.56 -22.31
N LEU B 298 -28.49 20.27 -21.49
CA LEU B 298 -28.40 20.87 -20.16
C LEU B 298 -28.15 22.39 -20.25
N VAL B 299 -27.21 22.73 -21.12
CA VAL B 299 -26.79 24.11 -21.36
C VAL B 299 -27.95 25.03 -21.75
N GLY B 300 -28.87 24.50 -22.58
CA GLY B 300 -30.04 25.22 -23.03
C GLY B 300 -31.26 25.14 -22.13
N SER B 301 -31.11 24.51 -20.97
CA SER B 301 -32.21 24.25 -20.04
C SER B 301 -32.30 25.38 -19.03
N LYS B 302 -33.51 25.62 -18.52
CA LYS B 302 -33.71 26.59 -17.47
C LYS B 302 -32.92 26.16 -16.24
N GLU B 303 -33.01 24.87 -15.95
CA GLU B 303 -32.33 24.30 -14.79
C GLU B 303 -30.83 24.57 -14.85
N GLY B 304 -30.22 24.28 -16.00
CA GLY B 304 -28.79 24.56 -16.17
C GLY B 304 -28.44 26.04 -16.05
N GLN B 305 -29.16 26.88 -16.77
CA GLN B 305 -28.85 28.31 -16.85
C GLN B 305 -29.08 29.02 -15.52
N ASP B 306 -30.10 28.61 -14.77
CA ASP B 306 -30.41 29.26 -13.48
C ASP B 306 -29.57 28.69 -12.35
N THR B 307 -28.88 27.59 -12.62
CA THR B 307 -27.89 27.04 -11.68
C THR B 307 -26.54 27.72 -11.82
N SER B 308 -26.10 27.96 -13.04
CA SER B 308 -24.74 28.46 -13.28
C SER B 308 -24.65 29.98 -13.33
N ASN B 309 -25.58 30.64 -14.03
CA ASN B 309 -25.45 32.05 -14.30
C ASN B 309 -25.46 32.94 -13.06
N PRO B 310 -26.25 32.58 -12.02
CA PRO B 310 -26.17 33.40 -10.78
C PRO B 310 -24.77 33.54 -10.21
N LEU B 311 -23.92 32.54 -10.44
CA LEU B 311 -22.51 32.59 -10.01
C LEU B 311 -21.61 33.40 -10.94
N LYS B 312 -22.00 33.52 -12.19
CA LYS B 312 -21.13 34.08 -13.24
C LYS B 312 -21.22 35.62 -13.36
N GLY B 313 -22.39 36.18 -13.10
CA GLY B 313 -22.62 37.61 -13.33
C GLY B 313 -23.41 37.90 -14.59
N SER B 314 -23.49 36.92 -15.48
CA SER B 314 -24.37 37.00 -16.62
C SER B 314 -25.79 36.62 -16.23
N ILE B 315 -26.71 36.84 -17.14
CA ILE B 315 -28.08 36.39 -17.02
C ILE B 315 -28.28 35.22 -17.98
N ALA B 316 -29.37 34.49 -17.77
CA ALA B 316 -29.76 33.40 -18.63
C ALA B 316 -30.14 33.93 -20.00
N ALA B 317 -29.89 33.11 -21.02
CA ALA B 317 -30.38 33.39 -22.36
C ALA B 317 -31.88 33.08 -22.47
N ARG B 318 -32.36 32.18 -21.62
CA ARG B 318 -33.75 31.76 -21.69
C ARG B 318 -34.77 32.84 -21.22
N LEU B 319 -35.84 32.96 -22.00
CA LEU B 319 -36.92 33.89 -21.73
C LEU B 319 -37.59 33.55 -20.41
N ASP B 320 -37.71 32.26 -20.11
CA ASP B 320 -38.38 31.79 -18.86
C ASP B 320 -37.51 31.70 -17.60
N SER B 321 -36.31 32.29 -17.61
CA SER B 321 -35.43 32.30 -16.42
C SER B 321 -36.15 32.88 -15.19
N ASP B 322 -35.79 32.35 -14.03
CA ASP B 322 -36.40 32.72 -12.74
C ASP B 322 -35.57 33.83 -12.07
N PRO B 323 -36.05 35.10 -12.10
CA PRO B 323 -35.32 36.22 -11.49
C PRO B 323 -34.99 36.05 -10.01
N SER B 324 -35.78 35.25 -9.28
CA SER B 324 -35.55 35.00 -7.86
C SER B 324 -34.27 34.20 -7.59
N LYS B 325 -33.69 33.59 -8.62
CA LYS B 325 -32.37 32.95 -8.50
C LYS B 325 -31.19 33.94 -8.57
N TYR B 326 -31.46 35.21 -8.89
CA TYR B 326 -30.38 36.16 -9.18
C TYR B 326 -30.29 37.24 -8.09
N ASN B 327 -29.08 37.69 -7.81
CA ASN B 327 -28.90 38.79 -6.87
C ASN B 327 -29.38 40.11 -7.47
N ALA B 328 -29.13 41.22 -6.77
CA ALA B 328 -29.57 42.56 -7.18
C ALA B 328 -29.03 42.97 -8.56
N TYR B 329 -27.81 42.51 -8.86
CA TYR B 329 -27.22 42.83 -10.15
C TYR B 329 -27.94 42.08 -11.26
N GLY B 330 -28.04 40.76 -11.10
CA GLY B 330 -28.66 39.92 -12.12
C GLY B 330 -30.06 40.35 -12.42
N GLN B 331 -30.84 40.65 -11.39
CA GLN B 331 -32.21 41.12 -11.62
C GLN B 331 -32.24 42.44 -12.38
N SER B 332 -31.29 43.33 -12.10
CA SER B 332 -31.21 44.63 -12.80
C SER B 332 -30.87 44.45 -14.29
N ALA B 333 -29.89 43.59 -14.55
CA ALA B 333 -29.50 43.27 -15.91
C ALA B 333 -30.67 42.59 -16.63
N MET B 334 -31.36 41.65 -15.98
CA MET B 334 -32.55 41.02 -16.58
C MET B 334 -33.59 42.04 -17.07
N ARG B 335 -33.82 43.09 -16.28
CA ARG B 335 -34.75 44.18 -16.64
C ARG B 335 -34.29 45.01 -17.83
N ASP B 336 -33.03 45.39 -17.79
CA ASP B 336 -32.41 46.10 -18.90
C ASP B 336 -32.43 45.28 -20.20
N TRP B 337 -32.11 43.99 -20.10
CA TRP B 337 -32.15 43.09 -21.26
C TRP B 337 -33.51 43.10 -21.93
N ARG B 338 -34.55 43.16 -21.12
CA ARG B 338 -35.93 43.13 -21.61
C ARG B 338 -36.48 44.50 -22.07
N SER B 339 -35.89 45.60 -21.61
CA SER B 339 -36.36 46.94 -21.99
C SER B 339 -35.48 47.74 -22.95
N ASN B 340 -34.16 47.48 -22.96
CA ASN B 340 -33.21 48.34 -23.66
C ASN B 340 -33.15 48.06 -25.15
N ARG B 341 -32.61 49.03 -25.88
CA ARG B 341 -32.17 48.80 -27.26
C ARG B 341 -30.93 47.89 -27.20
N ILE B 342 -30.93 46.82 -27.98
CA ILE B 342 -29.82 45.87 -27.99
C ILE B 342 -28.95 46.07 -29.19
N VAL B 343 -27.63 46.11 -28.92
CA VAL B 343 -26.61 46.04 -29.93
C VAL B 343 -25.57 44.97 -29.50
N GLY B 344 -24.70 44.56 -30.40
CA GLY B 344 -23.68 43.56 -30.10
C GLY B 344 -22.29 44.14 -29.81
N SER B 345 -21.52 43.33 -29.08
CA SER B 345 -20.14 43.61 -28.76
C SER B 345 -19.21 43.23 -29.91
N LEU B 346 -18.22 44.08 -30.14
CA LEU B 346 -17.07 43.77 -31.03
C LEU B 346 -16.08 42.80 -30.37
N VAL B 347 -15.60 43.21 -29.19
CA VAL B 347 -14.51 42.55 -28.49
C VAL B 347 -14.92 41.09 -28.12
N HIS B 348 -16.23 40.89 -27.91
CA HIS B 348 -16.76 39.61 -27.48
C HIS B 348 -17.62 38.93 -28.52
N GLY B 349 -17.29 39.18 -29.78
CA GLY B 349 -17.63 38.29 -30.90
C GLY B 349 -18.97 38.44 -31.61
N ALA B 350 -19.85 39.33 -31.16
CA ALA B 350 -21.19 39.40 -31.75
C ALA B 350 -21.23 40.03 -33.17
N VAL B 351 -20.49 41.14 -33.37
CA VAL B 351 -20.77 42.02 -34.55
C VAL B 351 -19.75 41.96 -35.69
N ALA B 352 -18.54 41.53 -35.39
CA ALA B 352 -17.49 41.50 -36.39
C ALA B 352 -16.86 40.13 -36.51
N PRO B 353 -16.39 39.79 -37.72
CA PRO B 353 -15.65 38.56 -37.89
C PRO B 353 -14.33 38.55 -37.13
N GLU B 354 -13.87 37.36 -36.80
CA GLU B 354 -12.67 37.19 -36.05
C GLU B 354 -11.44 37.70 -36.82
N SER B 355 -11.53 37.71 -38.14
CA SER B 355 -10.52 38.34 -39.00
C SER B 355 -10.33 39.81 -38.61
N PHE B 356 -11.42 40.51 -38.33
CA PHE B 356 -11.34 41.88 -37.83
C PHE B 356 -10.97 41.92 -36.35
N MET B 357 -11.68 41.15 -35.52
CA MET B 357 -11.40 41.13 -34.06
C MET B 357 -9.91 40.96 -33.73
N SER B 358 -9.27 40.04 -34.44
CA SER B 358 -7.92 39.63 -34.11
C SER B 358 -6.90 40.66 -34.51
N GLN B 359 -7.28 41.62 -35.34
CA GLN B 359 -6.37 42.66 -35.79
C GLN B 359 -6.61 44.01 -35.11
N PHE B 360 -7.75 44.17 -34.48
CA PHE B 360 -8.08 45.43 -33.81
C PHE B 360 -7.16 45.72 -32.62
N GLY B 361 -6.62 44.67 -32.00
CA GLY B 361 -5.55 44.78 -31.01
C GLY B 361 -4.36 45.57 -31.52
N THR B 362 -4.02 45.38 -32.80
CA THR B 362 -2.92 46.10 -33.44
C THR B 362 -3.26 47.56 -33.69
N VAL B 363 -4.50 47.83 -34.05
CA VAL B 363 -5.02 49.21 -34.21
C VAL B 363 -4.96 49.89 -32.84
N MET B 364 -5.42 49.17 -31.81
CA MET B 364 -5.41 49.69 -30.46
C MET B 364 -3.98 50.05 -30.03
N GLU B 365 -3.01 49.24 -30.44
CA GLU B 365 -1.64 49.48 -30.03
C GLU B 365 -1.06 50.72 -30.72
N ILE B 366 -1.41 50.92 -31.99
CA ILE B 366 -1.08 52.16 -32.69
C ILE B 366 -1.64 53.37 -31.91
N PHE B 367 -2.90 53.30 -31.48
CA PHE B 367 -3.43 54.41 -30.70
C PHE B 367 -2.70 54.60 -29.35
N LEU B 368 -2.38 53.51 -28.66
CA LEU B 368 -1.71 53.59 -27.39
C LEU B 368 -0.38 54.29 -27.51
N GLN B 369 0.36 54.01 -28.58
CA GLN B 369 1.66 54.60 -28.77
C GLN B 369 1.57 56.08 -29.17
N THR B 370 0.65 56.43 -30.06
CA THR B 370 0.61 57.77 -30.66
C THR B 370 -0.48 58.67 -30.05
N ARG B 371 -1.52 58.05 -29.52
CA ARG B 371 -2.75 58.71 -29.15
C ARG B 371 -3.31 59.59 -30.27
N ASN B 372 -3.18 59.10 -31.50
CA ASN B 372 -3.50 59.84 -32.71
C ASN B 372 -4.76 59.24 -33.31
N PRO B 373 -5.88 59.96 -33.18
CA PRO B 373 -7.18 59.46 -33.58
C PRO B 373 -7.25 59.18 -35.08
N GLN B 374 -6.66 60.05 -35.89
CA GLN B 374 -6.67 59.86 -37.34
C GLN B 374 -5.94 58.58 -37.73
N ALA B 375 -4.80 58.35 -37.08
CA ALA B 375 -3.96 57.23 -37.42
C ALA B 375 -4.63 55.91 -37.05
N ALA B 376 -5.29 55.89 -35.88
CA ALA B 376 -6.00 54.72 -35.40
C ALA B 376 -7.23 54.43 -36.27
N ALA B 377 -7.99 55.47 -36.58
CA ALA B 377 -9.11 55.33 -37.50
C ALA B 377 -8.67 54.86 -38.92
N ASN B 378 -7.56 55.37 -39.44
CA ASN B 378 -7.06 54.91 -40.73
C ASN B 378 -6.72 53.42 -40.71
N ALA B 379 -6.06 53.00 -39.63
CA ALA B 379 -5.71 51.61 -39.40
C ALA B 379 -6.93 50.68 -39.26
N ALA B 380 -7.96 51.15 -38.58
CA ALA B 380 -9.22 50.39 -38.45
C ALA B 380 -9.89 50.22 -39.82
N GLN B 381 -9.93 51.27 -40.61
CA GLN B 381 -10.50 51.21 -41.95
C GLN B 381 -9.75 50.28 -42.90
N ALA B 382 -8.42 50.28 -42.81
CA ALA B 382 -7.59 49.38 -43.59
C ALA B 382 -7.93 47.90 -43.31
N ILE B 383 -8.22 47.59 -42.06
CA ILE B 383 -8.61 46.22 -41.68
C ILE B 383 -10.00 45.93 -42.23
N ALA B 384 -10.93 46.86 -42.00
CA ALA B 384 -12.31 46.71 -42.45
C ALA B 384 -12.34 46.51 -43.97
N ASP B 385 -11.46 47.21 -44.69
CA ASP B 385 -11.34 47.04 -46.16
C ASP B 385 -10.79 45.71 -46.56
N GLN B 386 -9.75 45.26 -45.87
CA GLN B 386 -9.07 43.99 -46.13
C GLN B 386 -10.00 42.78 -45.92
N VAL B 387 -10.84 42.84 -44.89
CA VAL B 387 -11.71 41.71 -44.54
C VAL B 387 -13.11 41.77 -45.16
N GLY B 388 -13.46 42.88 -45.80
CA GLY B 388 -14.75 43.00 -46.45
C GLY B 388 -15.87 43.16 -45.46
N LEU B 389 -15.63 44.01 -44.48
CA LEU B 389 -16.59 44.24 -43.40
C LEU B 389 -17.93 44.65 -43.99
N GLY B 390 -19.01 44.12 -43.43
CA GLY B 390 -20.35 44.33 -43.97
C GLY B 390 -20.86 43.18 -44.83
N ARG B 391 -19.95 42.45 -45.49
CA ARG B 391 -20.30 41.21 -46.19
C ARG B 391 -20.46 40.10 -45.13
N MET C 1 10.68 51.25 -26.98
CA MET C 1 11.31 49.88 -26.98
C MET C 1 10.44 48.89 -26.23
N LYS C 2 10.31 47.69 -26.78
CA LYS C 2 9.59 46.61 -26.12
C LYS C 2 10.33 45.27 -26.28
N LEU C 3 9.92 44.30 -25.46
CA LEU C 3 10.38 42.91 -25.55
C LEU C 3 9.22 42.01 -25.15
N GLU C 4 8.82 41.08 -26.03
CA GLU C 4 7.78 40.12 -25.66
C GLU C 4 8.38 38.73 -25.46
N ILE C 5 8.31 38.23 -24.22
CA ILE C 5 8.84 36.92 -23.81
C ILE C 5 7.68 35.90 -23.68
N PHE C 6 7.81 34.77 -24.35
CA PHE C 6 6.77 33.73 -24.39
C PHE C 6 7.23 32.51 -23.63
N SER C 7 6.40 32.04 -22.68
CA SER C 7 6.72 30.83 -21.88
C SER C 7 5.47 30.20 -21.27
N TRP C 8 5.65 29.11 -20.54
CA TRP C 8 4.57 28.59 -19.69
C TRP C 8 4.82 28.75 -18.20
N TRP C 9 5.63 29.73 -17.85
CA TRP C 9 5.96 29.94 -16.45
C TRP C 9 4.96 30.91 -15.81
N ALA C 10 3.70 30.49 -15.83
CA ALA C 10 2.59 31.25 -15.22
C ALA C 10 2.44 30.89 -13.74
N GLY C 11 1.78 31.77 -12.99
CA GLY C 11 1.45 31.52 -11.59
C GLY C 11 2.63 31.18 -10.73
N ASP C 12 2.51 30.12 -9.93
CA ASP C 12 3.61 29.75 -9.05
C ASP C 12 4.86 29.23 -9.78
N GLU C 13 4.80 29.10 -11.12
CA GLU C 13 6.01 28.83 -11.92
C GLU C 13 6.76 30.11 -12.38
N GLY C 14 6.19 31.29 -12.12
CA GLY C 14 6.80 32.55 -12.54
C GLY C 14 7.91 33.21 -11.72
N PRO C 15 8.01 32.92 -10.41
CA PRO C 15 9.05 33.64 -9.63
C PRO C 15 10.45 33.73 -10.27
N ALA C 16 10.95 32.58 -10.75
CA ALA C 16 12.26 32.54 -11.39
C ALA C 16 12.31 33.47 -12.61
N LEU C 17 11.34 33.35 -13.52
CA LEU C 17 11.24 34.22 -14.69
C LEU C 17 11.08 35.69 -14.31
N GLU C 18 10.19 35.96 -13.37
CA GLU C 18 9.92 37.32 -12.89
C GLU C 18 11.23 37.96 -12.38
N ALA C 19 12.06 37.18 -11.69
CA ALA C 19 13.36 37.68 -11.18
C ALA C 19 14.31 38.02 -12.32
N LEU C 20 14.31 37.18 -13.35
CA LEU C 20 15.13 37.43 -14.52
C LEU C 20 14.66 38.69 -15.29
N ILE C 21 13.34 38.87 -15.38
CA ILE C 21 12.77 40.07 -16.01
C ILE C 21 13.18 41.33 -15.24
N ARG C 22 13.07 41.30 -13.92
CA ARG C 22 13.55 42.40 -13.09
C ARG C 22 15.00 42.75 -13.41
N LEU C 23 15.85 41.74 -13.48
CA LEU C 23 17.26 41.96 -13.77
C LEU C 23 17.44 42.55 -15.16
N TYR C 24 16.66 42.06 -16.11
CA TYR C 24 16.71 42.61 -17.44
C TYR C 24 16.42 44.12 -17.42
N LYS C 25 15.36 44.47 -16.70
CA LYS C 25 14.92 45.86 -16.62
C LYS C 25 15.95 46.76 -15.92
N GLN C 26 16.65 46.27 -14.91
CA GLN C 26 17.81 47.00 -14.36
C GLN C 26 18.90 47.25 -15.37
N LYS C 27 19.20 46.26 -16.23
CA LYS C 27 20.24 46.38 -17.24
C LYS C 27 19.80 47.12 -18.51
N TYR C 28 18.49 47.12 -18.79
CA TYR C 28 17.87 47.80 -19.97
C TYR C 28 16.59 48.52 -19.57
N PRO C 29 16.75 49.63 -18.82
CA PRO C 29 15.66 50.30 -18.09
C PRO C 29 14.48 50.87 -18.92
N GLY C 30 14.70 51.14 -20.21
CA GLY C 30 13.66 51.81 -21.02
C GLY C 30 12.98 50.87 -22.01
N VAL C 31 12.97 49.58 -21.69
CA VAL C 31 12.38 48.56 -22.54
C VAL C 31 11.20 48.01 -21.78
N GLU C 32 10.01 48.15 -22.35
CA GLU C 32 8.83 47.55 -21.77
C GLU C 32 8.83 46.05 -22.05
N VAL C 33 8.73 45.24 -20.99
CA VAL C 33 8.72 43.78 -21.12
C VAL C 33 7.30 43.24 -20.99
N ILE C 34 6.86 42.54 -22.02
CA ILE C 34 5.60 41.82 -22.01
C ILE C 34 5.91 40.37 -21.65
N ASN C 35 5.45 39.96 -20.48
CA ASN C 35 5.54 38.60 -20.02
C ASN C 35 4.33 37.79 -20.54
N ALA C 36 4.46 37.23 -21.73
CA ALA C 36 3.39 36.48 -22.37
C ALA C 36 3.45 35.01 -21.94
N THR C 37 2.65 34.64 -20.94
CA THR C 37 2.63 33.24 -20.52
C THR C 37 1.38 32.54 -21.01
N VAL C 38 1.49 31.24 -21.28
CA VAL C 38 0.32 30.39 -21.49
C VAL C 38 0.33 29.26 -20.46
N THR C 39 -0.62 29.34 -19.52
CA THR C 39 -0.74 28.34 -18.45
C THR C 39 -0.99 26.93 -19.00
N GLY C 40 -0.20 25.97 -18.50
CA GLY C 40 -0.35 24.58 -18.86
C GLY C 40 0.95 23.86 -18.56
N GLY C 41 0.91 22.94 -17.59
CA GLY C 41 2.12 22.19 -17.22
C GLY C 41 2.79 21.54 -18.41
N ALA C 42 4.12 21.58 -18.41
CA ALA C 42 4.97 20.93 -19.44
C ALA C 42 4.74 21.49 -20.83
N GLY C 43 4.07 22.63 -20.92
CA GLY C 43 3.99 23.44 -22.11
C GLY C 43 3.00 23.01 -23.14
N VAL C 44 2.07 22.14 -22.75
CA VAL C 44 1.15 21.59 -23.73
C VAL C 44 0.28 22.71 -24.37
N ASN C 45 -0.33 23.57 -23.58
CA ASN C 45 -1.05 24.72 -24.15
C ASN C 45 -0.17 25.73 -24.84
N ALA C 46 0.99 26.03 -24.24
CA ALA C 46 1.94 26.97 -24.82
C ALA C 46 2.33 26.60 -26.24
N ARG C 47 2.57 25.31 -26.49
CA ARG C 47 2.97 24.90 -27.84
C ARG C 47 1.87 25.17 -28.82
N ALA C 48 0.63 24.91 -28.39
CA ALA C 48 -0.55 25.08 -29.26
C ALA C 48 -0.76 26.56 -29.63
N VAL C 49 -0.64 27.45 -28.66
CA VAL C 49 -0.69 28.89 -28.91
C VAL C 49 0.47 29.32 -29.84
N LEU C 50 1.69 28.89 -29.54
CA LEU C 50 2.84 29.30 -30.37
C LEU C 50 2.72 28.82 -31.81
N LYS C 51 2.23 27.60 -32.00
CA LYS C 51 2.01 27.13 -33.34
C LYS C 51 1.11 28.10 -34.12
N THR C 52 -0.01 28.47 -33.50
CA THR C 52 -0.94 29.39 -34.14
C THR C 52 -0.27 30.74 -34.42
N ARG C 53 0.51 31.24 -33.47
CA ARG C 53 1.21 32.50 -33.64
C ARG C 53 2.23 32.48 -34.76
N MET C 54 2.99 31.39 -34.85
CA MET C 54 4.07 31.29 -35.83
C MET C 54 3.50 31.17 -37.24
N LEU C 55 2.46 30.36 -37.36
CA LEU C 55 1.79 30.16 -38.64
C LEU C 55 1.07 31.41 -39.12
N GLY C 56 0.61 32.25 -38.21
CA GLY C 56 0.00 33.51 -38.57
C GLY C 56 1.00 34.65 -38.67
N GLY C 57 2.30 34.35 -38.78
CA GLY C 57 3.33 35.38 -38.96
C GLY C 57 3.41 36.36 -37.80
N ASP C 58 3.13 35.86 -36.60
CA ASP C 58 3.17 36.69 -35.39
C ASP C 58 4.09 36.10 -34.30
N PRO C 59 5.39 35.94 -34.59
CA PRO C 59 6.25 35.36 -33.54
C PRO C 59 6.41 36.32 -32.34
N PRO C 60 6.58 35.78 -31.11
CA PRO C 60 7.07 36.62 -30.02
C PRO C 60 8.53 36.90 -30.30
N ASP C 61 9.18 37.67 -29.44
CA ASP C 61 10.57 38.05 -29.69
C ASP C 61 11.49 36.92 -29.32
N THR C 62 11.05 36.12 -28.35
CA THR C 62 11.76 34.92 -27.94
C THR C 62 10.76 34.01 -27.20
N PHE C 63 10.99 32.70 -27.25
CA PHE C 63 10.11 31.76 -26.61
C PHE C 63 10.88 30.64 -25.91
N GLN C 64 10.35 30.25 -24.74
CA GLN C 64 10.77 29.06 -24.01
C GLN C 64 10.66 27.84 -24.94
N VAL C 65 11.76 27.08 -25.05
CA VAL C 65 11.80 25.89 -25.89
C VAL C 65 12.84 24.89 -25.33
N HIS C 66 12.49 23.62 -25.33
CA HIS C 66 13.38 22.58 -24.86
C HIS C 66 14.53 22.32 -25.81
N ALA C 67 15.73 22.34 -25.26
CA ALA C 67 16.93 21.88 -25.99
C ALA C 67 16.78 20.40 -26.43
N GLY C 68 17.29 20.10 -27.62
CA GLY C 68 17.25 18.73 -28.14
C GLY C 68 16.31 18.65 -29.30
N MET C 69 15.67 17.49 -29.44
CA MET C 69 14.84 17.17 -30.61
C MET C 69 13.62 18.04 -30.77
N GLU C 70 13.07 18.52 -29.65
CA GLU C 70 11.94 19.43 -29.73
C GLU C 70 12.35 20.68 -30.49
N LEU C 71 13.38 21.35 -29.99
CA LEU C 71 13.92 22.54 -30.66
C LEU C 71 14.20 22.29 -32.15
N ILE C 72 15.07 21.32 -32.39
CA ILE C 72 15.61 21.08 -33.72
C ILE C 72 14.55 20.60 -34.72
N GLY C 73 13.79 19.58 -34.33
CA GLY C 73 12.79 18.96 -35.21
C GLY C 73 11.58 19.80 -35.56
N THR C 74 11.28 20.79 -34.73
CA THR C 74 10.10 21.62 -34.96
C THR C 74 10.51 22.95 -35.58
N TRP C 75 11.32 23.73 -34.87
CA TRP C 75 11.59 25.12 -35.26
C TRP C 75 12.74 25.32 -36.25
N VAL C 76 13.83 24.59 -36.03
CA VAL C 76 15.04 24.79 -36.79
C VAL C 76 14.89 24.15 -38.16
N VAL C 77 14.39 22.92 -38.19
CA VAL C 77 14.14 22.25 -39.46
C VAL C 77 13.13 23.04 -40.30
N ALA C 78 12.21 23.76 -39.67
CA ALA C 78 11.26 24.58 -40.39
C ALA C 78 11.84 25.91 -40.86
N ASN C 79 13.14 26.13 -40.58
CA ASN C 79 13.85 27.36 -40.95
C ASN C 79 13.24 28.62 -40.33
N ARG C 80 12.69 28.49 -39.12
CA ARG C 80 12.02 29.60 -38.43
C ARG C 80 12.90 30.35 -37.44
N MET C 81 14.08 29.81 -37.16
CA MET C 81 14.99 30.34 -36.13
C MET C 81 16.23 30.94 -36.73
N GLU C 82 16.77 31.97 -36.08
CA GLU C 82 18.08 32.53 -36.43
C GLU C 82 19.22 31.70 -35.80
N ASP C 83 20.30 31.52 -36.56
CA ASP C 83 21.52 30.91 -36.06
C ASP C 83 22.20 31.88 -35.11
N LEU C 84 22.57 31.37 -33.91
CA LEU C 84 23.20 32.16 -32.83
C LEU C 84 24.68 31.84 -32.64
N SER C 85 25.29 31.11 -33.58
CA SER C 85 26.72 30.78 -33.52
C SER C 85 27.57 31.99 -33.16
N ALA C 86 27.36 33.09 -33.88
CA ALA C 86 28.15 34.30 -33.65
C ALA C 86 27.94 34.82 -32.25
N LEU C 87 26.69 34.81 -31.78
CA LEU C 87 26.38 35.23 -30.42
C LEU C 87 27.09 34.38 -29.40
N PHE C 88 27.06 33.07 -29.59
CA PHE C 88 27.76 32.15 -28.69
C PHE C 88 29.24 32.49 -28.53
N ARG C 89 29.90 32.74 -29.66
CA ARG C 89 31.33 33.03 -29.66
C ARG C 89 31.63 34.38 -29.02
N GLN C 90 30.85 35.42 -29.38
CA GLN C 90 30.99 36.75 -28.79
C GLN C 90 30.86 36.74 -27.27
N GLU C 91 30.02 35.85 -26.75
CA GLU C 91 29.77 35.79 -25.33
C GLU C 91 30.67 34.79 -24.60
N GLY C 92 31.51 34.06 -25.34
CA GLY C 92 32.37 33.04 -24.74
C GLY C 92 31.60 31.84 -24.22
N TRP C 93 30.47 31.52 -24.85
CA TRP C 93 29.60 30.44 -24.37
C TRP C 93 30.02 29.03 -24.77
N LEU C 94 30.90 28.89 -25.76
CA LEU C 94 31.44 27.56 -26.09
C LEU C 94 32.30 27.03 -24.92
N GLN C 95 32.83 27.93 -24.11
CA GLN C 95 33.58 27.55 -22.91
C GLN C 95 32.68 27.48 -21.69
N ALA C 96 31.49 28.08 -21.77
CA ALA C 96 30.62 28.23 -20.61
C ALA C 96 29.63 27.07 -20.41
N PHE C 97 29.31 26.32 -21.47
CA PHE C 97 28.33 25.22 -21.36
C PHE C 97 29.02 23.89 -21.64
N PRO C 98 28.56 22.78 -21.00
CA PRO C 98 29.10 21.47 -21.39
C PRO C 98 28.84 21.12 -22.87
N LYS C 99 29.79 20.39 -23.46
CA LYS C 99 29.73 19.97 -24.87
C LYS C 99 28.45 19.27 -25.23
N GLY C 100 27.99 18.41 -24.33
CA GLY C 100 26.81 17.61 -24.60
C GLY C 100 25.54 18.45 -24.67
N LEU C 101 25.54 19.57 -23.93
CA LEU C 101 24.42 20.52 -23.96
C LEU C 101 24.44 21.27 -25.27
N ILE C 102 25.62 21.76 -25.61
CA ILE C 102 25.88 22.41 -26.88
C ILE C 102 25.47 21.55 -28.05
N ASP C 103 25.74 20.25 -27.96
CA ASP C 103 25.34 19.29 -28.99
C ASP C 103 23.83 19.26 -29.18
N LEU C 104 23.11 19.37 -28.07
CA LEU C 104 21.65 19.33 -28.02
C LEU C 104 21.01 20.50 -28.76
N ILE C 105 21.71 21.63 -28.80
CA ILE C 105 21.18 22.88 -29.40
C ILE C 105 21.83 23.22 -30.73
N SER C 106 22.66 22.29 -31.22
CA SER C 106 23.40 22.47 -32.45
C SER C 106 22.86 21.57 -33.56
N TYR C 107 22.85 22.10 -34.78
CA TYR C 107 22.35 21.34 -35.92
C TYR C 107 22.85 21.95 -37.23
N LYS C 108 23.34 21.09 -38.13
CA LYS C 108 23.78 21.52 -39.48
C LYS C 108 24.67 22.77 -39.41
N GLY C 109 25.59 22.77 -38.46
CA GLY C 109 26.58 23.82 -38.29
C GLY C 109 26.15 25.05 -37.51
N GLY C 110 24.85 25.16 -37.19
CA GLY C 110 24.33 26.25 -36.38
C GLY C 110 24.11 25.85 -34.92
N ILE C 111 23.92 26.86 -34.08
CA ILE C 111 23.57 26.69 -32.65
C ILE C 111 22.29 27.53 -32.50
N TRP C 112 21.21 26.93 -32.01
CA TRP C 112 19.88 27.50 -32.23
C TRP C 112 19.08 28.04 -31.04
N SER C 113 19.62 27.93 -29.83
CA SER C 113 18.98 28.51 -28.65
C SER C 113 19.99 28.62 -27.53
N VAL C 114 19.58 29.31 -26.44
CA VAL C 114 20.45 29.59 -25.33
C VAL C 114 19.85 28.94 -24.07
N PRO C 115 20.54 27.93 -23.52
CA PRO C 115 20.00 27.27 -22.34
C PRO C 115 20.12 28.18 -21.13
N VAL C 116 19.08 28.17 -20.32
CA VAL C 116 19.01 28.99 -19.11
C VAL C 116 19.15 28.12 -17.89
N ASN C 117 18.92 26.82 -18.04
CA ASN C 117 18.95 25.91 -16.91
C ASN C 117 19.16 24.46 -17.32
N ILE C 118 19.21 23.61 -16.29
CA ILE C 118 19.12 22.18 -16.40
C ILE C 118 18.14 21.71 -15.33
N HIS C 119 17.13 20.98 -15.75
CA HIS C 119 16.22 20.33 -14.82
C HIS C 119 16.46 18.83 -14.93
N ARG C 120 16.12 18.14 -13.85
CA ARG C 120 16.19 16.72 -13.75
C ARG C 120 14.80 16.15 -13.68
N SER C 121 14.50 15.18 -14.54
CA SER C 121 13.20 14.49 -14.61
C SER C 121 13.04 13.43 -13.53
N ASN C 122 14.09 12.64 -13.31
CA ASN C 122 13.97 11.43 -12.50
C ASN C 122 14.26 11.64 -11.03
N VAL C 123 13.38 12.41 -10.37
CA VAL C 123 13.45 12.59 -8.93
C VAL C 123 12.19 12.12 -8.24
N MET C 124 12.39 11.46 -7.11
CA MET C 124 11.34 11.08 -6.19
C MET C 124 11.34 11.98 -4.95
N TRP C 125 10.18 12.52 -4.63
CA TRP C 125 9.98 13.49 -3.55
C TRP C 125 9.18 12.82 -2.44
N TYR C 126 9.54 13.16 -1.21
CA TYR C 126 8.99 12.51 -0.02
C TYR C 126 9.30 13.38 1.19
N LEU C 127 8.50 13.22 2.26
CA LEU C 127 8.75 13.90 3.54
C LEU C 127 9.48 12.91 4.48
N PRO C 128 10.71 13.25 4.91
CA PRO C 128 11.42 12.37 5.86
C PRO C 128 10.61 12.03 7.13
N ALA C 129 9.88 13.01 7.67
CA ALA C 129 9.08 12.82 8.90
C ALA C 129 7.92 11.84 8.77
N LYS C 130 7.38 11.75 7.56
CA LYS C 130 6.30 10.84 7.26
C LYS C 130 6.79 9.43 7.10
N LEU C 131 7.84 9.23 6.32
CA LEU C 131 8.38 7.88 6.13
C LEU C 131 8.83 7.31 7.47
N LYS C 132 9.52 8.14 8.27
CA LYS C 132 9.89 7.75 9.63
C LYS C 132 8.66 7.45 10.49
N GLY C 133 7.65 8.31 10.45
CA GLY C 133 6.38 8.01 11.12
C GLY C 133 5.65 6.74 10.68
N TRP C 134 5.89 6.29 9.45
CA TRP C 134 5.28 5.06 8.91
C TRP C 134 6.28 3.90 9.01
N GLY C 135 7.53 4.19 9.32
CA GLY C 135 8.53 3.15 9.46
C GLY C 135 9.01 2.53 8.15
N VAL C 136 9.08 3.35 7.10
CA VAL C 136 9.61 2.93 5.80
C VAL C 136 10.82 3.77 5.36
N ASN C 137 11.66 3.21 4.49
CA ASN C 137 12.76 3.94 3.87
C ASN C 137 12.38 4.38 2.42
N PRO C 138 13.06 5.40 1.88
CA PRO C 138 12.97 5.71 0.45
C PRO C 138 13.46 4.56 -0.44
N PRO C 139 12.55 4.00 -1.25
CA PRO C 139 12.93 2.89 -2.14
C PRO C 139 14.02 3.20 -3.18
N ARG C 140 15.02 2.34 -3.24
CA ARG C 140 16.13 2.48 -4.21
C ARG C 140 15.88 1.75 -5.55
N THR C 141 14.91 0.85 -5.57
CA THR C 141 14.54 0.10 -6.77
C THR C 141 13.03 0.04 -6.85
N TRP C 142 12.51 -0.36 -8.00
CA TRP C 142 11.05 -0.42 -8.18
C TRP C 142 10.46 -1.59 -7.41
N ASP C 143 11.22 -2.67 -7.24
CA ASP C 143 10.78 -3.76 -6.36
C ASP C 143 10.55 -3.32 -4.93
N LYS C 144 11.52 -2.59 -4.38
CA LYS C 144 11.39 -2.07 -3.01
C LYS C 144 10.33 -1.01 -2.92
N PHE C 145 10.15 -0.23 -4.00
CA PHE C 145 9.05 0.74 -4.07
C PHE C 145 7.73 0.00 -3.96
N LEU C 146 7.56 -1.02 -4.79
CA LEU C 146 6.28 -1.74 -4.79
C LEU C 146 6.06 -2.36 -3.40
N ALA C 147 7.12 -2.95 -2.84
CA ALA C 147 7.05 -3.54 -1.50
C ALA C 147 6.72 -2.52 -0.43
N THR C 148 7.36 -1.36 -0.48
CA THR C 148 7.08 -0.27 0.47
C THR C 148 5.67 0.25 0.31
N CYS C 149 5.17 0.41 -0.93
CA CYS C 149 3.76 0.84 -1.12
C CYS C 149 2.78 -0.20 -0.59
N GLN C 150 3.09 -1.47 -0.77
CA GLN C 150 2.24 -2.50 -0.19
C GLN C 150 2.18 -2.39 1.33
N THR C 151 3.34 -2.20 1.97
CA THR C 151 3.39 -1.93 3.40
C THR C 151 2.51 -0.75 3.81
N LEU C 152 2.64 0.37 3.09
CA LEU C 152 1.91 1.59 3.43
C LEU C 152 0.42 1.44 3.25
N LYS C 153 0.04 0.72 2.20
CA LYS C 153 -1.36 0.41 1.91
C LYS C 153 -1.96 -0.41 3.05
N GLN C 154 -1.18 -1.37 3.55
CA GLN C 154 -1.61 -2.22 4.66
C GLN C 154 -1.71 -1.46 5.98
N LYS C 155 -0.99 -0.34 6.08
CA LYS C 155 -1.16 0.64 7.16
C LYS C 155 -2.31 1.61 6.93
N GLY C 156 -3.00 1.51 5.81
CA GLY C 156 -4.15 2.38 5.56
C GLY C 156 -3.92 3.59 4.65
N LEU C 157 -2.71 3.71 4.07
CA LEU C 157 -2.44 4.77 3.09
C LEU C 157 -2.81 4.21 1.71
N GLU C 158 -4.00 4.53 1.24
CA GLU C 158 -4.61 3.87 0.07
C GLU C 158 -3.92 4.17 -1.26
N ALA C 159 -3.26 5.32 -1.34
CA ALA C 159 -2.60 5.74 -2.57
C ALA C 159 -1.25 6.33 -2.21
N PRO C 160 -0.27 5.45 -1.93
CA PRO C 160 1.07 5.89 -1.57
C PRO C 160 1.78 6.73 -2.63
N LEU C 161 1.37 6.59 -3.89
CA LEU C 161 1.99 7.38 -4.96
C LEU C 161 1.05 8.48 -5.40
N ALA C 162 1.52 9.72 -5.36
CA ALA C 162 0.77 10.89 -5.80
C ALA C 162 1.05 11.04 -7.29
N LEU C 163 -0.01 11.27 -8.06
CA LEU C 163 0.12 11.36 -9.51
C LEU C 163 -0.92 12.38 -10.02
N GLY C 164 -0.59 13.08 -11.10
CA GLY C 164 -1.50 14.05 -11.70
C GLY C 164 -1.89 13.69 -13.12
N GLU C 165 -2.13 14.73 -13.92
CA GLU C 165 -2.66 14.61 -15.28
C GLU C 165 -1.74 13.81 -16.23
N ASN C 166 -2.30 13.44 -17.38
CA ASN C 166 -1.64 12.57 -18.37
C ASN C 166 -0.14 12.79 -18.57
N TRP C 167 0.30 14.05 -18.78
CA TRP C 167 1.75 14.24 -18.99
C TRP C 167 2.56 13.81 -17.76
N THR C 168 2.02 13.99 -16.54
CA THR C 168 2.73 13.56 -15.32
C THR C 168 2.84 12.03 -15.23
N GLN C 169 1.90 11.36 -15.87
CA GLN C 169 1.89 9.91 -16.01
C GLN C 169 2.93 9.44 -16.99
N GLN C 170 3.03 10.15 -18.12
CA GLN C 170 4.16 9.99 -19.02
C GLN C 170 5.50 10.28 -18.30
N HIS C 171 5.50 11.30 -17.44
CA HIS C 171 6.71 11.69 -16.71
C HIS C 171 7.15 10.53 -15.80
N LEU C 172 6.18 9.95 -15.09
CA LEU C 172 6.43 8.73 -14.31
C LEU C 172 7.00 7.58 -15.19
N TRP C 173 6.37 7.36 -16.34
CA TRP C 173 6.76 6.31 -17.26
C TRP C 173 8.22 6.41 -17.70
N GLU C 174 8.72 7.62 -17.97
CA GLU C 174 10.10 7.76 -18.44
C GLU C 174 11.10 7.40 -17.33
N SER C 175 10.75 7.62 -16.08
CA SER C 175 11.59 7.13 -14.96
C SER C 175 11.53 5.61 -14.87
N VAL C 176 10.35 5.02 -15.03
CA VAL C 176 10.21 3.57 -14.98
C VAL C 176 10.97 2.90 -16.12
N ALA C 177 10.75 3.37 -17.34
CA ALA C 177 11.43 2.90 -18.52
C ALA C 177 12.95 2.96 -18.42
N LEU C 178 13.47 4.05 -17.89
CA LEU C 178 14.92 4.20 -17.72
C LEU C 178 15.45 3.15 -16.74
N ALA C 179 14.69 2.91 -15.67
CA ALA C 179 15.09 1.93 -14.64
C ALA C 179 15.05 0.50 -15.20
N VAL C 180 14.05 0.21 -16.02
CA VAL C 180 13.85 -1.14 -16.51
C VAL C 180 14.85 -1.44 -17.64
N LEU C 181 15.17 -0.43 -18.43
CA LEU C 181 16.02 -0.59 -19.57
C LEU C 181 17.48 -0.28 -19.28
N GLY C 182 17.74 0.53 -18.27
CA GLY C 182 19.03 1.19 -18.12
C GLY C 182 19.29 2.22 -19.23
N PRO C 183 20.35 3.03 -19.07
CA PRO C 183 20.59 4.17 -19.96
C PRO C 183 20.89 3.85 -21.41
N ASP C 184 21.65 2.79 -21.67
CA ASP C 184 21.97 2.49 -23.06
C ASP C 184 20.73 2.18 -23.88
N ASP C 185 19.88 1.29 -23.37
CA ASP C 185 18.69 0.89 -24.10
C ASP C 185 17.59 1.96 -24.10
N TRP C 186 17.48 2.75 -23.02
CA TRP C 186 16.71 4.00 -23.09
C TRP C 186 17.15 4.80 -24.31
N ASN C 187 18.47 5.07 -24.46
CA ASN C 187 18.97 5.78 -25.65
C ASN C 187 18.63 5.05 -26.96
N ASN C 188 18.67 3.71 -26.94
CA ASN C 188 18.33 2.92 -28.14
C ASN C 188 16.89 3.03 -28.61
N LEU C 189 15.98 3.43 -27.73
CA LEU C 189 14.63 3.72 -28.20
C LEU C 189 14.65 4.88 -29.19
N TRP C 190 15.46 5.90 -28.90
CA TRP C 190 15.36 7.20 -29.56
C TRP C 190 16.24 7.28 -30.80
N ASN C 191 17.24 6.41 -30.88
CA ASN C 191 17.99 6.20 -32.15
C ASN C 191 17.38 5.10 -33.02
N GLY C 192 16.35 4.41 -32.51
CA GLY C 192 15.64 3.40 -33.29
C GLY C 192 16.27 2.02 -33.28
N LYS C 193 17.33 1.84 -32.51
CA LYS C 193 17.98 0.53 -32.44
C LYS C 193 17.16 -0.46 -31.61
N LEU C 194 16.33 0.05 -30.69
CA LEU C 194 15.48 -0.81 -29.86
C LEU C 194 14.01 -0.49 -30.10
N LYS C 195 13.24 -1.50 -30.49
CA LYS C 195 11.84 -1.32 -30.78
C LYS C 195 11.02 -1.27 -29.48
N PHE C 196 9.93 -0.48 -29.50
CA PHE C 196 9.01 -0.43 -28.36
C PHE C 196 8.33 -1.78 -28.12
N THR C 197 8.26 -2.57 -29.18
CA THR C 197 7.72 -3.94 -29.12
C THR C 197 8.74 -5.00 -28.68
N ASP C 198 10.01 -4.61 -28.46
CA ASP C 198 10.97 -5.54 -27.87
C ASP C 198 10.53 -5.94 -26.47
N PRO C 199 10.66 -7.23 -26.12
CA PRO C 199 10.25 -7.61 -24.77
C PRO C 199 10.81 -6.78 -23.61
N LYS C 200 12.04 -6.25 -23.74
CA LYS C 200 12.60 -5.39 -22.72
C LYS C 200 11.76 -4.12 -22.54
N ALA C 201 11.34 -3.53 -23.65
CA ALA C 201 10.53 -2.32 -23.65
C ALA C 201 9.05 -2.58 -23.27
N VAL C 202 8.53 -3.73 -23.65
CA VAL C 202 7.18 -4.12 -23.25
C VAL C 202 7.16 -4.31 -21.74
N ARG C 203 8.23 -4.87 -21.21
CA ARG C 203 8.39 -5.00 -19.76
C ARG C 203 8.31 -3.68 -19.01
N ALA C 204 8.74 -2.58 -19.61
CA ALA C 204 8.63 -1.29 -18.94
C ALA C 204 7.16 -0.98 -18.64
N TRP C 205 6.27 -1.27 -19.58
CA TRP C 205 4.83 -1.09 -19.35
C TRP C 205 4.30 -1.98 -18.20
N GLU C 206 4.84 -3.20 -18.06
CA GLU C 206 4.44 -4.15 -17.01
C GLU C 206 4.75 -3.59 -15.62
N VAL C 207 5.97 -3.10 -15.45
CA VAL C 207 6.37 -2.51 -14.18
C VAL C 207 5.57 -1.22 -13.91
N PHE C 208 5.47 -0.38 -14.93
CA PHE C 208 4.67 0.86 -14.87
C PHE C 208 3.25 0.60 -14.39
N GLY C 209 2.62 -0.46 -14.90
CA GLY C 209 1.28 -0.84 -14.46
C GLY C 209 1.18 -1.12 -12.98
N ARG C 210 2.15 -1.85 -12.45
CA ARG C 210 2.17 -2.17 -11.03
C ARG C 210 2.37 -0.87 -10.22
N VAL C 211 3.23 0.01 -10.71
CA VAL C 211 3.49 1.29 -10.06
C VAL C 211 2.23 2.14 -10.04
N LEU C 212 1.53 2.14 -11.18
CA LEU C 212 0.31 2.92 -11.39
C LEU C 212 -0.82 2.47 -10.47
N ASP C 213 -0.88 1.18 -10.15
CA ASP C 213 -1.87 0.74 -9.16
C ASP C 213 -1.57 1.21 -7.72
N CYS C 214 -0.46 1.92 -7.52
CA CYS C 214 -0.19 2.55 -6.23
C CYS C 214 -0.65 4.01 -6.17
N ALA C 215 -1.21 4.53 -7.26
CA ALA C 215 -1.54 5.97 -7.36
C ALA C 215 -2.96 6.31 -6.97
N ASN C 216 -3.17 7.60 -6.73
CA ASN C 216 -4.49 8.13 -6.47
C ASN C 216 -5.39 8.02 -7.70
N LYS C 217 -6.63 7.58 -7.48
CA LYS C 217 -7.59 7.38 -8.57
C LYS C 217 -8.03 8.68 -9.25
N ASP C 218 -7.83 9.82 -8.59
CA ASP C 218 -8.26 11.11 -9.15
C ASP C 218 -7.16 11.85 -9.90
N ALA C 219 -6.08 11.15 -10.22
CA ALA C 219 -4.88 11.75 -10.90
C ALA C 219 -5.20 12.58 -12.16
N ALA C 220 -6.11 12.09 -13.00
CA ALA C 220 -6.33 12.69 -14.31
C ALA C 220 -6.64 14.17 -14.27
N GLY C 221 -7.32 14.62 -13.22
CA GLY C 221 -7.73 16.00 -13.11
C GLY C 221 -6.75 16.92 -12.40
N LEU C 222 -5.61 16.40 -11.97
CA LEU C 222 -4.70 17.14 -11.10
C LEU C 222 -3.51 17.74 -11.84
N SER C 223 -3.12 18.97 -11.48
CA SER C 223 -1.84 19.55 -11.93
C SER C 223 -0.68 18.88 -11.21
N TRP C 224 0.53 19.08 -11.73
CA TRP C 224 1.71 18.54 -11.08
C TRP C 224 1.89 19.14 -9.67
N GLN C 225 1.56 20.41 -9.51
CA GLN C 225 1.61 21.04 -8.17
C GLN C 225 0.63 20.35 -7.23
N GLN C 226 -0.55 20.04 -7.71
CA GLN C 226 -1.56 19.36 -6.88
C GLN C 226 -1.13 17.97 -6.46
N ALA C 227 -0.43 17.26 -7.34
CA ALA C 227 0.14 15.97 -6.98
C ALA C 227 1.23 16.14 -5.92
N VAL C 228 2.10 17.12 -6.06
CA VAL C 228 3.13 17.40 -5.01
C VAL C 228 2.46 17.69 -3.65
N ASP C 229 1.37 18.46 -3.68
CA ASP C 229 0.61 18.84 -2.49
C ASP C 229 0.12 17.60 -1.71
N ARG C 230 -0.24 16.54 -2.44
CA ARG C 230 -0.67 15.30 -1.81
C ARG C 230 0.42 14.74 -0.92
N VAL C 231 1.68 14.87 -1.33
CA VAL C 231 2.82 14.42 -0.53
C VAL C 231 3.09 15.37 0.64
N VAL C 232 3.00 16.67 0.40
CA VAL C 232 3.20 17.67 1.43
C VAL C 232 2.13 17.49 2.52
N GLN C 233 0.90 17.23 2.10
CA GLN C 233 -0.22 17.07 3.03
C GLN C 233 -0.37 15.66 3.62
N GLY C 234 0.56 14.76 3.31
CA GLY C 234 0.55 13.41 3.88
C GLY C 234 -0.55 12.49 3.36
N LYS C 235 -1.08 12.79 2.18
CA LYS C 235 -2.06 11.92 1.52
C LYS C 235 -1.37 10.97 0.55
N ALA C 236 -0.04 11.06 0.47
CA ALA C 236 0.76 10.21 -0.37
C ALA C 236 2.14 10.20 0.23
N ALA C 237 2.94 9.20 -0.13
CA ALA C 237 4.28 9.05 0.38
C ALA C 237 5.31 9.54 -0.61
N PHE C 238 5.02 9.35 -1.91
CA PHE C 238 5.98 9.62 -2.97
C PHE C 238 5.36 10.33 -4.16
N ASN C 239 6.20 11.11 -4.86
CA ASN C 239 5.86 11.71 -6.16
C ASN C 239 7.13 11.67 -7.01
N ILE C 240 6.97 11.29 -8.28
CA ILE C 240 8.04 11.27 -9.26
C ILE C 240 7.79 12.48 -10.18
N MET C 241 8.68 13.45 -10.14
CA MET C 241 8.46 14.72 -10.84
C MET C 241 9.79 15.46 -10.97
N GLY C 242 9.89 16.33 -11.97
CA GLY C 242 11.06 17.14 -12.18
C GLY C 242 11.31 18.11 -11.08
N ASP C 243 12.55 18.60 -10.96
CA ASP C 243 12.94 19.43 -9.80
C ASP C 243 12.38 20.87 -9.77
N TRP C 244 11.54 21.21 -10.73
CA TRP C 244 10.63 22.34 -10.56
C TRP C 244 9.77 22.15 -9.29
N ALA C 245 9.57 20.89 -8.90
CA ALA C 245 8.92 20.55 -7.64
C ALA C 245 9.68 21.10 -6.40
N ALA C 246 11.01 21.08 -6.43
CA ALA C 246 11.82 21.69 -5.35
C ALA C 246 11.57 23.20 -5.30
N GLY C 247 11.54 23.85 -6.48
CA GLY C 247 11.28 25.27 -6.57
C GLY C 247 9.95 25.61 -5.93
N TYR C 248 8.92 24.86 -6.26
CA TYR C 248 7.60 25.06 -5.74
C TYR C 248 7.56 24.89 -4.21
N MET C 249 8.15 23.82 -3.73
CA MET C 249 8.17 23.53 -2.30
C MET C 249 9.01 24.54 -1.50
N THR C 250 10.09 25.09 -2.06
CA THR C 250 10.89 26.11 -1.32
C THR C 250 10.30 27.50 -1.54
N THR C 251 10.33 27.97 -2.79
CA THR C 251 9.88 29.31 -3.15
C THR C 251 8.40 29.63 -2.86
N THR C 252 7.50 28.70 -3.14
CA THR C 252 6.08 28.92 -2.87
C THR C 252 5.69 28.42 -1.47
N LEU C 253 5.99 27.17 -1.14
CA LEU C 253 5.53 26.60 0.16
C LEU C 253 6.44 26.90 1.36
N LYS C 254 7.63 27.45 1.10
CA LYS C 254 8.51 27.89 2.18
C LYS C 254 8.95 26.70 3.04
N LEU C 255 9.10 25.52 2.43
CA LEU C 255 9.59 24.34 3.14
C LEU C 255 11.11 24.28 3.08
N LYS C 256 11.72 23.70 4.13
CA LYS C 256 13.18 23.61 4.26
C LYS C 256 13.69 22.32 3.63
N PRO C 257 14.52 22.42 2.57
CA PRO C 257 15.02 21.23 1.91
C PRO C 257 15.86 20.34 2.85
N GLY C 258 15.69 19.02 2.73
CA GLY C 258 16.38 18.07 3.60
C GLY C 258 15.59 17.78 4.86
N THR C 259 14.92 18.79 5.41
CA THR C 259 14.18 18.67 6.66
C THR C 259 12.67 18.53 6.47
N ASP C 260 12.04 19.48 5.77
CA ASP C 260 10.59 19.41 5.52
C ASP C 260 10.23 18.54 4.31
N PHE C 261 11.18 18.39 3.40
CA PHE C 261 11.05 17.40 2.33
C PHE C 261 12.44 16.90 2.00
N ALA C 262 12.46 15.80 1.28
CA ALA C 262 13.70 15.21 0.82
C ALA C 262 13.53 14.63 -0.60
N TRP C 263 14.62 14.09 -1.15
CA TRP C 263 14.66 13.62 -2.51
C TRP C 263 15.63 12.46 -2.72
N ALA C 264 15.34 11.67 -3.73
CA ALA C 264 16.26 10.66 -4.21
C ALA C 264 16.06 10.50 -5.70
N PRO C 265 17.04 9.90 -6.39
CA PRO C 265 16.71 9.57 -7.79
C PRO C 265 15.50 8.65 -7.86
N SER C 266 14.78 8.69 -8.98
CA SER C 266 13.70 7.75 -9.19
C SER C 266 14.28 6.34 -8.95
N PRO C 267 13.52 5.47 -8.27
CA PRO C 267 13.92 4.09 -8.02
C PRO C 267 14.52 3.41 -9.23
N GLY C 268 15.70 2.81 -9.03
CA GLY C 268 16.41 2.09 -10.06
C GLY C 268 17.12 2.95 -11.09
N THR C 269 17.26 4.26 -10.82
CA THR C 269 17.95 5.16 -11.76
C THR C 269 19.12 5.89 -11.11
N GLN C 270 19.41 5.57 -9.85
CA GLN C 270 20.59 6.13 -9.14
C GLN C 270 21.83 6.05 -10.02
N GLY C 271 22.57 7.14 -10.09
CA GLY C 271 23.71 7.24 -10.97
C GLY C 271 23.42 7.76 -12.35
N VAL C 272 22.13 7.93 -12.69
CA VAL C 272 21.75 8.48 -13.97
C VAL C 272 20.90 9.75 -13.75
N PHE C 273 21.15 10.75 -14.58
CA PHE C 273 20.49 12.05 -14.45
C PHE C 273 19.78 12.24 -15.79
N MET C 274 18.45 12.14 -15.77
CA MET C 274 17.69 12.32 -17.00
C MET C 274 17.42 13.81 -17.09
N MET C 275 18.08 14.45 -18.06
CA MET C 275 18.06 15.90 -18.08
C MET C 275 17.04 16.47 -19.06
N LEU C 276 16.76 17.74 -18.86
CA LEU C 276 16.12 18.56 -19.86
C LEU C 276 16.62 19.97 -19.65
N SER C 277 16.36 20.83 -20.62
CA SER C 277 16.82 22.22 -20.52
C SER C 277 15.86 23.18 -21.18
N ASP C 278 15.42 24.17 -20.39
CA ASP C 278 14.70 25.29 -20.93
C ASP C 278 15.68 26.23 -21.60
N SER C 279 15.35 26.66 -22.83
CA SER C 279 16.20 27.55 -23.57
C SER C 279 15.33 28.63 -24.26
N PHE C 280 16.00 29.70 -24.70
CA PHE C 280 15.38 30.75 -25.48
C PHE C 280 16.15 30.95 -26.77
N GLY C 281 15.45 30.98 -27.90
CA GLY C 281 16.11 31.31 -29.19
C GLY C 281 15.62 32.62 -29.76
N LEU C 282 15.96 32.84 -31.02
CA LEU C 282 15.57 34.06 -31.70
C LEU C 282 14.78 33.73 -32.97
N PRO C 283 13.44 33.77 -32.89
CA PRO C 283 12.70 33.51 -34.13
C PRO C 283 12.92 34.57 -35.20
N LYS C 284 13.01 34.13 -36.45
CA LYS C 284 12.98 35.05 -37.60
C LYS C 284 11.66 35.83 -37.54
N GLY C 285 11.71 37.12 -37.88
CA GLY C 285 10.52 37.96 -37.89
C GLY C 285 10.15 38.60 -36.55
N ALA C 286 10.97 38.38 -35.51
CA ALA C 286 10.77 39.06 -34.24
C ALA C 286 10.69 40.60 -34.46
N LYS C 287 9.67 41.20 -33.86
CA LYS C 287 9.49 42.65 -33.93
C LYS C 287 10.59 43.44 -33.23
N ASN C 288 11.11 42.90 -32.14
CA ASN C 288 12.12 43.57 -31.36
C ASN C 288 13.39 42.73 -31.23
N ARG C 289 14.02 42.46 -32.39
CA ARG C 289 15.22 41.62 -32.48
C ARG C 289 16.38 42.04 -31.55
N GLN C 290 16.65 43.34 -31.50
CA GLN C 290 17.76 43.85 -30.71
C GLN C 290 17.55 43.58 -29.24
N ASN C 291 16.34 43.85 -28.76
CA ASN C 291 16.04 43.66 -27.36
C ASN C 291 16.02 42.17 -27.00
N ALA C 292 15.59 41.35 -27.95
CA ALA C 292 15.62 39.88 -27.80
C ALA C 292 17.05 39.37 -27.66
N ILE C 293 17.95 39.84 -28.52
CA ILE C 293 19.36 39.47 -28.37
C ILE C 293 19.92 39.86 -26.98
N ASN C 294 19.58 41.05 -26.48
CA ASN C 294 20.00 41.46 -25.13
C ASN C 294 19.50 40.53 -24.04
N TRP C 295 18.25 40.08 -24.20
CA TRP C 295 17.66 39.03 -23.33
C TRP C 295 18.46 37.74 -23.40
N LEU C 296 18.77 37.29 -24.61
CA LEU C 296 19.61 36.09 -24.78
C LEU C 296 20.95 36.20 -24.09
N ARG C 297 21.62 37.36 -24.22
CA ARG C 297 22.87 37.62 -23.49
C ARG C 297 22.71 37.45 -21.97
N LEU C 298 21.59 37.92 -21.42
CA LEU C 298 21.30 37.80 -19.99
C LEU C 298 21.00 36.35 -19.62
N VAL C 299 20.12 35.73 -20.39
CA VAL C 299 19.75 34.33 -20.19
C VAL C 299 20.98 33.41 -20.07
N GLY C 300 21.97 33.64 -20.93
CA GLY C 300 23.15 32.79 -20.96
C GLY C 300 24.27 33.20 -20.02
N SER C 301 24.02 34.19 -19.16
CA SER C 301 25.05 34.80 -18.31
C SER C 301 25.00 34.16 -16.93
N LYS C 302 26.13 34.13 -16.25
CA LYS C 302 26.18 33.57 -14.91
C LYS C 302 25.31 34.37 -13.94
N GLU C 303 25.33 35.68 -14.05
CA GLU C 303 24.47 36.53 -13.21
C GLU C 303 22.96 36.21 -13.40
N GLY C 304 22.54 36.09 -14.65
CA GLY C 304 21.15 35.74 -14.94
C GLY C 304 20.75 34.39 -14.35
N GLN C 305 21.54 33.36 -14.68
CA GLN C 305 21.24 31.99 -14.25
C GLN C 305 21.28 31.75 -12.73
N ASP C 306 22.19 32.42 -12.04
CA ASP C 306 22.32 32.27 -10.59
C ASP C 306 21.35 33.20 -9.86
N THR C 307 20.79 34.17 -10.57
CA THR C 307 19.66 34.93 -10.03
C THR C 307 18.36 34.12 -10.11
N SER C 308 18.08 33.52 -11.25
CA SER C 308 16.76 32.89 -11.49
C SER C 308 16.63 31.43 -11.03
N ASN C 309 17.63 30.60 -11.31
CA ASN C 309 17.51 29.18 -11.06
C ASN C 309 17.33 28.76 -9.59
N PRO C 310 17.98 29.47 -8.65
CA PRO C 310 17.70 29.17 -7.25
C PRO C 310 16.23 29.28 -6.83
N LEU C 311 15.45 30.11 -7.51
CA LEU C 311 14.02 30.19 -7.30
C LEU C 311 13.26 29.04 -7.96
N LYS C 312 13.81 28.50 -9.06
CA LYS C 312 13.09 27.59 -9.97
C LYS C 312 13.15 26.12 -9.51
N GLY C 313 14.26 25.74 -8.90
CA GLY C 313 14.52 24.34 -8.56
C GLY C 313 15.46 23.66 -9.54
N SER C 314 15.59 24.22 -10.73
CA SER C 314 16.62 23.77 -11.68
C SER C 314 18.00 24.22 -11.23
N ILE C 315 19.03 23.70 -11.90
CA ILE C 315 20.37 24.24 -11.72
C ILE C 315 20.71 25.10 -12.93
N ALA C 316 21.82 25.82 -12.85
CA ALA C 316 22.35 26.55 -13.98
C ALA C 316 22.89 25.63 -15.07
N ALA C 317 22.76 26.08 -16.31
CA ALA C 317 23.39 25.40 -17.43
C ALA C 317 24.90 25.69 -17.49
N ARG C 318 25.29 26.84 -16.93
CA ARG C 318 26.69 27.27 -16.96
C ARG C 318 27.62 26.47 -16.03
N LEU C 319 28.78 26.09 -16.59
CA LEU C 319 29.79 25.35 -15.86
C LEU C 319 30.29 26.17 -14.65
N ASP C 320 30.30 27.50 -14.79
CA ASP C 320 30.88 28.37 -13.76
C ASP C 320 29.90 28.84 -12.68
N SER C 321 28.69 28.27 -12.66
CA SER C 321 27.67 28.61 -11.67
C SER C 321 28.20 28.49 -10.24
N ASP C 322 27.72 29.37 -9.37
CA ASP C 322 28.17 29.49 -7.99
C ASP C 322 27.27 28.64 -7.08
N PRO C 323 27.75 27.47 -6.65
CA PRO C 323 26.92 26.62 -5.79
C PRO C 323 26.40 27.28 -4.52
N SER C 324 27.12 28.30 -4.01
CA SER C 324 26.67 29.00 -2.78
C SER C 324 25.36 29.75 -2.93
N LYS C 325 24.95 30.01 -4.18
CA LYS C 325 23.64 30.60 -4.47
C LYS C 325 22.46 29.62 -4.35
N TYR C 326 22.74 28.33 -4.16
CA TYR C 326 21.71 27.28 -4.27
C TYR C 326 21.49 26.66 -2.92
N ASN C 327 20.25 26.28 -2.64
CA ASN C 327 19.95 25.55 -1.41
C ASN C 327 20.49 24.11 -1.48
N ALA C 328 20.11 23.31 -0.49
CA ALA C 328 20.58 21.95 -0.35
C ALA C 328 20.20 21.09 -1.54
N TYR C 329 18.99 21.30 -2.07
CA TYR C 329 18.57 20.52 -3.24
C TYR C 329 19.45 20.89 -4.44
N GLY C 330 19.50 22.20 -4.72
CA GLY C 330 20.26 22.71 -5.86
C GLY C 330 21.72 22.30 -5.86
N GLN C 331 22.33 22.28 -4.67
CA GLN C 331 23.72 21.83 -4.56
C GLN C 331 23.85 20.34 -4.88
N SER C 332 22.90 19.57 -4.38
CA SER C 332 22.87 18.13 -4.67
C SER C 332 22.74 17.83 -6.17
N ALA C 333 21.84 18.55 -6.83
CA ALA C 333 21.65 18.33 -8.27
C ALA C 333 22.90 18.72 -9.04
N MET C 334 23.58 19.79 -8.60
CA MET C 334 24.81 20.25 -9.26
C MET C 334 25.88 19.17 -9.26
N ARG C 335 26.00 18.46 -8.15
CA ARG C 335 26.98 17.36 -8.01
C ARG C 335 26.66 16.14 -8.91
N ASP C 336 25.39 15.75 -8.92
CA ASP C 336 24.95 14.65 -9.78
C ASP C 336 25.08 14.99 -11.25
N TRP C 337 24.78 16.24 -11.61
CA TRP C 337 24.93 16.69 -12.99
C TRP C 337 26.37 16.56 -13.47
N ARG C 338 27.32 16.74 -12.55
CA ARG C 338 28.74 16.72 -12.90
C ARG C 338 29.38 15.33 -12.86
N SER C 339 28.74 14.40 -12.16
CA SER C 339 29.27 13.04 -11.99
C SER C 339 28.47 11.93 -12.70
N ASN C 340 27.14 12.10 -12.84
CA ASN C 340 26.28 10.99 -13.29
C ASN C 340 26.40 10.73 -14.75
N ARG C 341 25.89 9.58 -15.16
CA ARG C 341 25.65 9.33 -16.56
C ARG C 341 24.42 10.15 -17.00
N ILE C 342 24.53 10.88 -18.11
CA ILE C 342 23.45 11.75 -18.58
C ILE C 342 22.67 11.12 -19.71
N VAL C 343 21.34 11.11 -19.55
CA VAL C 343 20.42 10.81 -20.62
C VAL C 343 19.37 11.94 -20.72
N GLY C 344 18.62 11.95 -21.81
CA GLY C 344 17.58 12.97 -22.02
C GLY C 344 16.17 12.50 -21.73
N SER C 345 15.31 13.49 -21.44
CA SER C 345 13.88 13.32 -21.22
C SER C 345 13.17 13.21 -22.53
N LEU C 346 12.22 12.29 -22.58
CA LEU C 346 11.22 12.24 -23.65
C LEU C 346 10.14 13.32 -23.49
N VAL C 347 9.52 13.36 -22.32
CA VAL C 347 8.35 14.19 -22.06
C VAL C 347 8.74 15.68 -22.12
N HIS C 348 10.01 15.99 -21.82
CA HIS C 348 10.50 17.37 -21.85
C HIS C 348 11.53 17.67 -22.96
N GLY C 349 11.35 17.01 -24.10
CA GLY C 349 11.87 17.53 -25.36
C GLY C 349 13.28 17.16 -25.79
N ALA C 350 14.04 16.50 -24.93
CA ALA C 350 15.42 16.22 -25.24
C ALA C 350 15.60 15.16 -26.35
N VAL C 351 14.87 14.05 -26.30
CA VAL C 351 15.31 12.85 -27.06
C VAL C 351 14.46 12.44 -28.24
N ALA C 352 13.22 12.91 -28.30
CA ALA C 352 12.31 12.53 -29.36
C ALA C 352 11.73 13.75 -30.05
N PRO C 353 11.42 13.63 -31.35
CA PRO C 353 10.76 14.77 -31.99
C PRO C 353 9.36 15.01 -31.43
N GLU C 354 8.89 16.24 -31.60
CA GLU C 354 7.60 16.65 -31.11
C GLU C 354 6.47 15.83 -31.75
N SER C 355 6.73 15.31 -32.94
CA SER C 355 5.77 14.47 -33.66
C SER C 355 5.50 13.17 -32.89
N PHE C 356 6.52 12.67 -32.18
CA PHE C 356 6.34 11.53 -31.33
C PHE C 356 5.78 11.97 -29.97
N MET C 357 6.40 12.99 -29.39
CA MET C 357 6.00 13.48 -28.06
C MET C 357 4.52 13.74 -28.01
N SER C 358 4.03 14.39 -29.08
CA SER C 358 2.67 14.87 -29.15
C SER C 358 1.65 13.75 -29.17
N GLN C 359 2.04 12.58 -29.68
CA GLN C 359 1.16 11.43 -29.76
C GLN C 359 1.33 10.42 -28.61
N PHE C 360 2.37 10.61 -27.79
CA PHE C 360 2.64 9.62 -26.74
C PHE C 360 1.56 9.65 -25.67
N GLY C 361 0.94 10.80 -25.50
CA GLY C 361 -0.21 10.94 -24.63
C GLY C 361 -1.35 10.00 -24.98
N THR C 362 -1.55 9.79 -26.29
CA THR C 362 -2.57 8.86 -26.79
C THR C 362 -2.24 7.40 -26.46
N VAL C 363 -0.97 7.05 -26.55
CA VAL C 363 -0.49 5.74 -26.13
C VAL C 363 -0.75 5.56 -24.63
N MET C 364 -0.37 6.57 -23.86
CA MET C 364 -0.57 6.55 -22.40
C MET C 364 -2.05 6.32 -22.05
N GLU C 365 -2.96 6.96 -22.79
CA GLU C 365 -4.36 6.85 -22.51
C GLU C 365 -4.87 5.42 -22.78
N ILE C 366 -4.40 4.79 -23.85
CA ILE C 366 -4.66 3.36 -24.11
C ILE C 366 -4.22 2.51 -22.90
N PHE C 367 -3.02 2.74 -22.41
CA PHE C 367 -2.54 1.99 -21.26
C PHE C 367 -3.40 2.26 -20.03
N LEU C 368 -3.78 3.51 -19.82
CA LEU C 368 -4.61 3.88 -18.69
C LEU C 368 -5.96 3.15 -18.69
N GLN C 369 -6.57 3.02 -19.86
CA GLN C 369 -7.85 2.35 -19.99
C GLN C 369 -7.73 0.81 -19.90
N THR C 370 -6.69 0.25 -20.52
CA THR C 370 -6.58 -1.21 -20.61
C THR C 370 -5.59 -1.81 -19.60
N ARG C 371 -4.60 -1.02 -19.19
CA ARG C 371 -3.45 -1.51 -18.47
C ARG C 371 -2.84 -2.73 -19.21
N ASN C 372 -2.87 -2.68 -20.53
CA ASN C 372 -2.40 -3.78 -21.39
C ASN C 372 -1.02 -3.41 -21.98
N PRO C 373 0.06 -4.04 -21.47
CA PRO C 373 1.43 -3.70 -21.87
C PRO C 373 1.68 -3.88 -23.37
N GLN C 374 1.20 -5.00 -23.94
CA GLN C 374 1.37 -5.21 -25.38
C GLN C 374 0.63 -4.20 -26.25
N ALA C 375 -0.58 -3.80 -25.85
CA ALA C 375 -1.36 -2.85 -26.62
C ALA C 375 -0.69 -1.47 -26.63
N ALA C 376 -0.08 -1.10 -25.50
CA ALA C 376 0.61 0.18 -25.38
C ALA C 376 1.93 0.16 -26.17
N ALA C 377 2.70 -0.90 -26.00
CA ALA C 377 3.93 -1.07 -26.78
C ALA C 377 3.64 -1.04 -28.30
N ASN C 378 2.62 -1.77 -28.74
CA ASN C 378 2.21 -1.75 -30.14
C ASN C 378 1.85 -0.34 -30.63
N ALA C 379 1.13 0.42 -29.81
CA ALA C 379 0.74 1.78 -30.22
C ALA C 379 1.94 2.73 -30.30
N ALA C 380 2.87 2.59 -29.36
CA ALA C 380 4.09 3.38 -29.33
C ALA C 380 4.96 3.11 -30.57
N GLN C 381 5.13 1.83 -30.90
CA GLN C 381 5.86 1.45 -32.11
C GLN C 381 5.18 1.95 -33.38
N ALA C 382 3.87 1.91 -33.44
CA ALA C 382 3.18 2.48 -34.62
C ALA C 382 3.53 3.97 -34.82
N ILE C 383 3.69 4.71 -33.72
CA ILE C 383 4.04 6.13 -33.78
C ILE C 383 5.49 6.24 -34.21
N ALA C 384 6.37 5.49 -33.54
CA ALA C 384 7.79 5.48 -33.91
C ALA C 384 7.96 5.22 -35.41
N ASP C 385 7.20 4.27 -35.95
CA ASP C 385 7.27 3.91 -37.36
C ASP C 385 6.76 5.01 -38.28
N GLN C 386 5.68 5.67 -37.87
CA GLN C 386 5.08 6.77 -38.60
C GLN C 386 6.01 7.98 -38.70
N VAL C 387 6.57 8.39 -37.56
CA VAL C 387 7.50 9.53 -37.50
C VAL C 387 8.93 9.14 -37.89
N GLY C 388 9.20 7.84 -37.97
CA GLY C 388 10.52 7.36 -38.33
C GLY C 388 11.62 7.70 -37.35
N LEU C 389 11.47 7.30 -36.09
CA LEU C 389 12.49 7.58 -35.06
C LEU C 389 13.88 7.14 -35.47
N GLY C 390 14.86 7.98 -35.14
CA GLY C 390 16.26 7.71 -35.45
C GLY C 390 16.71 8.28 -36.78
N ARG C 391 15.87 9.07 -37.44
CA ARG C 391 16.24 9.69 -38.73
C ARG C 391 16.88 11.10 -38.58
N LEU C 392 16.47 11.87 -37.57
CA LEU C 392 17.12 13.17 -37.28
C LEU C 392 18.33 12.98 -36.36
N MET D 1 16.23 -20.72 -54.76
CA MET D 1 16.75 -21.87 -53.96
C MET D 1 17.26 -21.27 -52.64
N LYS D 2 16.63 -21.64 -51.52
CA LYS D 2 16.91 -21.00 -50.22
C LYS D 2 16.97 -21.95 -49.04
N LEU D 3 17.62 -21.49 -47.99
CA LEU D 3 17.61 -22.19 -46.70
C LEU D 3 17.58 -21.13 -45.59
N GLU D 4 16.56 -21.22 -44.73
CA GLU D 4 16.46 -20.33 -43.55
C GLU D 4 16.82 -21.07 -42.25
N ILE D 5 17.97 -20.71 -41.69
CA ILE D 5 18.49 -21.29 -40.48
C ILE D 5 18.16 -20.33 -39.35
N PHE D 6 17.42 -20.81 -38.36
CA PHE D 6 17.05 -20.00 -37.19
C PHE D 6 17.93 -20.36 -35.98
N SER D 7 18.50 -19.36 -35.31
CA SER D 7 19.39 -19.60 -34.18
C SER D 7 19.55 -18.36 -33.29
N TRP D 8 20.32 -18.50 -32.22
CA TRP D 8 20.74 -17.32 -31.45
C TRP D 8 22.24 -17.06 -31.50
N TRP D 9 22.88 -17.52 -32.59
CA TRP D 9 24.31 -17.36 -32.74
C TRP D 9 24.63 -16.03 -33.47
N ALA D 10 24.15 -14.95 -32.87
CA ALA D 10 24.34 -13.59 -33.35
C ALA D 10 25.67 -13.05 -32.92
N GLY D 11 26.17 -12.08 -33.67
CA GLY D 11 27.34 -11.29 -33.24
C GLY D 11 28.54 -12.18 -33.03
N ASP D 12 29.19 -12.10 -31.86
CA ASP D 12 30.43 -12.84 -31.67
C ASP D 12 30.20 -14.32 -31.39
N GLU D 13 28.94 -14.72 -31.29
CA GLU D 13 28.60 -16.12 -31.24
C GLU D 13 28.54 -16.74 -32.64
N GLY D 14 28.58 -15.91 -33.69
CA GLY D 14 28.37 -16.36 -35.07
C GLY D 14 29.47 -17.11 -35.81
N PRO D 15 30.74 -16.94 -35.44
CA PRO D 15 31.84 -17.55 -36.25
C PRO D 15 31.75 -19.03 -36.60
N ALA D 16 31.44 -19.86 -35.60
CA ALA D 16 31.23 -21.29 -35.82
C ALA D 16 30.12 -21.58 -36.82
N LEU D 17 28.95 -20.95 -36.64
CA LEU D 17 27.85 -21.04 -37.60
C LEU D 17 28.26 -20.55 -38.98
N GLU D 18 28.92 -19.39 -39.02
CA GLU D 18 29.32 -18.75 -40.28
C GLU D 18 30.24 -19.68 -41.10
N ALA D 19 31.19 -20.31 -40.41
CA ALA D 19 32.01 -21.39 -40.96
C ALA D 19 31.17 -22.56 -41.55
N LEU D 20 30.18 -23.02 -40.82
CA LEU D 20 29.30 -24.09 -41.31
C LEU D 20 28.56 -23.66 -42.56
N ILE D 21 28.10 -22.41 -42.57
CA ILE D 21 27.36 -21.89 -43.70
C ILE D 21 28.27 -21.81 -44.93
N ARG D 22 29.53 -21.43 -44.74
CA ARG D 22 30.47 -21.36 -45.85
C ARG D 22 30.73 -22.73 -46.46
N LEU D 23 30.87 -23.73 -45.61
CA LEU D 23 30.94 -25.12 -46.04
C LEU D 23 29.69 -25.56 -46.85
N TYR D 24 28.50 -25.27 -46.31
CA TYR D 24 27.24 -25.56 -46.99
C TYR D 24 27.20 -24.93 -48.38
N LYS D 25 27.60 -23.64 -48.46
CA LYS D 25 27.58 -22.90 -49.72
C LYS D 25 28.58 -23.50 -50.74
N GLN D 26 29.71 -24.01 -50.26
CA GLN D 26 30.66 -24.71 -51.10
C GLN D 26 30.01 -25.95 -51.72
N LYS D 27 29.30 -26.70 -50.92
CA LYS D 27 28.66 -27.93 -51.40
C LYS D 27 27.46 -27.66 -52.30
N TYR D 28 26.74 -26.58 -52.01
CA TYR D 28 25.48 -26.27 -52.67
C TYR D 28 25.51 -24.79 -53.07
N PRO D 29 26.21 -24.48 -54.17
CA PRO D 29 26.41 -23.08 -54.54
C PRO D 29 25.14 -22.32 -54.91
N GLY D 30 24.08 -23.03 -55.28
CA GLY D 30 22.82 -22.39 -55.67
C GLY D 30 21.96 -21.80 -54.55
N VAL D 31 22.25 -22.17 -53.31
CA VAL D 31 21.35 -21.90 -52.18
C VAL D 31 21.66 -20.55 -51.56
N GLU D 32 20.65 -19.69 -51.53
CA GLU D 32 20.68 -18.49 -50.72
C GLU D 32 20.43 -18.88 -49.24
N VAL D 33 21.44 -18.76 -48.41
CA VAL D 33 21.29 -19.07 -47.00
C VAL D 33 20.91 -17.82 -46.20
N ILE D 34 19.73 -17.86 -45.59
CA ILE D 34 19.29 -16.80 -44.68
C ILE D 34 19.64 -17.20 -43.24
N ASN D 35 20.58 -16.45 -42.67
CA ASN D 35 21.06 -16.65 -41.32
C ASN D 35 20.15 -15.85 -40.38
N ALA D 36 19.02 -16.48 -40.00
CA ALA D 36 18.02 -15.84 -39.15
C ALA D 36 18.34 -15.98 -37.66
N THR D 37 19.19 -15.10 -37.16
CA THR D 37 19.51 -15.09 -35.73
C THR D 37 18.56 -14.18 -34.95
N VAL D 38 18.35 -14.54 -33.68
CA VAL D 38 17.65 -13.69 -32.72
C VAL D 38 18.59 -13.52 -31.54
N THR D 39 19.13 -12.31 -31.38
CA THR D 39 20.13 -12.05 -30.34
C THR D 39 19.53 -12.22 -28.95
N GLY D 40 20.33 -12.81 -28.07
CA GLY D 40 19.90 -13.13 -26.72
C GLY D 40 20.58 -14.38 -26.20
N GLY D 41 21.41 -14.21 -25.17
CA GLY D 41 22.11 -15.35 -24.58
C GLY D 41 21.17 -16.49 -24.18
N ALA D 42 21.64 -17.72 -24.39
CA ALA D 42 20.93 -18.95 -23.99
C ALA D 42 19.53 -19.11 -24.59
N GLY D 43 19.30 -18.39 -25.68
CA GLY D 43 18.11 -18.57 -26.48
C GLY D 43 16.82 -18.08 -25.88
N VAL D 44 16.90 -17.31 -24.82
CA VAL D 44 15.68 -16.82 -24.18
C VAL D 44 14.86 -16.01 -25.20
N ASN D 45 15.46 -15.02 -25.84
CA ASN D 45 14.73 -14.22 -26.82
C ASN D 45 14.29 -15.00 -28.08
N ALA D 46 15.17 -15.88 -28.55
CA ALA D 46 14.92 -16.69 -29.73
C ALA D 46 13.72 -17.61 -29.55
N ARG D 47 13.59 -18.21 -28.38
CA ARG D 47 12.44 -19.06 -28.04
C ARG D 47 11.10 -18.43 -28.28
N ALA D 48 10.94 -17.20 -27.77
CA ALA D 48 9.71 -16.43 -27.95
C ALA D 48 9.42 -16.12 -29.42
N VAL D 49 10.46 -15.69 -30.12
CA VAL D 49 10.31 -15.35 -31.53
C VAL D 49 9.90 -16.63 -32.25
N LEU D 50 10.61 -17.72 -31.97
CA LEU D 50 10.33 -18.98 -32.64
C LEU D 50 8.90 -19.43 -32.37
N LYS D 51 8.48 -19.28 -31.12
CA LYS D 51 7.14 -19.71 -30.72
C LYS D 51 6.06 -19.02 -31.55
N THR D 52 6.22 -17.71 -31.74
CA THR D 52 5.28 -16.90 -32.51
C THR D 52 5.20 -17.41 -33.96
N ARG D 53 6.36 -17.71 -34.54
CA ARG D 53 6.45 -18.23 -35.90
C ARG D 53 5.83 -19.57 -36.09
N MET D 54 6.15 -20.49 -35.20
CA MET D 54 5.67 -21.85 -35.25
C MET D 54 4.16 -21.88 -35.05
N LEU D 55 3.66 -21.14 -34.07
CA LEU D 55 2.21 -21.07 -33.83
C LEU D 55 1.49 -20.29 -34.97
N GLY D 56 2.20 -19.36 -35.60
CA GLY D 56 1.66 -18.69 -36.76
C GLY D 56 1.72 -19.52 -38.05
N GLY D 57 2.21 -20.75 -37.98
CA GLY D 57 2.32 -21.63 -39.13
C GLY D 57 3.41 -21.24 -40.11
N ASP D 58 4.50 -20.66 -39.59
CA ASP D 58 5.59 -20.13 -40.40
C ASP D 58 6.95 -20.67 -39.87
N PRO D 59 7.13 -21.99 -39.87
CA PRO D 59 8.40 -22.51 -39.35
C PRO D 59 9.57 -22.04 -40.21
N PRO D 60 10.76 -21.89 -39.59
CA PRO D 60 11.96 -21.75 -40.43
C PRO D 60 12.28 -23.14 -40.99
N ASP D 61 13.31 -23.26 -41.83
CA ASP D 61 13.66 -24.58 -42.39
C ASP D 61 14.31 -25.51 -41.37
N THR D 62 14.98 -24.92 -40.38
CA THR D 62 15.52 -25.64 -39.25
C THR D 62 15.81 -24.61 -38.16
N PHE D 63 15.90 -25.06 -36.91
CA PHE D 63 16.20 -24.17 -35.80
C PHE D 63 17.05 -24.82 -34.72
N GLN D 64 17.96 -24.02 -34.16
CA GLN D 64 18.78 -24.41 -33.04
C GLN D 64 17.88 -24.76 -31.89
N VAL D 65 18.13 -25.92 -31.28
CA VAL D 65 17.31 -26.37 -30.19
C VAL D 65 18.15 -27.31 -29.36
N HIS D 66 17.98 -27.23 -28.04
CA HIS D 66 18.71 -28.11 -27.14
C HIS D 66 18.16 -29.54 -27.10
N ALA D 67 19.08 -30.48 -27.18
CA ALA D 67 18.76 -31.87 -26.96
C ALA D 67 18.25 -32.08 -25.53
N GLY D 68 17.21 -32.90 -25.41
CA GLY D 68 16.61 -33.27 -24.13
C GLY D 68 15.17 -32.77 -24.03
N MET D 69 14.77 -32.42 -22.82
CA MET D 69 13.41 -32.01 -22.57
C MET D 69 12.96 -30.69 -23.23
N GLU D 70 13.90 -29.79 -23.49
CA GLU D 70 13.56 -28.56 -24.20
C GLU D 70 12.97 -28.97 -25.54
N LEU D 71 13.67 -29.82 -26.29
CA LEU D 71 13.23 -30.30 -27.60
C LEU D 71 11.89 -31.07 -27.50
N ILE D 72 11.86 -32.07 -26.63
CA ILE D 72 10.75 -33.02 -26.54
C ILE D 72 9.43 -32.37 -26.08
N GLY D 73 9.51 -31.59 -24.98
CA GLY D 73 8.33 -31.06 -24.33
C GLY D 73 7.71 -29.84 -24.97
N THR D 74 8.35 -29.33 -26.02
CA THR D 74 7.80 -28.19 -26.77
C THR D 74 7.33 -28.65 -28.18
N TRP D 75 8.22 -28.83 -29.14
CA TRP D 75 7.78 -29.04 -30.54
C TRP D 75 7.55 -30.51 -30.92
N VAL D 76 8.17 -31.44 -30.20
CA VAL D 76 7.99 -32.85 -30.46
C VAL D 76 6.64 -33.36 -29.89
N VAL D 77 6.32 -33.02 -28.63
CA VAL D 77 5.02 -33.45 -28.10
C VAL D 77 3.89 -32.75 -28.85
N ALA D 78 4.19 -31.62 -29.47
CA ALA D 78 3.22 -30.89 -30.27
C ALA D 78 3.15 -31.45 -31.70
N ASN D 79 3.87 -32.54 -31.98
CA ASN D 79 3.84 -33.17 -33.31
C ASN D 79 4.17 -32.17 -34.46
N ARG D 80 5.16 -31.31 -34.20
CA ARG D 80 5.58 -30.29 -35.17
C ARG D 80 6.89 -30.63 -35.88
N MET D 81 7.54 -31.72 -35.48
CA MET D 81 8.86 -32.11 -36.01
C MET D 81 8.75 -33.40 -36.79
N GLU D 82 9.61 -33.56 -37.80
CA GLU D 82 9.72 -34.81 -38.56
C GLU D 82 10.66 -35.77 -37.85
N ASP D 83 10.27 -37.04 -37.82
CA ASP D 83 11.12 -38.10 -37.29
C ASP D 83 12.30 -38.27 -38.25
N LEU D 84 13.51 -38.24 -37.69
CA LEU D 84 14.74 -38.33 -38.47
C LEU D 84 15.38 -39.74 -38.44
N SER D 85 14.68 -40.70 -37.86
CA SER D 85 15.16 -42.09 -37.77
C SER D 85 15.69 -42.61 -39.10
N ALA D 86 14.94 -42.38 -40.18
CA ALA D 86 15.38 -42.85 -41.50
C ALA D 86 16.64 -42.13 -41.97
N LEU D 87 16.75 -40.84 -41.66
CA LEU D 87 17.96 -40.08 -41.98
C LEU D 87 19.18 -40.59 -41.23
N PHE D 88 19.01 -40.85 -39.94
CA PHE D 88 20.06 -41.46 -39.13
C PHE D 88 20.47 -42.83 -39.69
N ARG D 89 19.50 -43.64 -40.07
CA ARG D 89 19.80 -44.94 -40.73
C ARG D 89 20.65 -44.69 -41.97
N GLN D 90 20.18 -43.81 -42.86
CA GLN D 90 20.87 -43.48 -44.11
C GLN D 90 22.29 -42.98 -43.95
N GLU D 91 22.52 -42.13 -42.95
CA GLU D 91 23.79 -41.47 -42.76
C GLU D 91 24.72 -42.25 -41.86
N GLY D 92 24.23 -43.35 -41.30
CA GLY D 92 25.02 -44.18 -40.42
C GLY D 92 25.25 -43.57 -39.05
N TRP D 93 24.27 -42.81 -38.56
CA TRP D 93 24.45 -42.02 -37.32
C TRP D 93 24.12 -42.70 -36.00
N LEU D 94 23.38 -43.81 -36.00
CA LEU D 94 22.97 -44.41 -34.71
C LEU D 94 24.18 -44.90 -33.91
N GLN D 95 25.25 -45.23 -34.61
CA GLN D 95 26.49 -45.64 -33.94
C GLN D 95 27.58 -44.56 -33.99
N ALA D 96 27.20 -43.35 -34.44
CA ALA D 96 28.14 -42.22 -34.61
C ALA D 96 28.18 -41.24 -33.43
N PHE D 97 27.21 -41.37 -32.51
CA PHE D 97 27.05 -40.46 -31.39
C PHE D 97 26.93 -41.33 -30.14
N PRO D 98 27.32 -40.79 -28.96
CA PRO D 98 27.16 -41.54 -27.72
C PRO D 98 25.73 -41.93 -27.46
N LYS D 99 25.53 -43.10 -26.87
CA LYS D 99 24.19 -43.64 -26.66
C LYS D 99 23.35 -42.72 -25.76
N GLY D 100 23.98 -42.12 -24.76
CA GLY D 100 23.30 -41.14 -23.88
C GLY D 100 22.77 -39.91 -24.61
N LEU D 101 23.52 -39.44 -25.60
CA LEU D 101 23.09 -38.30 -26.42
C LEU D 101 21.96 -38.76 -27.36
N ILE D 102 22.07 -39.98 -27.88
CA ILE D 102 20.96 -40.56 -28.65
C ILE D 102 19.70 -40.60 -27.80
N ASP D 103 19.81 -41.04 -26.54
CA ASP D 103 18.63 -41.12 -25.68
C ASP D 103 17.99 -39.75 -25.48
N LEU D 104 18.84 -38.72 -25.39
CA LEU D 104 18.39 -37.34 -25.19
C LEU D 104 17.55 -36.75 -26.35
N ILE D 105 17.86 -37.16 -27.58
CA ILE D 105 17.13 -36.70 -28.77
C ILE D 105 15.98 -37.63 -29.21
N SER D 106 15.75 -38.70 -28.45
CA SER D 106 14.75 -39.73 -28.77
C SER D 106 13.50 -39.60 -27.91
N TYR D 107 12.35 -39.89 -28.49
CA TYR D 107 11.11 -39.90 -27.73
C TYR D 107 10.06 -40.70 -28.43
N LYS D 108 9.33 -41.51 -27.66
CA LYS D 108 8.31 -42.43 -28.16
C LYS D 108 8.74 -43.13 -29.46
N GLY D 109 9.99 -43.60 -29.48
CA GLY D 109 10.56 -44.33 -30.61
C GLY D 109 11.16 -43.48 -31.73
N GLY D 110 10.81 -42.19 -31.78
CA GLY D 110 11.35 -41.32 -32.84
C GLY D 110 12.68 -40.69 -32.45
N ILE D 111 13.42 -40.22 -33.45
CA ILE D 111 14.64 -39.42 -33.22
C ILE D 111 14.41 -38.05 -33.84
N TRP D 112 14.58 -36.99 -33.05
CA TRP D 112 13.93 -35.71 -33.38
C TRP D 112 14.87 -34.53 -33.77
N SER D 113 16.17 -34.68 -33.54
CA SER D 113 17.15 -33.70 -34.01
C SER D 113 18.54 -34.31 -34.24
N VAL D 114 19.42 -33.50 -34.83
CA VAL D 114 20.79 -33.87 -35.07
C VAL D 114 21.69 -33.03 -34.18
N PRO D 115 22.41 -33.66 -33.23
CA PRO D 115 23.27 -32.86 -32.37
C PRO D 115 24.57 -32.44 -33.11
N VAL D 116 24.91 -31.17 -32.97
CA VAL D 116 26.09 -30.61 -33.65
C VAL D 116 27.31 -30.49 -32.75
N ASN D 117 27.08 -30.51 -31.45
CA ASN D 117 28.14 -30.31 -30.48
C ASN D 117 27.78 -30.80 -29.09
N ILE D 118 28.74 -30.66 -28.19
CA ILE D 118 28.54 -30.85 -26.76
C ILE D 118 29.17 -29.63 -26.08
N HIS D 119 28.38 -28.90 -25.30
CA HIS D 119 28.93 -27.82 -24.45
C HIS D 119 28.89 -28.33 -23.01
N ARG D 120 29.78 -27.78 -22.20
CA ARG D 120 29.85 -28.03 -20.79
C ARG D 120 29.42 -26.77 -20.08
N SER D 121 28.59 -26.96 -19.07
CA SER D 121 28.02 -25.86 -18.29
C SER D 121 28.89 -25.46 -17.13
N ASN D 122 29.39 -26.46 -16.43
CA ASN D 122 29.98 -26.25 -15.09
C ASN D 122 31.49 -26.03 -15.18
N VAL D 123 31.88 -24.91 -15.77
CA VAL D 123 33.30 -24.55 -15.91
C VAL D 123 33.55 -23.20 -15.27
N MET D 124 34.66 -23.10 -14.54
CA MET D 124 35.10 -21.85 -13.94
C MET D 124 36.32 -21.26 -14.69
N TRP D 125 36.20 -20.02 -15.11
CA TRP D 125 37.22 -19.37 -15.91
C TRP D 125 37.99 -18.36 -15.04
N TYR D 126 39.28 -18.22 -15.32
CA TYR D 126 40.16 -17.33 -14.57
C TYR D 126 41.43 -17.04 -15.34
N LEU D 127 42.18 -16.05 -14.87
CA LEU D 127 43.44 -15.67 -15.49
C LEU D 127 44.59 -16.13 -14.57
N PRO D 128 45.35 -17.17 -14.97
CA PRO D 128 46.42 -17.63 -14.10
C PRO D 128 47.35 -16.48 -13.60
N ALA D 129 47.65 -15.52 -14.46
CA ALA D 129 48.53 -14.41 -14.15
C ALA D 129 47.94 -13.47 -13.09
N LYS D 130 46.62 -13.25 -13.13
CA LYS D 130 45.95 -12.42 -12.10
C LYS D 130 45.90 -13.12 -10.76
N LEU D 131 45.57 -14.41 -10.76
CA LEU D 131 45.54 -15.17 -9.52
C LEU D 131 46.93 -15.26 -8.86
N LYS D 132 47.95 -15.47 -9.68
CA LYS D 132 49.34 -15.46 -9.20
C LYS D 132 49.67 -14.09 -8.56
N GLY D 133 49.33 -13.01 -9.25
CA GLY D 133 49.53 -11.66 -8.71
C GLY D 133 48.83 -11.42 -7.37
N TRP D 134 47.61 -11.95 -7.23
CA TRP D 134 46.81 -11.77 -6.03
C TRP D 134 47.19 -12.75 -4.96
N GLY D 135 47.99 -13.74 -5.32
CA GLY D 135 48.49 -14.71 -4.36
C GLY D 135 47.43 -15.73 -4.00
N VAL D 136 46.58 -16.10 -4.96
CA VAL D 136 45.51 -17.05 -4.69
C VAL D 136 45.51 -18.19 -5.70
N ASN D 137 44.95 -19.33 -5.28
CA ASN D 137 44.75 -20.50 -6.16
C ASN D 137 43.30 -20.60 -6.63
N PRO D 138 43.07 -21.35 -7.73
CA PRO D 138 41.69 -21.62 -8.12
C PRO D 138 40.96 -22.47 -7.09
N PRO D 139 39.80 -22.00 -6.58
CA PRO D 139 39.12 -22.74 -5.54
C PRO D 139 38.47 -24.03 -6.08
N ARG D 140 38.66 -25.12 -5.34
CA ARG D 140 38.15 -26.43 -5.72
C ARG D 140 36.83 -26.79 -5.02
N THR D 141 36.45 -26.02 -4.01
CA THR D 141 35.18 -26.18 -3.30
C THR D 141 34.56 -24.82 -3.09
N TRP D 142 33.25 -24.77 -2.83
CA TRP D 142 32.56 -23.50 -2.55
C TRP D 142 33.08 -22.85 -1.24
N ASP D 143 33.44 -23.66 -0.25
CA ASP D 143 34.06 -23.09 0.95
C ASP D 143 35.36 -22.36 0.58
N LYS D 144 36.25 -22.98 -0.18
CA LYS D 144 37.50 -22.33 -0.55
C LYS D 144 37.26 -21.13 -1.45
N PHE D 145 36.23 -21.20 -2.30
CA PHE D 145 35.84 -20.09 -3.16
C PHE D 145 35.47 -18.85 -2.35
N LEU D 146 34.61 -19.05 -1.36
CA LEU D 146 34.14 -17.98 -0.50
C LEU D 146 35.29 -17.31 0.27
N ALA D 147 36.16 -18.14 0.84
CA ALA D 147 37.33 -17.66 1.59
C ALA D 147 38.29 -16.91 0.68
N THR D 148 38.55 -17.47 -0.49
CA THR D 148 39.38 -16.82 -1.49
C THR D 148 38.79 -15.50 -1.94
N CYS D 149 37.46 -15.44 -2.07
CA CYS D 149 36.79 -14.20 -2.47
C CYS D 149 36.96 -13.12 -1.40
N GLN D 150 36.84 -13.53 -0.15
CA GLN D 150 37.08 -12.63 0.98
C GLN D 150 38.51 -12.05 0.95
N THR D 151 39.51 -12.91 0.74
CA THR D 151 40.87 -12.42 0.53
C THR D 151 40.98 -11.40 -0.60
N LEU D 152 40.30 -11.66 -1.72
CA LEU D 152 40.39 -10.79 -2.86
C LEU D 152 39.73 -9.44 -2.62
N LYS D 153 38.65 -9.43 -1.84
CA LYS D 153 38.01 -8.17 -1.46
C LYS D 153 38.99 -7.32 -0.64
N GLN D 154 39.78 -7.99 0.17
CA GLN D 154 40.76 -7.29 1.02
C GLN D 154 41.89 -6.70 0.18
N LYS D 155 42.07 -7.24 -1.02
CA LYS D 155 43.02 -6.71 -1.98
C LYS D 155 42.40 -5.70 -2.96
N GLY D 156 41.16 -5.26 -2.70
CA GLY D 156 40.53 -4.21 -3.53
C GLY D 156 39.67 -4.69 -4.70
N LEU D 157 39.52 -6.00 -4.86
CA LEU D 157 38.61 -6.58 -5.85
C LEU D 157 37.26 -6.74 -5.19
N GLU D 158 36.40 -5.73 -5.34
CA GLU D 158 35.14 -5.65 -4.59
C GLU D 158 34.16 -6.76 -5.00
N ALA D 159 34.31 -7.22 -6.25
CA ALA D 159 33.44 -8.24 -6.85
C ALA D 159 34.29 -9.31 -7.55
N PRO D 160 34.86 -10.23 -6.77
CA PRO D 160 35.69 -11.27 -7.37
C PRO D 160 34.95 -12.24 -8.33
N LEU D 161 33.63 -12.38 -8.16
CA LEU D 161 32.80 -13.16 -9.07
C LEU D 161 32.17 -12.26 -10.17
N ALA D 162 32.52 -12.50 -11.43
CA ALA D 162 31.84 -11.88 -12.55
C ALA D 162 30.51 -12.59 -12.75
N LEU D 163 29.47 -11.80 -12.95
CA LEU D 163 28.13 -12.34 -13.14
C LEU D 163 27.35 -11.42 -14.07
N GLY D 164 26.44 -11.99 -14.85
CA GLY D 164 25.58 -11.21 -15.70
C GLY D 164 24.11 -11.34 -15.44
N GLU D 165 23.34 -11.19 -16.50
CA GLU D 165 21.86 -11.23 -16.48
C GLU D 165 21.24 -12.50 -15.91
N ASN D 166 19.94 -12.43 -15.64
CA ASN D 166 19.16 -13.48 -14.99
C ASN D 166 19.52 -14.91 -15.41
N TRP D 167 19.60 -15.19 -16.72
CA TRP D 167 19.89 -16.59 -17.09
C TRP D 167 21.28 -17.03 -16.66
N THR D 168 22.25 -16.11 -16.62
CA THR D 168 23.59 -16.43 -16.14
C THR D 168 23.61 -16.66 -14.62
N GLN D 169 22.64 -16.09 -13.91
CA GLN D 169 22.45 -16.35 -12.47
C GLN D 169 21.90 -17.77 -12.26
N GLN D 170 20.90 -18.14 -13.06
CA GLN D 170 20.44 -19.53 -13.11
C GLN D 170 21.60 -20.48 -13.46
N HIS D 171 22.45 -20.07 -14.39
CA HIS D 171 23.61 -20.87 -14.82
C HIS D 171 24.58 -21.11 -13.65
N LEU D 172 24.88 -20.03 -12.93
CA LEU D 172 25.67 -20.16 -11.71
C LEU D 172 24.96 -21.11 -10.73
N TRP D 173 23.65 -20.96 -10.59
CA TRP D 173 22.86 -21.81 -9.67
C TRP D 173 22.98 -23.30 -9.99
N GLU D 174 22.94 -23.70 -11.26
CA GLU D 174 23.01 -25.14 -11.54
C GLU D 174 24.35 -25.79 -11.16
N SER D 175 25.46 -25.07 -11.28
CA SER D 175 26.75 -25.58 -10.77
C SER D 175 26.69 -25.68 -9.23
N VAL D 176 26.20 -24.64 -8.56
CA VAL D 176 26.08 -24.69 -7.10
C VAL D 176 25.25 -25.90 -6.65
N ALA D 177 24.07 -26.06 -7.25
CA ALA D 177 23.17 -27.15 -6.93
C ALA D 177 23.80 -28.50 -7.17
N LEU D 178 24.54 -28.63 -8.27
CA LEU D 178 25.24 -29.87 -8.53
C LEU D 178 26.31 -30.14 -7.45
N ALA D 179 27.05 -29.10 -7.05
CA ALA D 179 28.06 -29.29 -5.98
C ALA D 179 27.38 -29.70 -4.67
N VAL D 180 26.28 -29.05 -4.33
CA VAL D 180 25.60 -29.28 -3.07
C VAL D 180 24.88 -30.62 -3.04
N LEU D 181 24.26 -31.03 -4.16
CA LEU D 181 23.42 -32.22 -4.14
C LEU D 181 24.17 -33.49 -4.54
N GLY D 182 25.19 -33.34 -5.36
CA GLY D 182 25.78 -34.48 -6.05
C GLY D 182 24.95 -34.82 -7.28
N PRO D 183 25.54 -35.60 -8.19
CA PRO D 183 24.85 -35.92 -9.43
C PRO D 183 23.54 -36.76 -9.32
N ASP D 184 23.48 -37.71 -8.39
CA ASP D 184 22.29 -38.56 -8.28
C ASP D 184 21.11 -37.75 -7.80
N ASP D 185 21.37 -36.89 -6.82
CA ASP D 185 20.30 -36.04 -6.30
C ASP D 185 19.97 -34.86 -7.25
N TRP D 186 20.96 -34.38 -8.00
CA TRP D 186 20.68 -33.47 -9.12
C TRP D 186 19.62 -34.12 -10.04
N ASN D 187 19.93 -35.32 -10.51
CA ASN D 187 19.02 -36.08 -11.37
C ASN D 187 17.64 -36.29 -10.70
N ASN D 188 17.64 -36.49 -9.39
CA ASN D 188 16.38 -36.72 -8.70
C ASN D 188 15.43 -35.55 -8.67
N LEU D 189 15.94 -34.32 -8.87
CA LEU D 189 15.05 -33.17 -8.99
C LEU D 189 14.15 -33.33 -10.20
N TRP D 190 14.73 -33.86 -11.28
CA TRP D 190 14.13 -33.80 -12.63
C TRP D 190 13.21 -34.97 -12.94
N ASN D 191 13.34 -36.07 -12.21
CA ASN D 191 12.38 -37.20 -12.24
C ASN D 191 11.35 -37.13 -11.10
N GLY D 192 11.45 -36.09 -10.27
CA GLY D 192 10.50 -35.88 -9.20
C GLY D 192 10.74 -36.70 -7.95
N LYS D 193 11.87 -37.39 -7.86
CA LYS D 193 12.17 -38.17 -6.68
C LYS D 193 12.65 -37.33 -5.47
N LEU D 194 13.33 -36.22 -5.76
CA LEU D 194 13.72 -35.23 -4.75
C LEU D 194 12.88 -33.95 -4.91
N LYS D 195 12.22 -33.50 -3.85
CA LYS D 195 11.47 -32.25 -3.91
C LYS D 195 12.44 -31.06 -3.78
N PHE D 196 12.08 -29.93 -4.40
CA PHE D 196 12.88 -28.72 -4.29
C PHE D 196 12.89 -28.20 -2.86
N THR D 197 11.85 -28.57 -2.11
CA THR D 197 11.69 -28.21 -0.71
C THR D 197 12.38 -29.16 0.27
N ASP D 198 12.99 -30.23 -0.20
CA ASP D 198 13.83 -31.03 0.67
C ASP D 198 14.97 -30.16 1.20
N PRO D 199 15.30 -30.26 2.52
CA PRO D 199 16.46 -29.55 3.07
C PRO D 199 17.73 -29.60 2.25
N LYS D 200 18.01 -30.77 1.65
CA LYS D 200 19.19 -30.91 0.80
C LYS D 200 19.14 -29.93 -0.39
N ALA D 201 17.95 -29.78 -0.95
CA ALA D 201 17.73 -28.89 -2.10
C ALA D 201 17.66 -27.43 -1.66
N VAL D 202 17.05 -27.17 -0.50
CA VAL D 202 17.03 -25.81 0.08
C VAL D 202 18.46 -25.28 0.26
N ARG D 203 19.37 -26.17 0.65
CA ARG D 203 20.76 -25.82 0.93
C ARG D 203 21.50 -25.26 -0.29
N ALA D 204 21.12 -25.70 -1.50
CA ALA D 204 21.68 -25.12 -2.73
C ALA D 204 21.51 -23.58 -2.77
N TRP D 205 20.32 -23.12 -2.39
CA TRP D 205 20.01 -21.69 -2.34
C TRP D 205 20.82 -20.97 -1.24
N GLU D 206 21.07 -21.66 -0.13
CA GLU D 206 21.90 -21.10 0.96
C GLU D 206 23.33 -20.81 0.49
N VAL D 207 23.95 -21.80 -0.13
CA VAL D 207 25.31 -21.65 -0.64
C VAL D 207 25.32 -20.61 -1.77
N PHE D 208 24.33 -20.71 -2.66
CA PHE D 208 24.17 -19.76 -3.78
C PHE D 208 24.08 -18.32 -3.28
N GLY D 209 23.27 -18.08 -2.27
CA GLY D 209 23.21 -16.73 -1.67
C GLY D 209 24.58 -16.21 -1.25
N ARG D 210 25.35 -17.03 -0.56
CA ARG D 210 26.70 -16.62 -0.17
C ARG D 210 27.59 -16.31 -1.37
N VAL D 211 27.47 -17.14 -2.40
CA VAL D 211 28.23 -16.94 -3.64
C VAL D 211 27.85 -15.63 -4.33
N LEU D 212 26.56 -15.31 -4.38
CA LEU D 212 26.07 -14.07 -4.99
C LEU D 212 26.65 -12.82 -4.33
N ASP D 213 26.93 -12.88 -3.03
CA ASP D 213 27.56 -11.76 -2.34
C ASP D 213 29.03 -11.50 -2.72
N CYS D 214 29.60 -12.36 -3.55
CA CYS D 214 30.91 -12.14 -4.18
C CYS D 214 30.82 -11.53 -5.59
N ALA D 215 29.59 -11.34 -6.07
CA ALA D 215 29.32 -10.90 -7.45
C ALA D 215 29.25 -9.37 -7.62
N ASN D 216 29.47 -8.92 -8.85
CA ASN D 216 29.27 -7.51 -9.20
C ASN D 216 27.78 -7.11 -9.10
N LYS D 217 27.52 -5.90 -8.62
CA LYS D 217 26.16 -5.46 -8.32
C LYS D 217 25.37 -5.04 -9.57
N ASP D 218 26.09 -4.76 -10.64
CA ASP D 218 25.46 -4.43 -11.93
C ASP D 218 25.20 -5.66 -12.83
N ALA D 219 25.11 -6.84 -12.24
CA ALA D 219 25.03 -8.07 -13.03
C ALA D 219 23.83 -8.07 -13.93
N ALA D 220 22.68 -7.58 -13.44
CA ALA D 220 21.41 -7.76 -14.14
C ALA D 220 21.43 -7.28 -15.57
N GLY D 221 22.24 -6.26 -15.85
CA GLY D 221 22.33 -5.70 -17.21
C GLY D 221 23.45 -6.20 -18.11
N LEU D 222 24.22 -7.21 -17.69
CA LEU D 222 25.35 -7.65 -18.48
C LEU D 222 25.09 -8.96 -19.24
N SER D 223 25.62 -9.04 -20.46
CA SER D 223 25.54 -10.27 -21.24
C SER D 223 26.59 -11.20 -20.66
N TRP D 224 26.53 -12.48 -21.05
CA TRP D 224 27.54 -13.41 -20.63
C TRP D 224 28.93 -12.96 -21.09
N GLN D 225 29.05 -12.40 -22.30
CA GLN D 225 30.35 -11.93 -22.80
C GLN D 225 30.88 -10.79 -21.92
N GLN D 226 29.97 -9.92 -21.48
CA GLN D 226 30.37 -8.80 -20.66
C GLN D 226 30.87 -9.27 -19.30
N ALA D 227 30.28 -10.32 -18.75
CA ALA D 227 30.77 -10.88 -17.50
C ALA D 227 32.15 -11.51 -17.70
N VAL D 228 32.34 -12.25 -18.80
CA VAL D 228 33.66 -12.81 -19.10
C VAL D 228 34.70 -11.68 -19.21
N ASP D 229 34.31 -10.59 -19.87
CA ASP D 229 35.20 -9.44 -20.06
C ASP D 229 35.71 -8.90 -18.73
N ARG D 230 34.89 -8.96 -17.66
CA ARG D 230 35.34 -8.55 -16.31
C ARG D 230 36.51 -9.37 -15.82
N VAL D 231 36.46 -10.69 -16.07
CA VAL D 231 37.58 -11.54 -15.70
C VAL D 231 38.80 -11.23 -16.56
N VAL D 232 38.60 -11.11 -17.88
CA VAL D 232 39.68 -10.83 -18.83
C VAL D 232 40.35 -9.50 -18.48
N GLN D 233 39.55 -8.52 -18.06
CA GLN D 233 40.02 -7.18 -17.72
C GLN D 233 40.51 -7.03 -16.26
N GLY D 234 40.48 -8.11 -15.48
CA GLY D 234 41.02 -8.07 -14.12
C GLY D 234 40.15 -7.33 -13.15
N LYS D 235 38.89 -7.08 -13.53
CA LYS D 235 37.87 -6.48 -12.64
C LYS D 235 37.10 -7.55 -11.86
N ALA D 236 37.43 -8.80 -12.16
CA ALA D 236 36.94 -9.97 -11.45
C ALA D 236 38.00 -11.05 -11.53
N ALA D 237 37.87 -12.05 -10.66
CA ALA D 237 38.81 -13.17 -10.62
C ALA D 237 38.23 -14.38 -11.34
N PHE D 238 36.92 -14.60 -11.20
CA PHE D 238 36.26 -15.84 -11.64
C PHE D 238 34.92 -15.59 -12.36
N ASN D 239 34.55 -16.54 -13.21
CA ASN D 239 33.24 -16.58 -13.87
C ASN D 239 32.84 -18.06 -14.08
N ILE D 240 31.61 -18.39 -13.71
CA ILE D 240 31.00 -19.69 -13.96
C ILE D 240 30.14 -19.58 -15.24
N MET D 241 30.57 -20.26 -16.28
CA MET D 241 29.93 -20.11 -17.57
C MET D 241 30.25 -21.30 -18.49
N GLY D 242 29.33 -21.59 -19.40
CA GLY D 242 29.57 -22.64 -20.40
C GLY D 242 30.74 -22.32 -21.32
N ASP D 243 31.28 -23.36 -21.96
CA ASP D 243 32.53 -23.24 -22.71
C ASP D 243 32.44 -22.59 -24.08
N TRP D 244 31.25 -22.07 -24.41
CA TRP D 244 31.19 -21.00 -25.39
C TRP D 244 32.12 -19.81 -24.99
N ALA D 245 32.39 -19.68 -23.69
CA ALA D 245 33.35 -18.67 -23.22
C ALA D 245 34.78 -18.94 -23.72
N ALA D 246 35.20 -20.21 -23.76
CA ALA D 246 36.52 -20.56 -24.32
C ALA D 246 36.61 -20.12 -25.77
N GLY D 247 35.56 -20.41 -26.53
CA GLY D 247 35.44 -19.96 -27.92
C GLY D 247 35.51 -18.46 -28.08
N TYR D 248 34.79 -17.73 -27.23
CA TYR D 248 34.83 -16.27 -27.21
C TYR D 248 36.25 -15.75 -26.94
N MET D 249 36.89 -16.27 -25.90
CA MET D 249 38.24 -15.88 -25.55
C MET D 249 39.33 -16.22 -26.58
N THR D 250 39.16 -17.32 -27.33
CA THR D 250 40.13 -17.71 -28.34
C THR D 250 39.78 -17.14 -29.70
N THR D 251 38.55 -17.37 -30.16
CA THR D 251 38.16 -16.97 -31.51
C THR D 251 38.02 -15.45 -31.66
N THR D 252 37.42 -14.79 -30.66
CA THR D 252 37.16 -13.35 -30.74
C THR D 252 38.31 -12.57 -30.07
N LEU D 253 38.74 -13.01 -28.89
CA LEU D 253 39.69 -12.22 -28.10
C LEU D 253 41.13 -12.60 -28.33
N LYS D 254 41.36 -13.69 -29.04
CA LYS D 254 42.70 -14.08 -29.48
C LYS D 254 43.64 -14.38 -28.33
N LEU D 255 43.09 -14.96 -27.26
CA LEU D 255 43.87 -15.36 -26.10
C LEU D 255 44.30 -16.82 -26.22
N LYS D 256 45.47 -17.12 -25.63
CA LYS D 256 46.06 -18.45 -25.66
C LYS D 256 45.62 -19.27 -24.47
N PRO D 257 44.93 -20.41 -24.71
CA PRO D 257 44.44 -21.30 -23.66
C PRO D 257 45.55 -21.83 -22.77
N GLY D 258 45.36 -21.73 -21.46
CA GLY D 258 46.33 -22.18 -20.49
C GLY D 258 47.20 -21.05 -19.99
N THR D 259 47.48 -20.07 -20.84
CA THR D 259 48.40 -18.98 -20.54
C THR D 259 47.66 -17.69 -20.23
N ASP D 260 46.86 -17.25 -21.20
CA ASP D 260 46.13 -16.01 -21.10
C ASP D 260 44.79 -16.23 -20.41
N PHE D 261 44.39 -17.49 -20.26
CA PHE D 261 43.26 -17.86 -19.40
C PHE D 261 43.33 -19.32 -19.09
N ALA D 262 42.52 -19.72 -18.12
CA ALA D 262 42.48 -21.09 -17.64
C ALA D 262 41.08 -21.48 -17.18
N TRP D 263 40.95 -22.75 -16.81
CA TRP D 263 39.66 -23.33 -16.51
C TRP D 263 39.79 -24.44 -15.51
N ALA D 264 38.69 -24.67 -14.82
CA ALA D 264 38.53 -25.74 -13.86
C ALA D 264 37.06 -26.11 -13.80
N PRO D 265 36.73 -27.34 -13.34
CA PRO D 265 35.30 -27.58 -13.10
C PRO D 265 34.76 -26.56 -12.09
N SER D 266 33.47 -26.23 -12.16
CA SER D 266 32.87 -25.40 -11.13
C SER D 266 33.25 -26.00 -9.77
N PRO D 267 33.54 -25.15 -8.76
CA PRO D 267 33.90 -25.70 -7.44
C PRO D 267 32.92 -26.75 -6.95
N GLY D 268 33.45 -27.83 -6.38
CA GLY D 268 32.65 -28.94 -5.90
C GLY D 268 32.08 -29.90 -6.94
N THR D 269 32.44 -29.72 -8.21
CA THR D 269 31.88 -30.55 -9.29
C THR D 269 32.93 -31.32 -10.08
N GLN D 270 34.17 -31.27 -9.58
CA GLN D 270 35.26 -32.06 -10.14
C GLN D 270 34.78 -33.50 -10.39
N GLY D 271 34.96 -34.01 -11.61
CA GLY D 271 34.54 -35.38 -11.95
C GLY D 271 33.18 -35.50 -12.64
N VAL D 272 32.38 -34.43 -12.60
CA VAL D 272 31.05 -34.40 -13.22
C VAL D 272 31.07 -33.40 -14.37
N PHE D 273 30.55 -33.82 -15.52
CA PHE D 273 30.44 -32.98 -16.71
C PHE D 273 28.94 -32.71 -16.86
N MET D 274 28.52 -31.48 -16.61
CA MET D 274 27.13 -31.04 -16.86
C MET D 274 27.03 -30.58 -18.29
N MET D 275 26.35 -31.38 -19.10
CA MET D 275 26.34 -31.15 -20.55
C MET D 275 25.08 -30.50 -21.07
N LEU D 276 25.21 -29.97 -22.28
CA LEU D 276 24.06 -29.61 -23.08
C LEU D 276 24.51 -29.86 -24.51
N SER D 277 23.56 -29.90 -25.44
CA SER D 277 23.86 -30.08 -26.85
C SER D 277 22.93 -29.22 -27.70
N ASP D 278 23.55 -28.42 -28.56
CA ASP D 278 22.87 -27.71 -29.63
C ASP D 278 22.62 -28.68 -30.77
N SER D 279 21.37 -28.66 -31.25
CA SER D 279 20.92 -29.57 -32.31
C SER D 279 20.00 -28.85 -33.29
N PHE D 280 19.82 -29.45 -34.46
CA PHE D 280 18.91 -28.97 -35.49
C PHE D 280 18.03 -30.15 -35.93
N GLY D 281 16.76 -29.85 -36.16
CA GLY D 281 15.79 -30.84 -36.60
C GLY D 281 15.11 -30.36 -37.87
N LEU D 282 14.02 -31.03 -38.21
CA LEU D 282 13.28 -30.73 -39.44
C LEU D 282 11.80 -30.44 -39.11
N PRO D 283 11.44 -29.15 -39.01
CA PRO D 283 10.06 -28.86 -38.70
C PRO D 283 9.19 -29.24 -39.88
N LYS D 284 8.05 -29.84 -39.57
CA LYS D 284 6.97 -29.98 -40.56
C LYS D 284 6.60 -28.63 -41.18
N GLY D 285 6.40 -28.64 -42.50
CA GLY D 285 6.00 -27.46 -43.21
C GLY D 285 7.14 -26.54 -43.60
N ALA D 286 8.38 -26.91 -43.28
CA ALA D 286 9.55 -26.17 -43.78
C ALA D 286 9.39 -25.87 -45.28
N LYS D 287 9.63 -24.63 -45.68
CA LYS D 287 9.45 -24.28 -47.10
C LYS D 287 10.49 -24.95 -48.01
N ASN D 288 11.69 -25.19 -47.48
CA ASN D 288 12.83 -25.72 -48.24
C ASN D 288 13.32 -27.00 -47.60
N ARG D 289 12.49 -28.00 -47.65
CA ARG D 289 12.76 -29.24 -46.90
C ARG D 289 14.03 -29.98 -47.34
N GLN D 290 14.28 -30.11 -48.64
CA GLN D 290 15.51 -30.81 -49.09
C GLN D 290 16.80 -30.05 -48.69
N ASN D 291 16.76 -28.73 -48.80
CA ASN D 291 17.88 -27.92 -48.41
C ASN D 291 18.16 -28.02 -46.91
N ALA D 292 17.10 -28.12 -46.12
CA ALA D 292 17.20 -28.33 -44.68
C ALA D 292 17.75 -29.73 -44.36
N ILE D 293 17.28 -30.75 -45.07
CA ILE D 293 17.88 -32.10 -44.91
C ILE D 293 19.38 -32.10 -45.19
N ASN D 294 19.80 -31.43 -46.26
CA ASN D 294 21.23 -31.31 -46.54
C ASN D 294 22.00 -30.54 -45.48
N TRP D 295 21.38 -29.51 -44.89
CA TRP D 295 21.96 -28.89 -43.69
C TRP D 295 22.20 -29.90 -42.54
N LEU D 296 21.18 -30.71 -42.24
CA LEU D 296 21.28 -31.73 -41.20
C LEU D 296 22.39 -32.72 -41.51
N ARG D 297 22.48 -33.13 -42.77
CA ARG D 297 23.58 -34.02 -43.17
C ARG D 297 24.95 -33.37 -42.93
N LEU D 298 25.09 -32.08 -43.22
CA LEU D 298 26.34 -31.38 -42.92
C LEU D 298 26.59 -31.31 -41.42
N VAL D 299 25.57 -30.88 -40.69
CA VAL D 299 25.63 -30.66 -39.26
C VAL D 299 25.97 -31.93 -38.47
N GLY D 300 25.50 -33.07 -38.96
CA GLY D 300 25.79 -34.33 -38.31
C GLY D 300 27.08 -35.00 -38.76
N SER D 301 27.80 -34.37 -39.66
CA SER D 301 29.00 -34.96 -40.28
C SER D 301 30.25 -34.57 -39.50
N LYS D 302 31.28 -35.40 -39.63
CA LYS D 302 32.54 -35.13 -38.93
C LYS D 302 33.19 -33.89 -39.52
N GLU D 303 33.10 -33.73 -40.83
CA GLU D 303 33.63 -32.57 -41.53
C GLU D 303 33.03 -31.24 -40.98
N GLY D 304 31.71 -31.20 -40.90
CA GLY D 304 30.99 -30.05 -40.35
C GLY D 304 31.38 -29.81 -38.90
N GLN D 305 31.33 -30.85 -38.08
CA GLN D 305 31.55 -30.69 -36.64
C GLN D 305 32.99 -30.31 -36.24
N ASP D 306 33.98 -30.75 -37.02
CA ASP D 306 35.38 -30.43 -36.70
C ASP D 306 35.84 -29.17 -37.37
N THR D 307 35.03 -28.60 -38.25
CA THR D 307 35.25 -27.25 -38.76
C THR D 307 34.67 -26.22 -37.75
N SER D 308 33.44 -26.43 -37.30
CA SER D 308 32.75 -25.40 -36.49
C SER D 308 33.08 -25.38 -34.99
N ASN D 309 33.22 -26.53 -34.36
CA ASN D 309 33.38 -26.57 -32.92
C ASN D 309 34.68 -26.06 -32.34
N PRO D 310 35.83 -26.26 -33.04
CA PRO D 310 37.03 -25.57 -32.58
C PRO D 310 36.85 -24.06 -32.42
N LEU D 311 36.09 -23.44 -33.34
CA LEU D 311 35.75 -22.01 -33.29
C LEU D 311 34.76 -21.63 -32.16
N LYS D 312 33.89 -22.58 -31.80
CA LYS D 312 32.80 -22.36 -30.84
C LYS D 312 33.18 -22.47 -29.35
N GLY D 313 34.14 -23.33 -29.04
CA GLY D 313 34.45 -23.69 -27.65
C GLY D 313 33.85 -25.00 -27.19
N SER D 314 32.81 -25.46 -27.89
CA SER D 314 32.22 -26.78 -27.66
C SER D 314 33.12 -27.89 -28.25
N ILE D 315 32.79 -29.13 -27.91
CA ILE D 315 33.40 -30.28 -28.57
C ILE D 315 32.36 -30.88 -29.54
N ALA D 316 32.82 -31.74 -30.46
CA ALA D 316 31.94 -32.39 -31.43
C ALA D 316 31.07 -33.33 -30.67
N ALA D 317 29.85 -33.56 -31.16
CA ALA D 317 29.02 -34.61 -30.61
C ALA D 317 29.47 -36.01 -31.12
N ARG D 318 30.07 -36.04 -32.30
CA ARG D 318 30.40 -37.29 -32.96
C ARG D 318 31.52 -38.04 -32.26
N LEU D 319 31.33 -39.34 -32.10
CA LEU D 319 32.36 -40.19 -31.50
C LEU D 319 33.69 -40.18 -32.27
N ASP D 320 33.67 -39.90 -33.57
CA ASP D 320 34.90 -39.99 -34.38
C ASP D 320 35.66 -38.66 -34.60
N SER D 321 35.32 -37.63 -33.82
CA SER D 321 35.95 -36.32 -33.93
C SER D 321 37.45 -36.45 -33.78
N ASP D 322 38.16 -35.70 -34.61
CA ASP D 322 39.60 -35.67 -34.56
C ASP D 322 40.10 -34.66 -33.51
N PRO D 323 40.70 -35.15 -32.39
CA PRO D 323 41.15 -34.18 -31.39
C PRO D 323 42.21 -33.20 -31.91
N SER D 324 42.91 -33.55 -32.98
CA SER D 324 44.00 -32.70 -33.49
C SER D 324 43.49 -31.33 -34.01
N LYS D 325 42.18 -31.25 -34.28
CA LYS D 325 41.54 -30.02 -34.71
C LYS D 325 41.24 -29.01 -33.57
N TYR D 326 41.35 -29.47 -32.32
CA TYR D 326 40.94 -28.72 -31.13
C TYR D 326 42.14 -28.22 -30.34
N ASN D 327 42.03 -26.98 -29.87
CA ASN D 327 43.04 -26.40 -28.98
C ASN D 327 43.07 -27.08 -27.62
N ALA D 328 43.84 -26.50 -26.69
CA ALA D 328 44.05 -27.13 -25.38
C ALA D 328 42.78 -27.23 -24.55
N TYR D 329 41.90 -26.24 -24.68
CA TYR D 329 40.64 -26.31 -23.98
C TYR D 329 39.77 -27.46 -24.55
N GLY D 330 39.57 -27.43 -25.87
CA GLY D 330 38.80 -28.48 -26.57
C GLY D 330 39.26 -29.89 -26.26
N GLN D 331 40.57 -30.08 -26.20
CA GLN D 331 41.13 -31.38 -25.87
C GLN D 331 40.89 -31.80 -24.42
N SER D 332 41.02 -30.85 -23.50
CA SER D 332 40.71 -31.08 -22.09
C SER D 332 39.24 -31.52 -21.92
N ALA D 333 38.35 -30.79 -22.60
CA ALA D 333 36.91 -31.08 -22.52
C ALA D 333 36.58 -32.47 -23.09
N MET D 334 37.21 -32.82 -24.20
CA MET D 334 37.03 -34.16 -24.81
C MET D 334 37.43 -35.27 -23.80
N ARG D 335 38.53 -35.07 -23.09
CA ARG D 335 38.98 -36.05 -22.08
C ARG D 335 37.96 -36.20 -20.98
N ASP D 336 37.48 -35.05 -20.49
CA ASP D 336 36.50 -35.05 -19.40
C ASP D 336 35.17 -35.64 -19.86
N TRP D 337 34.75 -35.33 -21.08
CA TRP D 337 33.55 -35.95 -21.67
C TRP D 337 33.63 -37.47 -21.61
N ARG D 338 34.83 -38.00 -21.84
CA ARG D 338 35.07 -39.45 -21.88
C ARG D 338 35.16 -40.14 -20.52
N SER D 339 35.60 -39.43 -19.48
CA SER D 339 35.88 -40.05 -18.16
C SER D 339 34.88 -39.72 -17.07
N ASN D 340 34.25 -38.54 -17.16
CA ASN D 340 33.45 -38.01 -16.06
C ASN D 340 32.08 -38.63 -16.03
N ARG D 341 31.47 -38.60 -14.85
CA ARG D 341 30.03 -38.79 -14.70
C ARG D 341 29.29 -37.67 -15.47
N ILE D 342 28.31 -38.04 -16.29
CA ILE D 342 27.58 -37.05 -17.09
C ILE D 342 26.21 -36.78 -16.52
N VAL D 343 25.89 -35.50 -16.30
CA VAL D 343 24.51 -35.08 -15.99
C VAL D 343 24.08 -34.01 -16.98
N GLY D 344 22.81 -33.67 -16.97
CA GLY D 344 22.29 -32.66 -17.87
C GLY D 344 22.05 -31.30 -17.24
N SER D 345 22.11 -30.27 -18.07
CA SER D 345 21.87 -28.89 -17.66
C SER D 345 20.37 -28.56 -17.64
N LEU D 346 20.01 -27.73 -16.67
CA LEU D 346 18.66 -27.19 -16.56
C LEU D 346 18.48 -25.98 -17.49
N VAL D 347 19.39 -25.02 -17.35
CA VAL D 347 19.29 -23.75 -18.04
C VAL D 347 19.38 -23.94 -19.56
N HIS D 348 20.08 -25.00 -19.97
CA HIS D 348 20.33 -25.27 -21.38
C HIS D 348 19.63 -26.55 -21.90
N GLY D 349 18.48 -26.83 -21.28
CA GLY D 349 17.44 -27.58 -21.96
C GLY D 349 17.50 -29.09 -21.88
N ALA D 350 18.55 -29.65 -21.30
CA ALA D 350 18.64 -31.12 -21.18
C ALA D 350 17.60 -31.79 -20.26
N VAL D 351 17.40 -31.27 -19.04
CA VAL D 351 16.68 -32.04 -18.00
C VAL D 351 15.26 -31.65 -17.66
N ALA D 352 14.82 -30.45 -18.05
CA ALA D 352 13.50 -29.96 -17.69
C ALA D 352 12.84 -29.38 -18.93
N PRO D 353 11.51 -29.51 -19.00
CA PRO D 353 10.76 -28.92 -20.09
C PRO D 353 10.71 -27.40 -19.97
N GLU D 354 10.50 -26.74 -21.09
CA GLU D 354 10.43 -25.28 -21.16
C GLU D 354 9.40 -24.66 -20.22
N SER D 355 8.31 -25.37 -19.97
CA SER D 355 7.29 -24.97 -19.02
C SER D 355 7.89 -24.70 -17.64
N PHE D 356 8.87 -25.53 -17.26
CA PHE D 356 9.63 -25.30 -16.06
C PHE D 356 10.78 -24.32 -16.26
N MET D 357 11.57 -24.50 -17.31
CA MET D 357 12.71 -23.60 -17.56
C MET D 357 12.30 -22.13 -17.62
N SER D 358 11.20 -21.86 -18.33
CA SER D 358 10.75 -20.48 -18.51
C SER D 358 10.35 -19.81 -17.20
N GLN D 359 9.95 -20.60 -16.22
CA GLN D 359 9.50 -20.07 -14.94
C GLN D 359 10.62 -20.00 -13.89
N PHE D 360 11.73 -20.68 -14.15
CA PHE D 360 12.82 -20.69 -13.20
C PHE D 360 13.45 -19.31 -13.06
N GLY D 361 13.39 -18.52 -14.14
CA GLY D 361 13.83 -17.14 -14.09
C GLY D 361 13.12 -16.33 -13.02
N THR D 362 11.83 -16.58 -12.86
CA THR D 362 10.99 -15.87 -11.87
C THR D 362 11.34 -16.30 -10.47
N VAL D 363 11.58 -17.60 -10.31
CA VAL D 363 12.10 -18.11 -9.07
C VAL D 363 13.43 -17.39 -8.74
N MET D 364 14.33 -17.27 -9.71
CA MET D 364 15.60 -16.60 -9.48
C MET D 364 15.39 -15.13 -9.06
N GLU D 365 14.48 -14.42 -9.72
CA GLU D 365 14.15 -13.03 -9.32
C GLU D 365 13.69 -12.97 -7.86
N ILE D 366 12.79 -13.87 -7.50
CA ILE D 366 12.27 -13.95 -6.15
C ILE D 366 13.35 -14.20 -5.11
N PHE D 367 14.29 -15.10 -5.40
CA PHE D 367 15.44 -15.26 -4.53
C PHE D 367 16.25 -13.96 -4.44
N LEU D 368 16.51 -13.32 -5.58
CA LEU D 368 17.29 -12.08 -5.60
C LEU D 368 16.61 -10.99 -4.74
N GLN D 369 15.29 -10.85 -4.81
CA GLN D 369 14.55 -9.88 -3.98
C GLN D 369 14.48 -10.29 -2.52
N THR D 370 14.12 -11.52 -2.22
CA THR D 370 13.92 -11.97 -0.84
C THR D 370 15.20 -12.50 -0.15
N ARG D 371 16.14 -13.02 -0.95
CA ARG D 371 17.31 -13.76 -0.44
C ARG D 371 16.93 -14.82 0.59
N ASN D 372 15.75 -15.38 0.39
CA ASN D 372 15.18 -16.35 1.28
C ASN D 372 15.26 -17.72 0.59
N PRO D 373 16.17 -18.60 1.06
CA PRO D 373 16.29 -19.93 0.42
C PRO D 373 15.01 -20.75 0.41
N GLN D 374 14.23 -20.67 1.48
CA GLN D 374 13.00 -21.43 1.60
C GLN D 374 11.96 -20.97 0.61
N ALA D 375 11.83 -19.66 0.43
CA ALA D 375 10.85 -19.12 -0.47
C ALA D 375 11.16 -19.54 -1.90
N ALA D 376 12.44 -19.47 -2.28
CA ALA D 376 12.89 -19.93 -3.62
C ALA D 376 12.66 -21.43 -3.84
N ALA D 377 13.06 -22.26 -2.87
CA ALA D 377 12.75 -23.70 -2.90
C ALA D 377 11.24 -23.97 -3.08
N ASN D 378 10.42 -23.31 -2.27
CA ASN D 378 8.97 -23.44 -2.30
C ASN D 378 8.37 -22.98 -3.65
N ALA D 379 8.90 -21.88 -4.18
CA ALA D 379 8.50 -21.35 -5.48
C ALA D 379 8.78 -22.38 -6.57
N ALA D 380 10.00 -22.91 -6.57
CA ALA D 380 10.38 -23.96 -7.50
C ALA D 380 9.45 -25.16 -7.43
N GLN D 381 9.09 -25.57 -6.21
CA GLN D 381 8.22 -26.71 -6.03
C GLN D 381 6.81 -26.40 -6.56
N ALA D 382 6.33 -25.19 -6.31
CA ALA D 382 5.01 -24.80 -6.81
C ALA D 382 4.96 -24.92 -8.35
N ILE D 383 5.99 -24.40 -9.02
CA ILE D 383 6.06 -24.53 -10.48
C ILE D 383 6.15 -25.98 -10.95
N ALA D 384 7.03 -26.78 -10.33
CA ALA D 384 7.14 -28.21 -10.64
C ALA D 384 5.78 -28.90 -10.51
N ASP D 385 5.08 -28.57 -9.45
CA ASP D 385 3.73 -29.10 -9.24
C ASP D 385 2.75 -28.65 -10.30
N GLN D 386 2.82 -27.38 -10.73
CA GLN D 386 1.86 -26.86 -11.71
C GLN D 386 2.07 -27.49 -13.10
N VAL D 387 3.33 -27.70 -13.47
CA VAL D 387 3.66 -28.28 -14.77
C VAL D 387 3.71 -29.80 -14.76
N GLY D 388 3.63 -30.44 -13.60
CA GLY D 388 3.77 -31.89 -13.55
C GLY D 388 5.16 -32.39 -13.91
N LEU D 389 6.17 -31.72 -13.35
CA LEU D 389 7.57 -32.05 -13.59
C LEU D 389 7.80 -33.53 -13.34
N GLY D 390 8.35 -34.22 -14.34
CA GLY D 390 8.52 -35.67 -14.27
C GLY D 390 7.58 -36.48 -15.17
N ARG D 391 6.43 -35.92 -15.52
CA ARG D 391 5.42 -36.67 -16.29
C ARG D 391 5.88 -37.03 -17.70
N LEU D 392 6.60 -36.12 -18.36
CA LEU D 392 7.12 -36.41 -19.70
C LEU D 392 8.20 -37.49 -19.63
N MET E 1 13.87 -10.89 5.45
CA MET E 1 13.52 -11.80 6.57
C MET E 1 14.09 -11.30 7.90
N LYS E 2 13.46 -11.74 8.99
CA LYS E 2 13.67 -11.11 10.29
C LYS E 2 13.69 -12.10 11.43
N LEU E 3 14.26 -11.62 12.55
CA LEU E 3 14.20 -12.34 13.82
C LEU E 3 14.13 -11.31 14.95
N GLU E 4 13.06 -11.37 15.75
CA GLU E 4 12.87 -10.46 16.89
C GLU E 4 13.17 -11.16 18.20
N ILE E 5 14.34 -10.86 18.77
CA ILE E 5 14.77 -11.38 20.06
C ILE E 5 14.43 -10.42 21.21
N PHE E 6 13.73 -10.93 22.21
CA PHE E 6 13.25 -10.11 23.32
C PHE E 6 14.01 -10.49 24.59
N SER E 7 14.61 -9.49 25.24
CA SER E 7 15.40 -9.76 26.45
C SER E 7 15.52 -8.50 27.32
N TRP E 8 16.19 -8.64 28.45
CA TRP E 8 16.58 -7.46 29.24
C TRP E 8 18.09 -7.24 29.27
N TRP E 9 18.79 -7.72 28.26
CA TRP E 9 20.23 -7.57 28.20
C TRP E 9 20.58 -6.25 27.45
N ALA E 10 20.15 -5.13 28.05
CA ALA E 10 20.36 -3.79 27.52
C ALA E 10 21.63 -3.23 28.07
N GLY E 11 22.17 -2.23 27.38
CA GLY E 11 23.32 -1.47 27.88
C GLY E 11 24.53 -2.34 28.08
N ASP E 12 25.17 -2.21 29.24
CA ASP E 12 26.36 -3.02 29.52
C ASP E 12 26.08 -4.50 29.81
N GLU E 13 24.81 -4.90 29.80
CA GLU E 13 24.46 -6.34 29.81
C GLU E 13 24.38 -6.91 28.40
N GLY E 14 24.58 -6.08 27.39
CA GLY E 14 24.48 -6.50 25.99
C GLY E 14 25.65 -7.21 25.29
N PRO E 15 26.90 -7.04 25.75
CA PRO E 15 28.02 -7.68 25.03
C PRO E 15 27.82 -9.19 24.73
N ALA E 16 27.43 -9.98 25.73
CA ALA E 16 27.24 -11.43 25.53
C ALA E 16 26.22 -11.72 24.43
N LEU E 17 25.07 -11.06 24.52
CA LEU E 17 24.00 -11.16 23.53
C LEU E 17 24.43 -10.69 22.15
N GLU E 18 25.15 -9.58 22.12
CA GLU E 18 25.64 -9.01 20.86
C GLU E 18 26.65 -9.94 20.17
N ALA E 19 27.49 -10.58 20.97
CA ALA E 19 28.39 -11.61 20.44
C ALA E 19 27.62 -12.75 19.75
N LEU E 20 26.54 -13.20 20.38
CA LEU E 20 25.67 -14.25 19.86
C LEU E 20 24.93 -13.84 18.59
N ILE E 21 24.45 -12.59 18.56
CA ILE E 21 23.74 -12.07 17.41
C ILE E 21 24.67 -11.99 16.17
N ARG E 22 25.92 -11.63 16.42
CA ARG E 22 26.91 -11.58 15.35
C ARG E 22 27.16 -12.98 14.80
N LEU E 23 27.35 -13.95 15.68
CA LEU E 23 27.45 -15.35 15.29
C LEU E 23 26.21 -15.78 14.46
N TYR E 24 25.01 -15.53 14.98
CA TYR E 24 23.79 -15.82 14.23
C TYR E 24 23.80 -15.20 12.83
N LYS E 25 24.21 -13.94 12.76
CA LYS E 25 24.24 -13.20 11.50
C LYS E 25 25.26 -13.80 10.50
N GLN E 26 26.44 -14.18 11.01
CA GLN E 26 27.41 -14.98 10.26
C GLN E 26 26.74 -16.21 9.64
N LYS E 27 26.08 -17.02 10.48
CA LYS E 27 25.43 -18.25 10.01
C LYS E 27 24.21 -18.01 9.13
N TYR E 28 23.47 -16.92 9.35
CA TYR E 28 22.26 -16.63 8.55
C TYR E 28 22.25 -15.21 8.00
N PRO E 29 22.96 -14.99 6.89
CA PRO E 29 22.99 -13.65 6.32
C PRO E 29 21.64 -13.31 5.73
N GLY E 30 21.34 -12.04 5.60
CA GLY E 30 20.01 -11.64 5.08
C GLY E 30 18.85 -11.76 6.07
N VAL E 31 19.13 -12.15 7.31
CA VAL E 31 18.14 -12.06 8.40
C VAL E 31 18.41 -10.77 9.20
N GLU E 32 17.43 -9.87 9.21
CA GLU E 32 17.46 -8.66 10.04
C GLU E 32 17.15 -9.07 11.50
N VAL E 33 18.12 -8.93 12.39
CA VAL E 33 17.87 -9.22 13.83
C VAL E 33 17.43 -7.94 14.57
N ILE E 34 16.21 -7.94 15.12
CA ILE E 34 15.74 -6.86 15.98
C ILE E 34 16.07 -7.23 17.42
N ASN E 35 16.99 -6.50 18.01
CA ASN E 35 17.43 -6.76 19.37
C ASN E 35 16.50 -5.98 20.31
N ALA E 36 15.36 -6.59 20.66
CA ALA E 36 14.34 -5.92 21.46
C ALA E 36 14.55 -6.04 22.97
N THR E 37 15.39 -5.18 23.51
CA THR E 37 15.60 -5.17 24.94
C THR E 37 14.60 -4.30 25.68
N VAL E 38 14.26 -4.70 26.89
CA VAL E 38 13.54 -3.83 27.82
C VAL E 38 14.46 -3.67 29.04
N THR E 39 14.93 -2.45 29.24
CA THR E 39 15.90 -2.18 30.29
C THR E 39 15.31 -2.35 31.69
N GLY E 40 16.05 -3.03 32.53
CA GLY E 40 15.59 -3.30 33.88
C GLY E 40 16.18 -4.58 34.42
N GLY E 41 17.02 -4.44 35.46
CA GLY E 41 17.71 -5.54 36.10
C GLY E 41 16.73 -6.61 36.53
N ALA E 42 17.18 -7.85 36.39
CA ALA E 42 16.41 -9.05 36.74
C ALA E 42 15.08 -9.17 36.01
N GLY E 43 14.87 -8.38 34.94
CA GLY E 43 13.79 -8.59 34.01
C GLY E 43 12.42 -8.18 34.51
N VAL E 44 12.39 -7.41 35.57
CA VAL E 44 11.12 -7.01 36.14
C VAL E 44 10.37 -6.21 35.09
N ASN E 45 11.01 -5.16 34.54
CA ASN E 45 10.36 -4.35 33.51
C ASN E 45 10.00 -5.14 32.25
N ALA E 46 10.90 -6.00 31.81
CA ALA E 46 10.71 -6.79 30.60
C ALA E 46 9.48 -7.70 30.71
N ARG E 47 9.31 -8.28 31.88
CA ARG E 47 8.13 -9.12 32.20
C ARG E 47 6.82 -8.46 31.86
N ALA E 48 6.68 -7.25 32.36
CA ALA E 48 5.47 -6.47 32.19
C ALA E 48 5.20 -6.17 30.71
N VAL E 49 6.23 -5.71 30.01
CA VAL E 49 6.11 -5.42 28.58
C VAL E 49 5.74 -6.69 27.78
N LEU E 50 6.37 -7.80 28.13
CA LEU E 50 6.14 -9.07 27.43
C LEU E 50 4.72 -9.56 27.65
N LYS E 51 4.25 -9.41 28.90
CA LYS E 51 2.92 -9.81 29.26
C LYS E 51 1.90 -9.08 28.35
N THR E 52 2.01 -7.76 28.22
CA THR E 52 1.05 -7.04 27.38
C THR E 52 1.13 -7.45 25.89
N ARG E 53 2.33 -7.78 25.43
CA ARG E 53 2.49 -8.31 24.07
C ARG E 53 1.81 -9.64 23.87
N MET E 54 2.13 -10.59 24.74
CA MET E 54 1.59 -11.94 24.67
C MET E 54 0.07 -11.94 24.77
N LEU E 55 -0.47 -11.22 25.76
CA LEU E 55 -1.93 -11.13 25.94
C LEU E 55 -2.63 -10.33 24.82
N GLY E 56 -1.87 -9.62 23.99
CA GLY E 56 -2.44 -8.90 22.85
C GLY E 56 -2.26 -9.62 21.51
N GLY E 57 -1.83 -10.88 21.57
CA GLY E 57 -1.63 -11.67 20.37
C GLY E 57 -0.41 -11.27 19.56
N ASP E 58 0.62 -10.73 20.21
CA ASP E 58 1.79 -10.20 19.51
C ASP E 58 3.10 -10.70 20.14
N PRO E 59 3.31 -12.03 20.15
CA PRO E 59 4.53 -12.56 20.71
C PRO E 59 5.76 -12.10 19.93
N PRO E 60 6.91 -11.93 20.60
CA PRO E 60 8.14 -11.83 19.85
C PRO E 60 8.49 -13.22 19.32
N ASP E 61 9.53 -13.36 18.51
CA ASP E 61 9.93 -14.66 18.00
C ASP E 61 10.50 -15.55 19.07
N THR E 62 11.19 -14.94 20.03
CA THR E 62 11.71 -15.65 21.18
C THR E 62 11.96 -14.66 22.32
N PHE E 63 11.89 -15.12 23.57
CA PHE E 63 12.15 -14.24 24.70
C PHE E 63 13.00 -14.89 25.78
N GLN E 64 13.91 -14.10 26.36
CA GLN E 64 14.68 -14.53 27.50
C GLN E 64 13.73 -14.89 28.65
N VAL E 65 13.94 -16.04 29.27
CA VAL E 65 13.07 -16.50 30.35
C VAL E 65 13.85 -17.43 31.25
N HIS E 66 13.57 -17.36 32.55
CA HIS E 66 14.29 -18.17 33.49
C HIS E 66 13.76 -19.59 33.51
N ALA E 67 14.68 -20.54 33.45
CA ALA E 67 14.36 -21.96 33.66
C ALA E 67 13.78 -22.22 35.05
N GLY E 68 12.75 -23.06 35.06
CA GLY E 68 12.08 -23.43 36.28
C GLY E 68 10.69 -22.87 36.36
N MET E 69 10.30 -22.52 37.57
CA MET E 69 8.92 -22.17 37.83
C MET E 69 8.45 -20.88 37.16
N GLU E 70 9.36 -19.96 36.85
CA GLU E 70 8.98 -18.73 36.14
C GLU E 70 8.48 -19.07 34.74
N LEU E 71 9.25 -19.90 34.03
CA LEU E 71 8.88 -20.42 32.70
C LEU E 71 7.54 -21.19 32.78
N ILE E 72 7.50 -22.17 33.67
CA ILE E 72 6.41 -23.16 33.66
C ILE E 72 5.08 -22.53 34.03
N GLY E 73 5.11 -21.76 35.11
CA GLY E 73 3.90 -21.24 35.73
C GLY E 73 3.33 -20.02 35.05
N THR E 74 3.99 -19.52 34.00
CA THR E 74 3.43 -18.39 33.26
C THR E 74 2.99 -18.83 31.85
N TRP E 75 3.93 -19.03 30.94
CA TRP E 75 3.58 -19.18 29.53
C TRP E 75 3.36 -20.65 29.14
N VAL E 76 3.96 -21.57 29.89
CA VAL E 76 3.78 -23.00 29.62
C VAL E 76 2.42 -23.48 30.09
N VAL E 77 2.04 -23.17 31.32
CA VAL E 77 0.73 -23.58 31.80
C VAL E 77 -0.37 -22.90 31.01
N ALA E 78 -0.09 -21.73 30.47
CA ALA E 78 -1.05 -21.00 29.63
C ALA E 78 -1.08 -21.53 28.18
N ASN E 79 -0.38 -22.63 27.93
CA ASN E 79 -0.30 -23.24 26.61
C ASN E 79 0.09 -22.23 25.54
N ARG E 80 1.04 -21.35 25.85
CA ARG E 80 1.50 -20.36 24.86
C ARG E 80 2.85 -20.67 24.21
N MET E 81 3.47 -21.77 24.62
CA MET E 81 4.81 -22.13 24.13
C MET E 81 4.75 -23.45 23.34
N GLU E 82 5.61 -23.59 22.33
CA GLU E 82 5.77 -24.88 21.62
C GLU E 82 6.66 -25.83 22.43
N ASP E 83 6.30 -27.10 22.44
CA ASP E 83 7.12 -28.14 23.05
C ASP E 83 8.38 -28.28 22.17
N LEU E 84 9.55 -28.27 22.80
CA LEU E 84 10.81 -28.33 22.06
C LEU E 84 11.43 -29.73 22.12
N SER E 85 10.69 -30.69 22.68
CA SER E 85 11.11 -32.09 22.75
C SER E 85 11.70 -32.63 21.45
N ALA E 86 11.02 -32.41 20.34
CA ALA E 86 11.50 -32.91 19.04
C ALA E 86 12.79 -32.20 18.60
N LEU E 87 12.89 -30.89 18.87
CA LEU E 87 14.14 -30.17 18.59
C LEU E 87 15.30 -30.71 19.43
N PHE E 88 15.08 -30.96 20.71
CA PHE E 88 16.14 -31.53 21.59
C PHE E 88 16.63 -32.88 21.06
N ARG E 89 15.67 -33.67 20.60
CA ARG E 89 15.95 -34.96 19.92
C ARG E 89 16.80 -34.74 18.66
N GLN E 90 16.33 -33.88 17.76
CA GLN E 90 17.05 -33.54 16.52
C GLN E 90 18.47 -33.06 16.73
N GLU E 91 18.67 -32.27 17.79
CA GLU E 91 19.92 -31.59 18.03
C GLU E 91 20.87 -32.37 18.92
N GLY E 92 20.36 -33.42 19.56
CA GLY E 92 21.17 -34.25 20.44
C GLY E 92 21.31 -33.70 21.84
N TRP E 93 20.28 -33.01 22.32
CA TRP E 93 20.40 -32.19 23.54
C TRP E 93 19.99 -32.87 24.84
N LEU E 94 19.36 -34.05 24.75
CA LEU E 94 18.77 -34.67 25.94
C LEU E 94 19.81 -35.04 26.98
N GLN E 95 21.01 -35.36 26.51
CA GLN E 95 22.12 -35.68 27.39
C GLN E 95 23.21 -34.60 27.32
N ALA E 96 22.90 -33.45 26.71
CA ALA E 96 23.85 -32.33 26.59
C ALA E 96 23.82 -31.42 27.82
N PHE E 97 22.74 -31.47 28.59
CA PHE E 97 22.57 -30.65 29.78
C PHE E 97 22.44 -31.50 31.06
N PRO E 98 22.89 -30.95 32.20
CA PRO E 98 22.72 -31.60 33.48
C PRO E 98 21.27 -32.01 33.70
N LYS E 99 21.07 -33.24 34.16
CA LYS E 99 19.72 -33.78 34.30
C LYS E 99 18.85 -32.86 35.16
N GLY E 100 19.45 -32.23 36.18
CA GLY E 100 18.72 -31.31 37.06
C GLY E 100 18.22 -30.07 36.32
N LEU E 101 19.01 -29.63 35.34
CA LEU E 101 18.60 -28.52 34.48
C LEU E 101 17.51 -28.92 33.48
N ILE E 102 17.61 -30.11 32.92
CA ILE E 102 16.53 -30.64 32.07
C ILE E 102 15.22 -30.68 32.87
N ASP E 103 15.29 -31.10 34.13
CA ASP E 103 14.09 -31.13 34.97
C ASP E 103 13.46 -29.75 35.14
N LEU E 104 14.28 -28.71 35.32
CA LEU E 104 13.76 -27.32 35.46
C LEU E 104 12.98 -26.82 34.24
N ILE E 105 13.34 -27.27 33.05
CA ILE E 105 12.70 -26.80 31.82
C ILE E 105 11.65 -27.77 31.28
N SER E 106 11.41 -28.87 32.02
CA SER E 106 10.42 -29.87 31.66
C SER E 106 9.16 -29.74 32.49
N TYR E 107 8.03 -30.01 31.86
CA TYR E 107 6.74 -30.00 32.52
C TYR E 107 5.77 -30.84 31.73
N LYS E 108 5.06 -31.72 32.45
CA LYS E 108 4.02 -32.56 31.87
C LYS E 108 4.50 -33.32 30.65
N GLY E 109 5.76 -33.78 30.70
CA GLY E 109 6.39 -34.50 29.61
C GLY E 109 7.11 -33.67 28.56
N GLY E 110 6.81 -32.37 28.52
CA GLY E 110 7.37 -31.46 27.55
C GLY E 110 8.68 -30.86 28.01
N ILE E 111 9.43 -30.34 27.06
CA ILE E 111 10.65 -29.57 27.32
C ILE E 111 10.44 -28.21 26.65
N TRP E 112 10.57 -27.12 27.41
CA TRP E 112 9.89 -25.85 27.02
C TRP E 112 10.78 -24.64 26.70
N SER E 113 12.07 -24.77 26.94
CA SER E 113 13.03 -23.76 26.58
C SER E 113 14.43 -24.39 26.45
N VAL E 114 15.34 -23.61 25.90
CA VAL E 114 16.72 -24.00 25.72
C VAL E 114 17.60 -23.14 26.63
N PRO E 115 18.25 -23.78 27.60
CA PRO E 115 19.14 -23.03 28.49
C PRO E 115 20.44 -22.60 27.82
N VAL E 116 20.79 -21.33 28.02
CA VAL E 116 22.00 -20.77 27.40
C VAL E 116 23.15 -20.69 28.38
N ASN E 117 22.84 -20.68 29.68
CA ASN E 117 23.86 -20.49 30.69
C ASN E 117 23.44 -21.00 32.04
N ILE E 118 24.35 -20.89 32.99
CA ILE E 118 24.07 -21.03 34.40
C ILE E 118 24.69 -19.81 35.06
N HIS E 119 23.91 -19.07 35.83
CA HIS E 119 24.42 -18.01 36.73
C HIS E 119 24.28 -18.49 38.16
N ARG E 120 25.12 -17.95 39.03
CA ARG E 120 25.06 -18.20 40.45
C ARG E 120 24.58 -16.92 41.15
N SER E 121 23.64 -17.07 42.07
CA SER E 121 23.09 -15.93 42.81
C SER E 121 23.92 -15.57 44.07
N ASN E 122 24.44 -16.59 44.74
CA ASN E 122 25.01 -16.46 46.07
C ASN E 122 26.52 -16.22 46.09
N VAL E 123 26.89 -15.07 45.53
CA VAL E 123 28.29 -14.65 45.46
C VAL E 123 28.48 -13.32 46.17
N MET E 124 29.52 -13.27 46.99
CA MET E 124 30.00 -12.04 47.63
C MET E 124 31.26 -11.53 46.97
N TRP E 125 31.19 -10.29 46.48
CA TRP E 125 32.26 -9.63 45.75
C TRP E 125 32.95 -8.56 46.61
N TYR E 126 34.27 -8.49 46.48
CA TYR E 126 35.07 -7.58 47.26
C TYR E 126 36.36 -7.32 46.49
N LEU E 127 37.12 -6.31 46.92
CA LEU E 127 38.42 -6.01 46.32
C LEU E 127 39.50 -6.45 47.31
N PRO E 128 40.33 -7.44 46.95
CA PRO E 128 41.36 -7.90 47.89
C PRO E 128 42.25 -6.78 48.47
N ALA E 129 42.74 -5.87 47.62
CA ALA E 129 43.60 -4.77 48.09
C ALA E 129 42.91 -3.87 49.14
N LYS E 130 41.59 -3.66 49.00
CA LYS E 130 40.87 -2.80 49.93
C LYS E 130 40.71 -3.43 51.31
N LEU E 131 40.29 -4.71 51.34
CA LEU E 131 40.15 -5.42 52.61
C LEU E 131 41.51 -5.53 53.29
N LYS E 132 42.55 -5.67 52.48
CA LYS E 132 43.91 -5.69 52.99
C LYS E 132 44.22 -4.35 53.70
N GLY E 133 43.98 -3.23 53.01
CA GLY E 133 44.16 -1.89 53.55
C GLY E 133 43.37 -1.63 54.82
N TRP E 134 42.17 -2.21 54.91
CA TRP E 134 41.31 -2.04 56.09
C TRP E 134 41.60 -3.07 57.17
N GLY E 135 42.49 -4.01 56.88
CA GLY E 135 42.88 -5.02 57.85
C GLY E 135 41.81 -6.03 58.22
N VAL E 136 40.94 -6.39 57.26
CA VAL E 136 39.91 -7.41 57.51
C VAL E 136 39.96 -8.51 56.45
N ASN E 137 39.38 -9.66 56.79
CA ASN E 137 39.15 -10.75 55.86
C ASN E 137 37.70 -10.81 55.34
N PRO E 138 37.51 -11.45 54.17
CA PRO E 138 36.18 -11.79 53.68
C PRO E 138 35.42 -12.61 54.72
N PRO E 139 34.22 -12.16 55.13
CA PRO E 139 33.48 -12.89 56.15
C PRO E 139 32.84 -14.20 55.65
N ARG E 140 32.99 -15.28 56.43
CA ARG E 140 32.47 -16.60 56.06
C ARG E 140 31.14 -16.94 56.73
N THR E 141 30.74 -16.17 57.74
CA THR E 141 29.44 -16.30 58.37
C THR E 141 28.81 -14.91 58.49
N TRP E 142 27.49 -14.86 58.63
CA TRP E 142 26.81 -13.57 58.80
C TRP E 142 27.18 -12.92 60.14
N ASP E 143 27.43 -13.73 61.16
CA ASP E 143 28.00 -13.24 62.43
C ASP E 143 29.33 -12.50 62.21
N LYS E 144 30.28 -13.12 61.49
CA LYS E 144 31.54 -12.45 61.21
C LYS E 144 31.33 -11.21 60.34
N PHE E 145 30.39 -11.29 59.40
CA PHE E 145 30.09 -10.19 58.49
C PHE E 145 29.68 -8.96 59.28
N LEU E 146 28.81 -9.13 60.25
CA LEU E 146 28.33 -8.02 61.08
C LEU E 146 29.46 -7.44 61.97
N ALA E 147 30.29 -8.32 62.54
CA ALA E 147 31.45 -7.86 63.32
C ALA E 147 32.46 -7.08 62.45
N THR E 148 32.78 -7.61 61.28
CA THR E 148 33.65 -6.97 60.31
C THR E 148 33.12 -5.63 59.81
N CYS E 149 31.80 -5.55 59.62
CA CYS E 149 31.20 -4.28 59.20
C CYS E 149 31.32 -3.22 60.30
N GLN E 150 31.15 -3.60 61.55
CA GLN E 150 31.33 -2.65 62.65
C GLN E 150 32.74 -2.09 62.66
N THR E 151 33.73 -2.98 62.52
CA THR E 151 35.13 -2.59 62.36
C THR E 151 35.30 -1.60 61.22
N LEU E 152 34.71 -1.91 60.07
CA LEU E 152 34.86 -1.03 58.92
C LEU E 152 34.19 0.34 59.12
N LYS E 153 33.07 0.41 59.82
CA LYS E 153 32.44 1.70 60.14
C LYS E 153 33.38 2.56 61.02
N GLN E 154 34.09 1.92 61.94
CA GLN E 154 35.20 2.56 62.69
C GLN E 154 36.32 3.10 61.79
N LYS E 155 36.49 2.53 60.60
CA LYS E 155 37.52 3.00 59.67
C LYS E 155 37.01 4.04 58.69
N GLY E 156 35.77 4.48 58.88
CA GLY E 156 35.17 5.52 58.05
C GLY E 156 34.32 4.99 56.88
N LEU E 157 34.11 3.68 56.82
CA LEU E 157 33.30 3.10 55.74
C LEU E 157 31.89 3.00 56.30
N GLU E 158 31.11 4.06 56.11
CA GLU E 158 29.83 4.18 56.79
C GLU E 158 28.83 3.12 56.29
N ALA E 159 29.01 2.63 55.07
CA ALA E 159 28.13 1.55 54.54
C ALA E 159 28.99 0.49 53.86
N PRO E 160 29.55 -0.43 54.66
CA PRO E 160 30.39 -1.51 54.18
C PRO E 160 29.69 -2.46 53.18
N LEU E 161 28.37 -2.64 53.31
CA LEU E 161 27.62 -3.41 52.30
C LEU E 161 27.02 -2.48 51.23
N ALA E 162 27.38 -2.74 49.99
CA ALA E 162 26.73 -2.11 48.84
C ALA E 162 25.40 -2.82 48.53
N LEU E 163 24.36 -2.03 48.26
CA LEU E 163 23.07 -2.56 47.99
C LEU E 163 22.34 -1.61 47.00
N GLY E 164 21.46 -2.18 46.21
CA GLY E 164 20.67 -1.41 45.27
C GLY E 164 19.18 -1.54 45.46
N GLU E 165 18.49 -1.33 44.34
CA GLU E 165 17.03 -1.32 44.25
C GLU E 165 16.39 -2.61 44.77
N ASN E 166 15.08 -2.55 44.90
CA ASN E 166 14.26 -3.59 45.52
C ASN E 166 14.64 -5.03 45.15
N TRP E 167 14.77 -5.34 43.86
CA TRP E 167 15.08 -6.72 43.50
C TRP E 167 16.45 -7.17 44.04
N THR E 168 17.42 -6.25 44.18
CA THR E 168 18.72 -6.55 44.76
C THR E 168 18.69 -6.78 46.27
N GLN E 169 17.67 -6.24 46.93
CA GLN E 169 17.39 -6.49 48.35
C GLN E 169 16.81 -7.90 48.53
N GLN E 170 15.89 -8.25 47.64
CA GLN E 170 15.43 -9.65 47.57
C GLN E 170 16.58 -10.60 47.27
N HIS E 171 17.46 -10.22 46.35
CA HIS E 171 18.62 -11.02 46.01
C HIS E 171 19.51 -11.28 47.27
N LEU E 172 19.77 -10.22 48.03
CA LEU E 172 20.45 -10.35 49.30
C LEU E 172 19.69 -11.26 50.24
N TRP E 173 18.38 -11.09 50.32
CA TRP E 173 17.56 -11.92 51.16
C TRP E 173 17.72 -13.43 50.91
N GLU E 174 17.76 -13.85 49.65
CA GLU E 174 17.78 -15.31 49.37
C GLU E 174 19.08 -15.97 49.81
N SER E 175 20.17 -15.20 49.79
CA SER E 175 21.45 -15.63 50.39
C SER E 175 21.40 -15.75 51.90
N VAL E 176 20.81 -14.75 52.56
CA VAL E 176 20.65 -14.80 53.99
C VAL E 176 19.76 -15.99 54.40
N ALA E 177 18.65 -16.15 53.68
CA ALA E 177 17.70 -17.25 53.94
C ALA E 177 18.35 -18.62 53.78
N LEU E 178 19.12 -18.78 52.71
CA LEU E 178 19.86 -20.00 52.48
C LEU E 178 20.87 -20.28 53.61
N ALA E 179 21.53 -19.23 54.12
CA ALA E 179 22.50 -19.40 55.18
C ALA E 179 21.83 -19.82 56.47
N VAL E 180 20.68 -19.23 56.74
CA VAL E 180 19.99 -19.42 58.00
C VAL E 180 19.30 -20.79 57.98
N LEU E 181 18.78 -21.19 56.82
CA LEU E 181 17.92 -22.36 56.78
C LEU E 181 18.68 -23.61 56.44
N GLY E 182 19.68 -23.47 55.59
CA GLY E 182 20.33 -24.61 54.98
C GLY E 182 19.62 -24.98 53.69
N PRO E 183 20.31 -25.70 52.79
CA PRO E 183 19.72 -26.01 51.50
C PRO E 183 18.42 -26.85 51.56
N ASP E 184 18.31 -27.80 52.49
CA ASP E 184 17.08 -28.61 52.58
C ASP E 184 15.90 -27.76 52.98
N ASP E 185 16.09 -26.92 54.00
CA ASP E 185 14.98 -26.14 54.50
C ASP E 185 14.67 -24.97 53.55
N TRP E 186 15.69 -24.51 52.79
CA TRP E 186 15.42 -23.56 51.70
C TRP E 186 14.47 -24.23 50.68
N ASN E 187 14.80 -25.46 50.29
CA ASN E 187 13.95 -26.19 49.34
C ASN E 187 12.55 -26.45 49.87
N ASN E 188 12.42 -26.65 51.18
CA ASN E 188 11.12 -26.91 51.79
C ASN E 188 10.16 -25.72 51.76
N LEU E 189 10.69 -24.52 51.59
CA LEU E 189 9.81 -23.36 51.40
C LEU E 189 8.99 -23.55 50.13
N TRP E 190 9.63 -24.07 49.09
CA TRP E 190 9.10 -24.00 47.73
C TRP E 190 8.22 -25.18 47.36
N ASN E 191 8.34 -26.26 48.13
CA ASN E 191 7.44 -27.40 48.02
C ASN E 191 6.37 -27.30 49.10
N GLY E 192 6.42 -26.26 49.93
CA GLY E 192 5.40 -26.07 50.94
C GLY E 192 5.58 -26.86 52.24
N LYS E 193 6.71 -27.53 52.44
CA LYS E 193 6.89 -28.34 53.66
C LYS E 193 7.32 -27.50 54.89
N LEU E 194 7.92 -26.34 54.64
CA LEU E 194 8.29 -25.40 55.68
C LEU E 194 7.54 -24.10 55.44
N LYS E 195 6.78 -23.64 56.42
CA LYS E 195 6.06 -22.37 56.32
C LYS E 195 7.02 -21.20 56.52
N PHE E 196 6.71 -20.08 55.86
CA PHE E 196 7.45 -18.84 56.03
C PHE E 196 7.31 -18.28 57.45
N THR E 197 6.24 -18.68 58.13
CA THR E 197 5.96 -18.32 59.52
C THR E 197 6.67 -19.24 60.52
N ASP E 198 7.38 -20.26 60.05
CA ASP E 198 8.12 -21.11 60.96
C ASP E 198 9.20 -20.25 61.61
N PRO E 199 9.40 -20.36 62.94
CA PRO E 199 10.47 -19.58 63.58
C PRO E 199 11.80 -19.63 62.85
N LYS E 200 12.11 -20.77 62.24
CA LYS E 200 13.35 -20.90 61.47
C LYS E 200 13.38 -19.91 60.29
N ALA E 201 12.22 -19.76 59.65
CA ALA E 201 12.12 -18.89 58.47
C ALA E 201 12.00 -17.43 58.89
N VAL E 202 11.35 -17.17 60.02
CA VAL E 202 11.25 -15.83 60.58
C VAL E 202 12.65 -15.28 60.91
N ARG E 203 13.49 -16.16 61.44
CA ARG E 203 14.86 -15.83 61.77
C ARG E 203 15.67 -15.32 60.57
N ALA E 204 15.34 -15.81 59.36
CA ALA E 204 15.98 -15.28 58.14
C ALA E 204 15.77 -13.75 58.00
N TRP E 205 14.58 -13.28 58.37
CA TRP E 205 14.25 -11.83 58.31
C TRP E 205 14.94 -11.03 59.42
N GLU E 206 15.09 -11.65 60.59
CA GLU E 206 15.85 -11.04 61.71
C GLU E 206 17.29 -10.81 61.32
N VAL E 207 17.93 -11.85 60.77
CA VAL E 207 19.30 -11.75 60.35
C VAL E 207 19.40 -10.72 59.20
N PHE E 208 18.51 -10.85 58.23
CA PHE E 208 18.47 -9.90 57.10
C PHE E 208 18.41 -8.43 57.54
N GLY E 209 17.59 -8.14 58.53
CA GLY E 209 17.48 -6.78 59.10
C GLY E 209 18.77 -6.25 59.73
N ARG E 210 19.50 -7.12 60.40
CA ARG E 210 20.84 -6.78 60.90
C ARG E 210 21.78 -6.46 59.76
N VAL E 211 21.78 -7.30 58.73
CA VAL E 211 22.61 -7.08 57.57
C VAL E 211 22.22 -5.77 56.85
N LEU E 212 20.93 -5.45 56.78
CA LEU E 212 20.50 -4.24 56.07
C LEU E 212 21.10 -2.98 56.72
N ASP E 213 21.31 -3.08 58.03
CA ASP E 213 21.89 -1.98 58.79
C ASP E 213 23.32 -1.66 58.41
N CYS E 214 23.93 -2.52 57.58
CA CYS E 214 25.28 -2.32 57.04
C CYS E 214 25.31 -1.71 55.65
N ALA E 215 24.12 -1.48 55.07
CA ALA E 215 24.01 -1.04 53.68
C ALA E 215 23.90 0.48 53.54
N ASN E 216 24.20 0.94 52.32
CA ASN E 216 23.98 2.33 51.93
C ASN E 216 22.50 2.72 51.93
N LYS E 217 22.24 3.93 52.41
CA LYS E 217 20.87 4.41 52.60
C LYS E 217 20.19 4.79 51.28
N ASP E 218 20.98 5.10 50.25
CA ASP E 218 20.45 5.39 48.91
C ASP E 218 20.23 4.17 47.99
N ALA E 219 20.17 2.99 48.57
CA ALA E 219 20.10 1.74 47.82
C ALA E 219 18.90 1.73 46.85
N ALA E 220 17.76 2.27 47.29
CA ALA E 220 16.50 2.12 46.54
C ALA E 220 16.58 2.61 45.12
N GLY E 221 17.40 3.62 44.88
CA GLY E 221 17.50 4.15 43.54
C GLY E 221 18.69 3.71 42.72
N LEU E 222 19.43 2.68 43.16
CA LEU E 222 20.58 2.22 42.38
C LEU E 222 20.32 0.89 41.64
N SER E 223 20.87 0.82 40.43
CA SER E 223 20.94 -0.41 39.68
C SER E 223 21.94 -1.35 40.32
N TRP E 224 21.87 -2.62 39.92
CA TRP E 224 22.82 -3.57 40.46
C TRP E 224 24.26 -3.18 40.12
N GLN E 225 24.45 -2.63 38.92
CA GLN E 225 25.77 -2.18 38.50
C GLN E 225 26.31 -1.03 39.37
N GLN E 226 25.42 -0.11 39.73
CA GLN E 226 25.82 1.03 40.58
C GLN E 226 26.22 0.58 41.98
N ALA E 227 25.61 -0.49 42.50
CA ALA E 227 26.01 -1.07 43.77
C ALA E 227 27.38 -1.75 43.62
N VAL E 228 27.58 -2.48 42.52
CA VAL E 228 28.93 -3.01 42.23
C VAL E 228 29.98 -1.88 42.18
N ASP E 229 29.65 -0.80 41.47
CA ASP E 229 30.55 0.38 41.38
C ASP E 229 30.98 0.91 42.73
N ARG E 230 30.09 0.89 43.72
CA ARG E 230 30.44 1.33 45.05
C ARG E 230 31.58 0.51 45.65
N VAL E 231 31.57 -0.81 45.40
CA VAL E 231 32.65 -1.67 45.89
C VAL E 231 33.91 -1.39 45.09
N VAL E 232 33.74 -1.28 43.77
CA VAL E 232 34.85 -1.02 42.87
C VAL E 232 35.58 0.27 43.24
N GLN E 233 34.82 1.25 43.72
CA GLN E 233 35.36 2.57 44.04
C GLN E 233 35.77 2.73 45.48
N GLY E 234 35.56 1.71 46.30
CA GLY E 234 36.01 1.75 47.68
C GLY E 234 35.05 2.45 48.63
N LYS E 235 33.80 2.65 48.19
CA LYS E 235 32.75 3.24 49.01
C LYS E 235 31.93 2.17 49.71
N ALA E 236 32.20 0.92 49.37
CA ALA E 236 31.71 -0.22 50.11
C ALA E 236 32.82 -1.27 50.11
N ALA E 237 32.66 -2.30 50.96
CA ALA E 237 33.59 -3.44 51.01
C ALA E 237 33.04 -4.70 50.31
N PHE E 238 31.72 -4.91 50.38
CA PHE E 238 31.09 -6.16 49.90
C PHE E 238 29.79 -5.88 49.11
N ASN E 239 29.48 -6.77 48.17
CA ASN E 239 28.20 -6.75 47.46
C ASN E 239 27.77 -8.21 47.29
N ILE E 240 26.51 -8.51 47.60
CA ILE E 240 25.95 -9.83 47.34
C ILE E 240 25.16 -9.73 46.04
N MET E 241 25.67 -10.36 44.99
CA MET E 241 25.07 -10.27 43.67
C MET E 241 25.42 -11.47 42.80
N GLY E 242 24.60 -11.70 41.77
CA GLY E 242 24.85 -12.77 40.79
C GLY E 242 26.09 -12.52 39.95
N ASP E 243 26.59 -13.56 39.29
CA ASP E 243 27.90 -13.47 38.63
C ASP E 243 27.88 -12.84 37.25
N TRP E 244 26.74 -12.28 36.88
CA TRP E 244 26.74 -11.22 35.88
C TRP E 244 27.66 -10.04 36.32
N ALA E 245 27.88 -9.88 37.63
CA ALA E 245 28.84 -8.87 38.15
C ALA E 245 30.28 -9.16 37.73
N ALA E 246 30.64 -10.43 37.64
CA ALA E 246 31.96 -10.80 37.11
C ALA E 246 32.12 -10.36 35.67
N GLY E 247 31.11 -10.63 34.85
CA GLY E 247 31.09 -10.14 33.50
C GLY E 247 31.16 -8.61 33.38
N TYR E 248 30.47 -7.89 34.27
CA TYR E 248 30.53 -6.43 34.28
C TYR E 248 31.95 -5.97 34.56
N MET E 249 32.53 -6.50 35.63
CA MET E 249 33.82 -6.05 36.11
C MET E 249 34.97 -6.41 35.16
N THR E 250 34.82 -7.48 34.38
CA THR E 250 35.81 -7.88 33.37
C THR E 250 35.51 -7.29 31.98
N THR E 251 34.36 -7.62 31.39
CA THR E 251 34.04 -7.15 30.03
C THR E 251 33.88 -5.63 29.93
N THR E 252 33.33 -5.01 30.96
CA THR E 252 33.05 -3.58 30.91
C THR E 252 34.16 -2.79 31.60
N LEU E 253 34.48 -3.14 32.84
CA LEU E 253 35.47 -2.40 33.60
C LEU E 253 36.93 -2.88 33.42
N LYS E 254 37.13 -4.03 32.75
CA LYS E 254 38.46 -4.53 32.43
C LYS E 254 39.28 -4.78 33.68
N LEU E 255 38.65 -5.18 34.77
CA LEU E 255 39.36 -5.58 35.98
C LEU E 255 39.83 -7.02 35.88
N LYS E 256 41.02 -7.28 36.42
CA LYS E 256 41.60 -8.60 36.41
C LYS E 256 41.01 -9.45 37.52
N PRO E 257 40.41 -10.60 37.16
CA PRO E 257 39.87 -11.48 38.18
C PRO E 257 40.95 -12.03 39.11
N GLY E 258 40.62 -12.14 40.39
CA GLY E 258 41.55 -12.58 41.41
C GLY E 258 42.40 -11.47 42.00
N THR E 259 42.83 -10.51 41.17
CA THR E 259 43.71 -9.43 41.63
C THR E 259 42.98 -8.09 41.84
N ASP E 260 42.24 -7.64 40.83
CA ASP E 260 41.46 -6.39 40.92
C ASP E 260 40.09 -6.51 41.59
N PHE E 261 39.69 -7.75 41.86
CA PHE E 261 38.44 -8.08 42.58
C PHE E 261 38.46 -9.57 42.88
N ALA E 262 37.70 -9.97 43.89
CA ALA E 262 37.63 -11.36 44.28
C ALA E 262 36.21 -11.74 44.68
N TRP E 263 36.03 -13.01 45.02
CA TRP E 263 34.70 -13.58 45.25
C TRP E 263 34.75 -14.70 46.29
N ALA E 264 33.64 -14.85 47.00
CA ALA E 264 33.43 -15.93 47.92
C ALA E 264 31.95 -16.31 47.86
N PRO E 265 31.60 -17.51 48.34
CA PRO E 265 30.17 -17.72 48.52
C PRO E 265 29.59 -16.69 49.51
N SER E 266 28.33 -16.30 49.33
CA SER E 266 27.67 -15.49 50.33
C SER E 266 27.90 -16.16 51.69
N PRO E 267 28.20 -15.37 52.74
CA PRO E 267 28.47 -15.91 54.07
C PRO E 267 27.48 -16.96 54.49
N GLY E 268 27.99 -18.11 54.96
CA GLY E 268 27.11 -19.14 55.51
C GLY E 268 26.53 -20.07 54.48
N THR E 269 26.98 -19.93 53.24
CA THR E 269 26.47 -20.74 52.13
C THR E 269 27.55 -21.50 51.38
N GLN E 270 28.77 -21.50 51.91
CA GLN E 270 29.87 -22.26 51.31
C GLN E 270 29.41 -23.70 51.06
N GLY E 271 29.75 -24.25 49.91
CA GLY E 271 29.38 -25.62 49.60
C GLY E 271 28.03 -25.74 48.91
N VAL E 272 27.30 -24.60 48.78
CA VAL E 272 26.00 -24.59 48.06
C VAL E 272 26.02 -23.55 46.97
N PHE E 273 25.56 -23.97 45.79
CA PHE E 273 25.50 -23.18 44.56
C PHE E 273 24.00 -22.89 44.33
N MET E 274 23.62 -21.62 44.51
CA MET E 274 22.25 -21.20 44.26
C MET E 274 22.17 -20.75 42.83
N MET E 275 21.60 -21.60 41.99
CA MET E 275 21.64 -21.37 40.56
C MET E 275 20.37 -20.72 40.00
N LEU E 276 20.56 -20.17 38.80
CA LEU E 276 19.50 -19.79 37.89
C LEU E 276 20.04 -20.00 36.47
N SER E 277 19.14 -19.98 35.50
CA SER E 277 19.52 -20.18 34.09
C SER E 277 18.63 -19.33 33.20
N ASP E 278 19.26 -18.57 32.32
CA ASP E 278 18.58 -17.87 31.25
C ASP E 278 18.35 -18.86 30.10
N SER E 279 17.18 -18.77 29.52
CA SER E 279 16.78 -19.70 28.46
C SER E 279 15.93 -18.97 27.45
N PHE E 280 15.80 -19.59 26.27
CA PHE E 280 14.89 -19.11 25.21
C PHE E 280 13.98 -20.25 24.75
N GLY E 281 12.73 -19.91 24.48
CA GLY E 281 11.75 -20.82 23.95
C GLY E 281 11.16 -20.36 22.65
N LEU E 282 10.12 -21.05 22.23
CA LEU E 282 9.49 -20.79 20.95
C LEU E 282 8.03 -20.50 21.24
N PRO E 283 7.69 -19.21 21.33
CA PRO E 283 6.27 -18.92 21.51
C PRO E 283 5.40 -19.31 20.31
N LYS E 284 4.23 -19.88 20.57
CA LYS E 284 3.19 -20.04 19.55
C LYS E 284 2.87 -18.71 18.90
N GLY E 285 2.72 -18.72 17.58
CA GLY E 285 2.32 -17.51 16.87
C GLY E 285 3.48 -16.61 16.49
N ALA E 286 4.70 -16.99 16.83
CA ALA E 286 5.90 -16.29 16.36
C ALA E 286 5.77 -16.02 14.86
N LYS E 287 6.01 -14.76 14.46
CA LYS E 287 5.93 -14.37 13.04
C LYS E 287 7.04 -15.01 12.22
N ASN E 288 8.22 -15.19 12.81
CA ASN E 288 9.37 -15.73 12.12
C ASN E 288 9.86 -17.04 12.79
N ARG E 289 9.03 -18.07 12.69
CA ARG E 289 9.24 -19.33 13.38
C ARG E 289 10.56 -20.02 13.05
N GLN E 290 10.86 -20.13 11.75
CA GLN E 290 12.06 -20.86 11.26
C GLN E 290 13.33 -20.16 11.75
N ASN E 291 13.32 -18.84 11.68
CA ASN E 291 14.45 -18.05 12.19
C ASN E 291 14.60 -18.17 13.70
N ALA E 292 13.47 -18.24 14.41
CA ALA E 292 13.47 -18.47 15.86
C ALA E 292 14.09 -19.83 16.20
N ILE E 293 13.66 -20.87 15.49
CA ILE E 293 14.23 -22.20 15.72
C ILE E 293 15.73 -22.18 15.50
N ASN E 294 16.20 -21.48 14.48
CA ASN E 294 17.66 -21.42 14.27
C ASN E 294 18.40 -20.65 15.39
N TRP E 295 17.73 -19.67 15.99
CA TRP E 295 18.33 -18.98 17.14
C TRP E 295 18.50 -19.98 18.29
N LEU E 296 17.43 -20.74 18.57
CA LEU E 296 17.47 -21.77 19.63
C LEU E 296 18.60 -22.76 19.39
N ARG E 297 18.75 -23.18 18.14
CA ARG E 297 19.81 -24.12 17.76
C ARG E 297 21.18 -23.52 18.06
N LEU E 298 21.33 -22.23 17.81
CA LEU E 298 22.57 -21.53 18.13
C LEU E 298 22.76 -21.45 19.64
N VAL E 299 21.68 -21.07 20.33
CA VAL E 299 21.70 -20.86 21.78
C VAL E 299 22.03 -22.11 22.57
N GLY E 300 21.53 -23.25 22.08
CA GLY E 300 21.78 -24.55 22.72
C GLY E 300 23.12 -25.22 22.38
N SER E 301 23.90 -24.58 21.51
CA SER E 301 25.15 -25.16 21.00
C SER E 301 26.36 -24.75 21.83
N LYS E 302 27.38 -25.61 21.81
CA LYS E 302 28.65 -25.32 22.46
C LYS E 302 29.30 -24.06 21.88
N GLU E 303 29.14 -23.88 20.57
CA GLU E 303 29.73 -22.77 19.87
C GLU E 303 29.20 -21.44 20.40
N GLY E 304 27.87 -21.34 20.46
CA GLY E 304 27.20 -20.16 21.00
C GLY E 304 27.52 -19.94 22.46
N GLN E 305 27.36 -20.97 23.28
CA GLN E 305 27.54 -20.80 24.72
C GLN E 305 28.97 -20.46 25.11
N ASP E 306 29.95 -20.98 24.39
CA ASP E 306 31.33 -20.76 24.80
C ASP E 306 31.87 -19.48 24.20
N THR E 307 31.12 -18.88 23.27
CA THR E 307 31.38 -17.52 22.76
C THR E 307 30.75 -16.43 23.68
N SER E 308 29.49 -16.62 24.03
CA SER E 308 28.71 -15.64 24.79
C SER E 308 29.02 -15.64 26.27
N ASN E 309 29.04 -16.79 26.90
CA ASN E 309 29.20 -16.86 28.32
C ASN E 309 30.47 -16.28 28.96
N PRO E 310 31.65 -16.41 28.31
CA PRO E 310 32.86 -15.75 28.84
C PRO E 310 32.73 -14.23 29.08
N LEU E 311 31.97 -13.56 28.24
CA LEU E 311 31.64 -12.15 28.38
C LEU E 311 30.64 -11.82 29.49
N LYS E 312 29.74 -12.76 29.78
CA LYS E 312 28.58 -12.53 30.64
C LYS E 312 28.89 -12.71 32.14
N GLY E 313 29.80 -13.62 32.44
CA GLY E 313 30.14 -13.97 33.81
C GLY E 313 29.44 -15.25 34.22
N SER E 314 28.44 -15.68 33.45
CA SER E 314 27.81 -17.00 33.65
C SER E 314 28.72 -18.12 33.10
N ILE E 315 28.43 -19.36 33.48
CA ILE E 315 29.03 -20.51 32.82
C ILE E 315 28.05 -21.09 31.77
N ALA E 316 28.55 -21.94 30.88
CA ALA E 316 27.68 -22.63 29.93
C ALA E 316 26.72 -23.58 30.66
N ALA E 317 25.54 -23.75 30.07
CA ALA E 317 24.62 -24.80 30.52
C ALA E 317 25.10 -26.19 30.09
N ARG E 318 25.78 -26.26 28.96
CA ARG E 318 26.28 -27.51 28.38
C ARG E 318 27.39 -28.24 29.14
N LEU E 319 27.20 -29.54 29.27
CA LEU E 319 28.18 -30.39 29.92
C LEU E 319 29.53 -30.39 29.19
N ASP E 320 29.54 -30.21 27.87
CA ASP E 320 30.79 -30.29 27.09
C ASP E 320 31.50 -28.95 26.93
N SER E 321 31.08 -27.93 27.69
CA SER E 321 31.73 -26.62 27.63
C SER E 321 33.25 -26.70 27.82
N ASP E 322 33.98 -25.90 27.03
CA ASP E 322 35.46 -25.86 27.09
C ASP E 322 35.95 -24.87 28.15
N PRO E 323 36.49 -25.38 29.28
CA PRO E 323 36.83 -24.48 30.40
C PRO E 323 37.96 -23.50 30.09
N SER E 324 38.74 -23.79 29.05
CA SER E 324 39.84 -22.93 28.59
C SER E 324 39.34 -21.60 28.03
N LYS E 325 38.07 -21.56 27.62
CA LYS E 325 37.47 -20.32 27.13
C LYS E 325 37.11 -19.32 28.27
N TYR E 326 37.26 -19.75 29.52
CA TYR E 326 36.78 -18.99 30.68
C TYR E 326 37.94 -18.46 31.51
N ASN E 327 37.72 -17.31 32.13
CA ASN E 327 38.72 -16.68 32.96
C ASN E 327 38.71 -17.30 34.35
N ALA E 328 39.50 -16.72 35.24
CA ALA E 328 39.59 -17.20 36.61
C ALA E 328 38.22 -17.31 37.31
N TYR E 329 37.32 -16.37 37.05
CA TYR E 329 36.00 -16.45 37.70
C TYR E 329 35.24 -17.67 37.13
N GLY E 330 35.06 -17.70 35.81
CA GLY E 330 34.32 -18.77 35.14
C GLY E 330 34.76 -20.16 35.56
N GLN E 331 36.08 -20.35 35.64
CA GLN E 331 36.64 -21.66 35.94
C GLN E 331 36.34 -22.01 37.38
N SER E 332 36.40 -21.02 38.27
CA SER E 332 35.98 -21.20 39.66
C SER E 332 34.50 -21.59 39.76
N ALA E 333 33.67 -20.92 38.99
CA ALA E 333 32.22 -21.22 38.97
C ALA E 333 31.93 -22.65 38.43
N MET E 334 32.63 -23.04 37.36
CA MET E 334 32.51 -24.40 36.80
C MET E 334 32.86 -25.48 37.82
N ARG E 335 33.90 -25.24 38.61
CA ARG E 335 34.31 -26.20 39.63
C ARG E 335 33.24 -26.34 40.71
N ASP E 336 32.66 -25.22 41.15
CA ASP E 336 31.66 -25.28 42.20
C ASP E 336 30.35 -25.89 41.68
N TRP E 337 30.06 -25.65 40.42
CA TRP E 337 28.85 -26.18 39.78
C TRP E 337 28.86 -27.73 39.80
N ARG E 338 30.04 -28.27 39.58
CA ARG E 338 30.26 -29.73 39.57
C ARG E 338 30.39 -30.35 40.97
N SER E 339 30.77 -29.58 41.97
CA SER E 339 31.01 -30.16 43.30
C SER E 339 29.95 -29.85 44.36
N ASN E 340 29.31 -28.68 44.21
CA ASN E 340 28.43 -28.18 45.26
C ASN E 340 27.07 -28.83 45.27
N ARG E 341 26.42 -28.75 46.41
CA ARG E 341 24.99 -28.95 46.47
C ARG E 341 24.30 -27.81 45.70
N ILE E 342 23.34 -28.18 44.86
CA ILE E 342 22.65 -27.20 44.02
C ILE E 342 21.26 -26.96 44.57
N VAL E 343 20.91 -25.69 44.72
CA VAL E 343 19.55 -25.23 45.02
C VAL E 343 19.25 -24.12 43.99
N GLY E 344 17.97 -23.77 43.86
CA GLY E 344 17.53 -22.75 42.92
C GLY E 344 17.27 -21.38 43.55
N SER E 345 17.43 -20.34 42.74
CA SER E 345 17.08 -18.96 43.10
C SER E 345 15.56 -18.65 43.05
N LEU E 346 15.12 -17.84 44.01
CA LEU E 346 13.78 -17.30 44.04
C LEU E 346 13.67 -16.09 43.11
N VAL E 347 14.53 -15.09 43.33
CA VAL E 347 14.45 -13.81 42.62
C VAL E 347 14.63 -14.04 41.11
N HIS E 348 15.38 -15.10 40.79
CA HIS E 348 15.69 -15.42 39.42
C HIS E 348 15.04 -16.70 38.86
N GLY E 349 13.84 -16.98 39.34
CA GLY E 349 12.87 -17.73 38.57
C GLY E 349 12.86 -19.23 38.68
N ALA E 350 13.76 -19.82 39.46
CA ALA E 350 13.88 -21.28 39.47
C ALA E 350 12.82 -21.92 40.35
N VAL E 351 12.60 -21.41 41.53
CA VAL E 351 11.90 -22.18 42.55
C VAL E 351 10.44 -21.83 42.77
N ALA E 352 10.03 -20.63 42.36
CA ALA E 352 8.67 -20.13 42.62
C ALA E 352 8.07 -19.53 41.37
N PRO E 353 6.73 -19.64 41.22
CA PRO E 353 6.08 -19.05 40.08
C PRO E 353 6.05 -17.51 40.19
N GLU E 354 5.90 -16.87 39.05
CA GLU E 354 5.82 -15.40 38.98
C GLU E 354 4.72 -14.80 39.87
N SER E 355 3.65 -15.55 40.11
CA SER E 355 2.58 -15.11 41.00
C SER E 355 3.13 -14.85 42.40
N PHE E 356 4.08 -15.68 42.83
CA PHE E 356 4.73 -15.48 44.10
C PHE E 356 5.83 -14.43 43.93
N MET E 357 6.68 -14.57 42.92
CA MET E 357 7.84 -13.69 42.69
C MET E 357 7.49 -12.21 42.67
N SER E 358 6.44 -11.89 41.90
CA SER E 358 6.04 -10.52 41.70
C SER E 358 5.61 -9.87 43.00
N GLN E 359 4.98 -10.64 43.88
CA GLN E 359 4.47 -10.13 45.13
C GLN E 359 5.51 -10.12 46.25
N PHE E 360 6.63 -10.82 46.05
CA PHE E 360 7.67 -10.88 47.07
C PHE E 360 8.35 -9.52 47.15
N GLY E 361 8.37 -8.81 46.03
CA GLY E 361 8.83 -7.43 46.03
C GLY E 361 8.03 -6.52 46.96
N THR E 362 6.71 -6.74 47.03
CA THR E 362 5.87 -6.01 47.94
C THR E 362 6.18 -6.43 49.38
N VAL E 363 6.38 -7.73 49.59
CA VAL E 363 6.76 -8.20 50.94
C VAL E 363 8.02 -7.48 51.40
N MET E 364 9.00 -7.38 50.52
CA MET E 364 10.29 -6.76 50.82
C MET E 364 10.16 -5.27 51.06
N GLU E 365 9.37 -4.61 50.23
CA GLU E 365 9.15 -3.16 50.35
C GLU E 365 8.55 -2.86 51.72
N ILE E 366 7.63 -3.69 52.14
CA ILE E 366 7.00 -3.51 53.42
C ILE E 366 8.01 -3.76 54.55
N PHE E 367 8.84 -4.79 54.44
CA PHE E 367 9.81 -5.06 55.49
C PHE E 367 10.77 -3.89 55.64
N LEU E 368 11.23 -3.37 54.52
CA LEU E 368 12.08 -2.18 54.49
C LEU E 368 11.44 -1.01 55.25
N GLN E 369 10.13 -0.88 55.16
CA GLN E 369 9.41 0.19 55.88
C GLN E 369 9.18 -0.13 57.34
N THR E 370 8.62 -1.31 57.61
CA THR E 370 8.24 -1.67 58.97
C THR E 370 9.40 -2.25 59.79
N ARG E 371 10.40 -2.82 59.13
CA ARG E 371 11.45 -3.63 59.77
C ARG E 371 10.89 -4.59 60.83
N ASN E 372 9.76 -5.21 60.50
CA ASN E 372 9.07 -6.14 61.38
C ASN E 372 9.23 -7.52 60.74
N PRO E 373 10.17 -8.33 61.25
CA PRO E 373 10.40 -9.68 60.74
C PRO E 373 9.18 -10.56 60.76
N GLN E 374 8.36 -10.48 61.81
CA GLN E 374 7.18 -11.35 61.88
C GLN E 374 6.11 -10.99 60.84
N ALA E 375 5.93 -9.68 60.59
CA ALA E 375 5.00 -9.23 59.59
C ALA E 375 5.44 -9.68 58.18
N ALA E 376 6.74 -9.61 57.92
CA ALA E 376 7.27 -10.01 56.62
C ALA E 376 7.04 -11.48 56.36
N ALA E 377 7.45 -12.31 57.32
CA ALA E 377 7.22 -13.76 57.26
C ALA E 377 5.74 -14.07 57.05
N ASN E 378 4.87 -13.40 57.82
CA ASN E 378 3.44 -13.61 57.74
C ASN E 378 2.92 -13.18 56.36
N ALA E 379 3.52 -12.13 55.81
CA ALA E 379 3.14 -11.60 54.50
C ALA E 379 3.51 -12.59 53.40
N ALA E 380 4.72 -13.13 53.48
CA ALA E 380 5.15 -14.19 52.54
C ALA E 380 4.28 -15.45 52.63
N GLN E 381 3.92 -15.87 53.84
CA GLN E 381 2.99 -16.98 54.00
C GLN E 381 1.61 -16.67 53.40
N ALA E 382 1.11 -15.45 53.57
CA ALA E 382 -0.18 -15.07 52.94
C ALA E 382 -0.14 -15.23 51.41
N ILE E 383 0.92 -14.71 50.80
CA ILE E 383 1.10 -14.77 49.36
C ILE E 383 1.19 -16.22 48.89
N ALA E 384 1.98 -17.02 49.61
CA ALA E 384 2.10 -18.45 49.31
C ALA E 384 0.73 -19.15 49.30
N ASP E 385 -0.05 -18.91 50.36
CA ASP E 385 -1.41 -19.41 50.49
C ASP E 385 -2.36 -18.94 49.37
N GLN E 386 -2.28 -17.66 49.01
CA GLN E 386 -3.13 -17.15 47.93
C GLN E 386 -2.81 -17.81 46.59
N VAL E 387 -1.52 -17.99 46.29
CA VAL E 387 -1.12 -18.54 45.00
C VAL E 387 -1.12 -20.07 44.99
N GLY E 388 -1.31 -20.69 46.15
CA GLY E 388 -1.16 -22.14 46.27
C GLY E 388 0.25 -22.63 46.02
N LEU E 389 1.24 -21.95 46.60
CA LEU E 389 2.65 -22.27 46.39
C LEU E 389 2.89 -23.76 46.65
N GLY E 390 3.50 -24.44 45.69
CA GLY E 390 3.73 -25.88 45.76
C GLY E 390 2.80 -26.70 44.87
N ARG E 391 1.64 -26.16 44.52
CA ARG E 391 0.66 -26.89 43.70
C ARG E 391 1.18 -27.23 42.33
N LEU E 392 2.11 -26.43 41.81
CA LEU E 392 2.67 -26.68 40.50
C LEU E 392 3.78 -27.71 40.57
N MET F 1 -12.50 4.77 72.87
CA MET F 1 -12.90 3.57 72.08
C MET F 1 -13.03 3.93 70.60
N LYS F 2 -12.56 3.03 69.74
CA LYS F 2 -12.49 3.32 68.29
C LYS F 2 -13.09 2.16 67.48
N LEU F 3 -13.52 2.49 66.26
CA LEU F 3 -13.88 1.52 65.25
C LEU F 3 -13.44 2.09 63.88
N GLU F 4 -12.47 1.42 63.24
CA GLU F 4 -11.98 1.81 61.92
C GLU F 4 -12.62 0.94 60.85
N ILE F 5 -13.51 1.55 60.07
CA ILE F 5 -14.24 0.90 58.99
C ILE F 5 -13.58 1.27 57.65
N PHE F 6 -13.13 0.23 56.93
CA PHE F 6 -12.45 0.40 55.64
C PHE F 6 -13.40 0.09 54.46
N SER F 7 -13.48 0.97 53.47
CA SER F 7 -14.41 0.78 52.35
C SER F 7 -14.02 1.65 51.16
N TRP F 8 -14.75 1.52 50.06
CA TRP F 8 -14.58 2.47 48.95
C TRP F 8 -15.80 3.36 48.77
N TRP F 9 -16.51 3.61 49.86
CA TRP F 9 -17.75 4.37 49.80
C TRP F 9 -17.44 5.84 50.11
N ALA F 10 -16.61 6.42 49.26
CA ALA F 10 -16.21 7.84 49.36
C ALA F 10 -17.19 8.70 48.57
N GLY F 11 -17.17 10.01 48.87
CA GLY F 11 -17.90 11.00 48.08
C GLY F 11 -19.36 10.67 48.05
N ASP F 12 -19.97 10.80 46.89
CA ASP F 12 -21.40 10.55 46.73
C ASP F 12 -21.81 9.07 46.85
N GLU F 13 -20.86 8.17 47.01
CA GLU F 13 -21.21 6.83 47.41
C GLU F 13 -21.35 6.69 48.94
N GLY F 14 -21.02 7.74 49.68
CA GLY F 14 -21.00 7.72 51.15
C GLY F 14 -22.30 7.76 51.96
N PRO F 15 -23.38 8.34 51.41
CA PRO F 15 -24.61 8.48 52.18
C PRO F 15 -25.15 7.22 52.89
N ALA F 16 -25.20 6.08 52.20
CA ALA F 16 -25.75 4.85 52.82
C ALA F 16 -24.88 4.40 53.98
N LEU F 17 -23.56 4.39 53.79
CA LEU F 17 -22.62 4.09 54.86
C LEU F 17 -22.73 5.07 56.04
N GLU F 18 -22.75 6.37 55.72
CA GLU F 18 -22.85 7.44 56.73
C GLU F 18 -24.07 7.25 57.66
N ALA F 19 -25.18 6.82 57.08
CA ALA F 19 -26.38 6.51 57.82
C ALA F 19 -26.23 5.28 58.75
N LEU F 20 -25.46 4.29 58.31
CA LEU F 20 -25.11 3.14 59.16
C LEU F 20 -24.21 3.55 60.31
N ILE F 21 -23.28 4.47 60.03
CA ILE F 21 -22.38 4.98 61.07
C ILE F 21 -23.13 5.81 62.11
N ARG F 22 -24.07 6.66 61.66
CA ARG F 22 -24.96 7.38 62.58
C ARG F 22 -25.77 6.38 63.43
N LEU F 23 -26.34 5.37 62.79
CA LEU F 23 -27.09 4.33 63.50
C LEU F 23 -26.23 3.57 64.53
N TYR F 24 -24.99 3.30 64.15
CA TYR F 24 -24.02 2.68 65.05
C TYR F 24 -23.66 3.57 66.26
N LYS F 25 -23.50 4.86 66.01
CA LYS F 25 -23.04 5.80 67.05
C LYS F 25 -24.15 5.99 68.09
N GLN F 26 -25.38 5.96 67.59
CA GLN F 26 -26.60 5.98 68.38
C GLN F 26 -26.74 4.75 69.31
N LYS F 27 -26.33 3.58 68.82
CA LYS F 27 -26.30 2.33 69.62
C LYS F 27 -25.09 2.21 70.54
N TYR F 28 -23.97 2.84 70.16
CA TYR F 28 -22.71 2.70 70.88
C TYR F 28 -22.08 4.08 71.01
N PRO F 29 -22.58 4.87 71.97
CA PRO F 29 -22.14 6.27 72.09
C PRO F 29 -20.68 6.53 72.42
N GLY F 30 -19.97 5.57 73.01
CA GLY F 30 -18.58 5.84 73.40
C GLY F 30 -17.51 5.65 72.32
N VAL F 31 -17.93 5.28 71.12
CA VAL F 31 -16.98 4.83 70.08
C VAL F 31 -16.82 5.88 68.99
N GLU F 32 -15.58 6.31 68.79
CA GLU F 32 -15.21 7.15 67.67
C GLU F 32 -15.11 6.27 66.42
N VAL F 33 -15.93 6.55 65.41
CA VAL F 33 -15.83 5.81 64.14
C VAL F 33 -14.89 6.53 63.15
N ILE F 34 -13.84 5.82 62.74
CA ILE F 34 -12.92 6.31 61.73
C ILE F 34 -13.40 5.72 60.40
N ASN F 35 -13.79 6.61 59.47
CA ASN F 35 -14.39 6.21 58.21
C ASN F 35 -13.27 6.19 57.17
N ALA F 36 -12.59 5.05 57.07
CA ALA F 36 -11.38 4.96 56.26
C ALA F 36 -11.73 4.55 54.81
N THR F 37 -12.13 5.51 53.98
CA THR F 37 -12.48 5.22 52.58
C THR F 37 -11.26 5.36 51.68
N VAL F 38 -11.20 4.49 50.67
CA VAL F 38 -10.21 4.62 49.62
C VAL F 38 -11.01 4.92 48.36
N THR F 39 -10.78 6.11 47.84
CA THR F 39 -11.57 6.60 46.71
C THR F 39 -11.21 5.78 45.47
N GLY F 40 -12.27 5.29 44.81
CA GLY F 40 -12.15 4.63 43.53
C GLY F 40 -13.26 3.63 43.30
N GLY F 41 -13.98 3.82 42.18
CA GLY F 41 -15.04 2.93 41.76
C GLY F 41 -14.65 1.46 41.77
N ALA F 42 -15.61 0.63 42.22
CA ALA F 42 -15.50 -0.82 42.20
C ALA F 42 -14.38 -1.40 43.06
N GLY F 43 -13.80 -0.59 43.96
CA GLY F 43 -12.78 -1.03 44.88
C GLY F 43 -11.40 -1.38 44.32
N VAL F 44 -11.10 -0.92 43.12
CA VAL F 44 -9.84 -1.24 42.51
C VAL F 44 -8.73 -0.61 43.35
N ASN F 45 -8.85 0.68 43.69
CA ASN F 45 -7.84 1.29 44.56
C ASN F 45 -7.85 0.73 46.00
N ALA F 46 -9.04 0.56 46.56
CA ALA F 46 -9.19 -0.02 47.91
C ALA F 46 -8.48 -1.38 48.07
N ARG F 47 -8.63 -2.26 47.08
CA ARG F 47 -7.89 -3.54 47.02
C ARG F 47 -6.39 -3.37 47.24
N ALA F 48 -5.79 -2.46 46.50
CA ALA F 48 -4.35 -2.20 46.59
C ALA F 48 -3.93 -1.66 47.96
N VAL F 49 -4.69 -0.71 48.49
CA VAL F 49 -4.38 -0.12 49.78
C VAL F 49 -4.61 -1.16 50.93
N LEU F 50 -5.70 -1.91 50.83
CA LEU F 50 -5.91 -3.00 51.77
C LEU F 50 -4.77 -4.00 51.76
N LYS F 51 -4.32 -4.41 50.58
CA LYS F 51 -3.18 -5.32 50.50
C LYS F 51 -1.94 -4.80 51.26
N THR F 52 -1.67 -3.50 51.14
CA THR F 52 -0.51 -2.90 51.80
C THR F 52 -0.64 -3.01 53.33
N ARG F 53 -1.84 -2.73 53.83
CA ARG F 53 -2.14 -2.79 55.25
C ARG F 53 -2.15 -4.20 55.81
N MET F 54 -2.81 -5.10 55.10
CA MET F 54 -2.88 -6.49 55.52
C MET F 54 -1.49 -7.14 55.57
N LEU F 55 -0.69 -6.94 54.53
CA LEU F 55 0.63 -7.54 54.46
C LEU F 55 1.63 -6.86 55.39
N GLY F 56 1.33 -5.65 55.80
CA GLY F 56 2.15 -4.95 56.78
C GLY F 56 1.77 -5.30 58.21
N GLY F 57 0.77 -6.17 58.39
CA GLY F 57 0.28 -6.52 59.74
C GLY F 57 -0.54 -5.43 60.38
N ASP F 58 -1.26 -4.66 59.59
CA ASP F 58 -1.99 -3.53 60.12
C ASP F 58 -3.40 -3.56 59.60
N PRO F 59 -4.17 -4.60 59.96
CA PRO F 59 -5.53 -4.66 59.42
C PRO F 59 -6.41 -3.57 60.01
N PRO F 60 -7.45 -3.16 59.27
CA PRO F 60 -8.43 -2.29 59.91
C PRO F 60 -9.35 -3.20 60.69
N ASP F 61 -10.32 -2.62 61.39
CA ASP F 61 -11.22 -3.42 62.23
C ASP F 61 -12.15 -4.27 61.39
N THR F 62 -12.51 -3.76 60.22
CA THR F 62 -13.35 -4.47 59.29
C THR F 62 -13.19 -3.83 57.90
N PHE F 63 -13.45 -4.59 56.84
CA PHE F 63 -13.36 -4.04 55.51
C PHE F 63 -14.44 -4.53 54.58
N GLN F 64 -14.91 -3.60 53.76
CA GLN F 64 -15.81 -3.93 52.65
C GLN F 64 -15.16 -4.98 51.78
N VAL F 65 -15.89 -6.06 51.53
CA VAL F 65 -15.40 -7.10 50.66
C VAL F 65 -16.57 -7.79 49.98
N HIS F 66 -16.39 -8.18 48.73
CA HIS F 66 -17.44 -8.89 47.99
C HIS F 66 -17.58 -10.35 48.41
N ALA F 67 -18.82 -10.77 48.66
CA ALA F 67 -19.14 -12.19 48.84
C ALA F 67 -18.78 -13.01 47.62
N GLY F 68 -18.21 -14.18 47.87
CA GLY F 68 -17.85 -15.12 46.81
C GLY F 68 -16.35 -15.25 46.74
N MET F 69 -15.85 -15.44 45.54
CA MET F 69 -14.44 -15.77 45.33
C MET F 69 -13.44 -14.67 45.69
N GLU F 70 -13.84 -13.40 45.56
CA GLU F 70 -12.98 -12.30 46.02
C GLU F 70 -12.71 -12.44 47.54
N LEU F 71 -13.77 -12.68 48.30
CA LEU F 71 -13.64 -12.92 49.73
C LEU F 71 -12.79 -14.17 50.01
N ILE F 72 -13.19 -15.30 49.45
CA ILE F 72 -12.56 -16.58 49.79
C ILE F 72 -11.09 -16.61 49.31
N GLY F 73 -10.85 -16.19 48.07
CA GLY F 73 -9.57 -16.44 47.43
C GLY F 73 -8.43 -15.55 47.84
N THR F 74 -8.73 -14.54 48.66
CA THR F 74 -7.70 -13.62 49.11
C THR F 74 -7.43 -13.77 50.62
N TRP F 75 -8.18 -13.10 51.49
CA TRP F 75 -7.82 -13.08 52.89
C TRP F 75 -8.24 -14.30 53.71
N VAL F 76 -9.29 -15.01 53.25
CA VAL F 76 -9.75 -16.24 53.90
C VAL F 76 -8.76 -17.40 53.69
N VAL F 77 -8.44 -17.67 52.42
CA VAL F 77 -7.43 -18.64 52.07
C VAL F 77 -6.04 -18.32 52.67
N ALA F 78 -5.77 -17.05 52.91
CA ALA F 78 -4.54 -16.59 53.55
C ALA F 78 -4.58 -16.69 55.09
N ASN F 79 -5.67 -17.22 55.65
CA ASN F 79 -5.82 -17.37 57.10
C ASN F 79 -5.74 -16.06 57.88
N ARG F 80 -6.28 -15.00 57.30
CA ARG F 80 -6.21 -13.68 57.94
C ARG F 80 -7.56 -13.20 58.51
N MET F 81 -8.61 -13.99 58.31
CA MET F 81 -9.96 -13.65 58.78
C MET F 81 -10.44 -14.63 59.87
N GLU F 82 -11.24 -14.11 60.80
CA GLU F 82 -11.90 -14.94 61.80
C GLU F 82 -13.15 -15.67 61.25
N ASP F 83 -13.34 -16.91 61.69
CA ASP F 83 -14.56 -17.66 61.37
C ASP F 83 -15.69 -17.02 62.14
N LEU F 84 -16.77 -16.69 61.42
CA LEU F 84 -17.91 -16.03 62.05
C LEU F 84 -19.04 -17.00 62.38
N SER F 85 -18.76 -18.30 62.36
CA SER F 85 -19.83 -19.32 62.50
C SER F 85 -20.63 -19.17 63.80
N ALA F 86 -19.96 -18.80 64.89
CA ALA F 86 -20.67 -18.60 66.18
C ALA F 86 -21.57 -17.37 66.17
N LEU F 87 -21.09 -16.29 65.55
CA LEU F 87 -21.89 -15.10 65.40
C LEU F 87 -23.12 -15.39 64.57
N PHE F 88 -22.95 -16.10 63.46
CA PHE F 88 -24.11 -16.48 62.65
C PHE F 88 -25.16 -17.27 63.45
N ARG F 89 -24.70 -18.22 64.28
CA ARG F 89 -25.63 -18.97 65.14
C ARG F 89 -26.35 -18.06 66.10
N GLN F 90 -25.61 -17.20 66.77
CA GLN F 90 -26.17 -16.23 67.71
C GLN F 90 -27.23 -15.30 67.11
N GLU F 91 -26.97 -14.80 65.90
CA GLU F 91 -27.85 -13.78 65.32
C GLU F 91 -28.97 -14.39 64.50
N GLY F 92 -28.97 -15.71 64.34
CA GLY F 92 -30.01 -16.37 63.51
C GLY F 92 -29.84 -16.09 62.02
N TRP F 93 -28.61 -15.77 61.64
CA TRP F 93 -28.33 -15.39 60.25
C TRP F 93 -28.49 -16.54 59.26
N LEU F 94 -28.34 -17.78 59.72
CA LEU F 94 -28.50 -18.91 58.82
C LEU F 94 -29.94 -19.05 58.32
N GLN F 95 -30.88 -18.49 59.07
CA GLN F 95 -32.27 -18.40 58.60
C GLN F 95 -32.62 -17.04 57.97
N ALA F 96 -31.83 -15.99 58.25
CA ALA F 96 -32.16 -14.63 57.80
C ALA F 96 -31.72 -14.34 56.37
N PHE F 97 -30.73 -15.07 55.85
CA PHE F 97 -30.24 -14.88 54.48
C PHE F 97 -30.57 -16.07 53.54
N PRO F 98 -30.78 -15.78 52.25
CA PRO F 98 -31.00 -16.89 51.31
C PRO F 98 -29.80 -17.85 51.34
N LYS F 99 -30.07 -19.14 51.16
CA LYS F 99 -29.05 -20.20 51.17
C LYS F 99 -27.90 -19.98 50.18
N GLY F 100 -28.26 -19.58 48.97
CA GLY F 100 -27.30 -19.22 47.93
C GLY F 100 -26.29 -18.19 48.39
N LEU F 101 -26.75 -17.23 49.19
CA LEU F 101 -25.86 -16.18 49.69
C LEU F 101 -24.93 -16.73 50.76
N ILE F 102 -25.48 -17.61 51.59
CA ILE F 102 -24.70 -18.24 52.66
C ILE F 102 -23.58 -19.08 52.05
N ASP F 103 -23.89 -19.80 51.00
CA ASP F 103 -22.89 -20.56 50.26
C ASP F 103 -21.72 -19.67 49.77
N LEU F 104 -22.01 -18.44 49.33
CA LEU F 104 -20.96 -17.55 48.79
C LEU F 104 -19.98 -17.10 49.84
N ILE F 105 -20.44 -17.04 51.09
CA ILE F 105 -19.58 -16.55 52.20
C ILE F 105 -19.02 -17.68 53.05
N SER F 106 -19.32 -18.91 52.67
CA SER F 106 -18.87 -20.11 53.40
C SER F 106 -17.75 -20.84 52.66
N TYR F 107 -16.82 -21.40 53.43
CA TYR F 107 -15.66 -22.08 52.85
C TYR F 107 -15.00 -22.94 53.93
N LYS F 108 -14.71 -24.20 53.61
CA LYS F 108 -14.02 -25.14 54.52
C LYS F 108 -14.63 -25.17 55.92
N GLY F 109 -15.96 -25.20 55.99
CA GLY F 109 -16.64 -25.28 57.28
C GLY F 109 -16.69 -24.00 58.09
N GLY F 110 -16.17 -22.89 57.54
CA GLY F 110 -16.32 -21.59 58.16
C GLY F 110 -17.23 -20.68 57.35
N ILE F 111 -17.64 -19.59 57.98
CA ILE F 111 -18.44 -18.51 57.37
C ILE F 111 -17.64 -17.24 57.63
N TRP F 112 -17.42 -16.43 56.58
CA TRP F 112 -16.30 -15.50 56.60
C TRP F 112 -16.60 -14.01 56.50
N SER F 113 -17.83 -13.64 56.19
CA SER F 113 -18.27 -12.26 56.24
C SER F 113 -19.79 -12.16 56.39
N VAL F 114 -20.27 -10.93 56.58
CA VAL F 114 -21.70 -10.66 56.75
C VAL F 114 -22.20 -9.76 55.61
N PRO F 115 -23.10 -10.28 54.76
CA PRO F 115 -23.66 -9.49 53.67
C PRO F 115 -24.54 -8.37 54.21
N VAL F 116 -24.30 -7.16 53.70
CA VAL F 116 -25.12 -6.00 54.01
C VAL F 116 -26.16 -5.67 52.92
N ASN F 117 -25.98 -6.19 51.70
CA ASN F 117 -26.87 -5.86 50.57
C ASN F 117 -26.82 -6.85 49.43
N ILE F 118 -27.65 -6.61 48.42
CA ILE F 118 -27.52 -7.30 47.15
C ILE F 118 -27.57 -6.21 46.07
N HIS F 119 -26.53 -6.15 45.23
CA HIS F 119 -26.53 -5.26 44.06
C HIS F 119 -26.74 -6.10 42.80
N ARG F 120 -27.30 -5.46 41.78
CA ARG F 120 -27.49 -6.08 40.49
C ARG F 120 -26.52 -5.43 39.51
N SER F 121 -25.82 -6.26 38.76
CA SER F 121 -24.86 -5.71 37.78
C SER F 121 -25.53 -5.36 36.43
N ASN F 122 -26.43 -6.22 35.99
CA ASN F 122 -26.95 -6.19 34.60
C ASN F 122 -28.20 -5.36 34.42
N VAL F 123 -28.03 -4.05 34.59
CA VAL F 123 -29.15 -3.10 34.47
C VAL F 123 -28.80 -2.04 33.42
N MET F 124 -29.75 -1.79 32.51
CA MET F 124 -29.63 -0.70 31.55
C MET F 124 -30.45 0.51 32.02
N TRP F 125 -29.81 1.67 32.10
CA TRP F 125 -30.44 2.89 32.56
C TRP F 125 -30.68 3.83 31.38
N TYR F 126 -31.79 4.56 31.42
CA TYR F 126 -32.16 5.51 30.38
C TYR F 126 -33.20 6.49 30.93
N LEU F 127 -33.52 7.52 30.14
CA LEU F 127 -34.60 8.44 30.49
C LEU F 127 -35.79 8.15 29.55
N PRO F 128 -36.94 7.70 30.11
CA PRO F 128 -38.02 7.16 29.27
C PRO F 128 -38.58 8.15 28.22
N ALA F 129 -38.54 9.43 28.56
CA ALA F 129 -38.94 10.54 27.71
C ALA F 129 -38.09 10.59 26.44
N LYS F 130 -36.77 10.64 26.65
CA LYS F 130 -35.83 10.79 25.52
C LYS F 130 -36.04 9.66 24.53
N LEU F 131 -36.05 8.43 25.01
CA LEU F 131 -36.32 7.29 24.14
C LEU F 131 -37.61 7.46 23.32
N LYS F 132 -38.70 7.82 24.01
CA LYS F 132 -40.00 8.04 23.35
C LYS F 132 -39.89 9.14 22.32
N GLY F 133 -39.27 10.25 22.73
CA GLY F 133 -38.98 11.37 21.83
C GLY F 133 -38.11 11.04 20.62
N TRP F 134 -37.14 10.15 20.79
CA TRP F 134 -36.27 9.74 19.69
C TRP F 134 -36.99 8.70 18.84
N GLY F 135 -38.12 8.20 19.32
CA GLY F 135 -38.89 7.21 18.57
C GLY F 135 -38.31 5.83 18.68
N VAL F 136 -37.62 5.59 19.80
CA VAL F 136 -36.93 4.33 20.04
C VAL F 136 -37.41 3.74 21.37
N ASN F 137 -37.56 2.42 21.39
CA ASN F 137 -37.84 1.70 22.61
C ASN F 137 -36.52 1.22 23.25
N PRO F 138 -36.53 0.98 24.59
CA PRO F 138 -35.44 0.31 25.28
C PRO F 138 -35.09 -1.04 24.65
N PRO F 139 -33.88 -1.19 24.11
CA PRO F 139 -33.53 -2.45 23.44
C PRO F 139 -33.55 -3.68 24.35
N ARG F 140 -34.13 -4.79 23.84
CA ARG F 140 -34.25 -6.05 24.58
C ARG F 140 -33.20 -7.09 24.20
N THR F 141 -32.57 -6.92 23.04
CA THR F 141 -31.47 -7.74 22.59
C THR F 141 -30.32 -6.84 22.16
N TRP F 142 -29.14 -7.42 22.00
CA TRP F 142 -27.99 -6.64 21.57
C TRP F 142 -28.12 -6.23 20.10
N ASP F 143 -28.74 -7.08 19.28
CA ASP F 143 -29.07 -6.71 17.90
C ASP F 143 -29.94 -5.47 17.84
N LYS F 144 -31.00 -5.42 18.63
CA LYS F 144 -31.86 -4.23 18.69
C LYS F 144 -31.12 -3.01 19.24
N PHE F 145 -30.25 -3.26 20.21
CA PHE F 145 -29.41 -2.20 20.75
C PHE F 145 -28.57 -1.58 19.63
N LEU F 146 -27.92 -2.44 18.85
CA LEU F 146 -27.05 -1.96 17.79
C LEU F 146 -27.87 -1.17 16.75
N ALA F 147 -29.01 -1.73 16.37
CA ALA F 147 -29.91 -1.08 15.40
C ALA F 147 -30.43 0.25 15.90
N THR F 148 -30.83 0.29 17.17
CA THR F 148 -31.31 1.53 17.75
C THR F 148 -30.22 2.60 17.88
N CYS F 149 -29.02 2.16 18.21
CA CYS F 149 -27.90 3.07 18.28
C CYS F 149 -27.58 3.71 16.91
N GLN F 150 -27.66 2.93 15.84
CA GLN F 150 -27.49 3.49 14.49
C GLN F 150 -28.56 4.51 14.15
N THR F 151 -29.81 4.21 14.45
CA THR F 151 -30.88 5.21 14.31
C THR F 151 -30.54 6.48 15.10
N LEU F 152 -30.17 6.30 16.37
CA LEU F 152 -29.85 7.45 17.23
C LEU F 152 -28.65 8.26 16.70
N LYS F 153 -27.63 7.57 16.18
CA LYS F 153 -26.50 8.25 15.52
C LYS F 153 -26.97 9.08 14.29
N GLN F 154 -27.89 8.51 13.52
CA GLN F 154 -28.52 9.19 12.37
C GLN F 154 -29.29 10.46 12.76
N LYS F 155 -29.82 10.46 13.99
CA LYS F 155 -30.52 11.61 14.55
C LYS F 155 -29.60 12.58 15.26
N GLY F 156 -28.29 12.35 15.18
CA GLY F 156 -27.33 13.29 15.78
C GLY F 156 -26.90 13.04 17.23
N LEU F 157 -27.21 11.86 17.77
CA LEU F 157 -26.62 11.45 19.04
C LEU F 157 -25.37 10.63 18.72
N GLU F 158 -24.22 11.28 18.88
CA GLU F 158 -22.92 10.77 18.45
C GLU F 158 -22.50 9.47 19.16
N ALA F 159 -22.70 9.47 20.47
CA ALA F 159 -22.32 8.35 21.34
C ALA F 159 -23.55 7.96 22.18
N PRO F 160 -24.45 7.14 21.61
CA PRO F 160 -25.64 6.76 22.37
C PRO F 160 -25.35 5.91 23.63
N LEU F 161 -24.24 5.21 23.68
CA LEU F 161 -23.90 4.46 24.90
C LEU F 161 -22.95 5.29 25.74
N ALA F 162 -23.33 5.54 27.00
CA ALA F 162 -22.40 6.11 27.98
C ALA F 162 -21.49 5.02 28.58
N LEU F 163 -20.22 5.35 28.74
CA LEU F 163 -19.21 4.44 29.28
C LEU F 163 -18.13 5.24 30.00
N GLY F 164 -17.55 4.64 31.03
CA GLY F 164 -16.41 5.25 31.72
C GLY F 164 -15.14 4.44 31.68
N GLU F 165 -14.41 4.56 32.78
CA GLU F 165 -13.09 4.01 32.94
C GLU F 165 -13.07 2.50 32.85
N ASN F 166 -11.86 1.95 32.80
CA ASN F 166 -11.63 0.56 32.52
C ASN F 166 -12.60 -0.41 33.20
N TRP F 167 -12.80 -0.32 34.52
CA TRP F 167 -13.66 -1.32 35.18
C TRP F 167 -15.13 -1.23 34.70
N THR F 168 -15.60 -0.05 34.28
CA THR F 168 -16.97 0.06 33.76
C THR F 168 -17.07 -0.64 32.41
N GLN F 169 -15.96 -0.74 31.70
CA GLN F 169 -15.92 -1.46 30.41
C GLN F 169 -16.00 -2.97 30.63
N GLN F 170 -15.35 -3.44 31.69
CA GLN F 170 -15.47 -4.84 32.15
C GLN F 170 -16.90 -5.11 32.58
N HIS F 171 -17.46 -4.16 33.30
CA HIS F 171 -18.84 -4.22 33.73
C HIS F 171 -19.80 -4.42 32.56
N LEU F 172 -19.69 -3.56 31.56
CA LEU F 172 -20.44 -3.73 30.32
C LEU F 172 -20.21 -5.12 29.69
N TRP F 173 -18.95 -5.56 29.65
CA TRP F 173 -18.61 -6.83 29.07
C TRP F 173 -19.36 -7.97 29.75
N GLU F 174 -19.48 -7.94 31.06
CA GLU F 174 -20.09 -9.10 31.70
C GLU F 174 -21.59 -9.21 31.34
N SER F 175 -22.25 -8.07 31.11
CA SER F 175 -23.62 -8.07 30.59
C SER F 175 -23.69 -8.65 29.16
N VAL F 176 -22.77 -8.24 28.31
CA VAL F 176 -22.69 -8.79 26.94
C VAL F 176 -22.39 -10.31 26.98
N ALA F 177 -21.37 -10.73 27.74
CA ALA F 177 -21.10 -12.17 27.96
C ALA F 177 -22.31 -13.01 28.44
N LEU F 178 -23.04 -12.55 29.44
CA LEU F 178 -24.22 -13.25 29.92
C LEU F 178 -25.30 -13.42 28.85
N ALA F 179 -25.48 -12.41 28.00
CA ALA F 179 -26.46 -12.44 26.94
C ALA F 179 -26.05 -13.40 25.82
N VAL F 180 -24.78 -13.32 25.42
CA VAL F 180 -24.26 -14.18 24.38
C VAL F 180 -24.27 -15.65 24.84
N LEU F 181 -23.86 -15.87 26.08
CA LEU F 181 -23.67 -17.23 26.58
C LEU F 181 -24.90 -17.87 27.20
N GLY F 182 -25.72 -17.07 27.84
CA GLY F 182 -26.79 -17.58 28.66
C GLY F 182 -26.20 -17.95 30.02
N PRO F 183 -27.07 -18.04 31.03
CA PRO F 183 -26.56 -18.14 32.37
C PRO F 183 -25.81 -19.46 32.67
N ASP F 184 -26.17 -20.57 32.01
CA ASP F 184 -25.47 -21.85 32.25
C ASP F 184 -24.01 -21.78 31.78
N ASP F 185 -23.81 -21.33 30.54
CA ASP F 185 -22.47 -21.18 29.98
C ASP F 185 -21.68 -20.04 30.64
N TRP F 186 -22.38 -18.99 31.08
CA TRP F 186 -21.72 -17.99 31.90
C TRP F 186 -21.12 -18.67 33.13
N ASN F 187 -21.95 -19.42 33.86
CA ASN F 187 -21.48 -20.20 35.00
C ASN F 187 -20.34 -21.14 34.68
N ASN F 188 -20.38 -21.75 33.50
CA ASN F 188 -19.36 -22.71 33.10
C ASN F 188 -17.98 -22.11 32.85
N LEU F 189 -17.89 -20.80 32.56
CA LEU F 189 -16.59 -20.12 32.52
C LEU F 189 -15.87 -20.23 33.86
N TRP F 190 -16.63 -20.11 34.95
CA TRP F 190 -16.06 -19.94 36.30
C TRP F 190 -15.79 -21.25 37.04
N ASN F 191 -16.32 -22.35 36.54
CA ASN F 191 -16.01 -23.69 37.06
C ASN F 191 -15.11 -24.44 36.10
N GLY F 192 -14.70 -23.75 35.04
CA GLY F 192 -13.73 -24.26 34.09
C GLY F 192 -14.30 -25.19 33.03
N LYS F 193 -15.61 -25.34 32.99
CA LYS F 193 -16.20 -26.26 32.02
C LYS F 193 -16.28 -25.65 30.62
N LEU F 194 -16.37 -24.33 30.52
CA LEU F 194 -16.32 -23.67 29.23
C LEU F 194 -15.04 -22.84 29.14
N LYS F 195 -14.24 -23.06 28.11
CA LYS F 195 -13.04 -22.25 27.93
C LYS F 195 -13.39 -20.89 27.31
N PHE F 196 -12.61 -19.87 27.66
CA PHE F 196 -12.77 -18.56 27.06
C PHE F 196 -12.48 -18.52 25.56
N THR F 197 -11.70 -19.50 25.10
CA THR F 197 -11.35 -19.63 23.69
C THR F 197 -12.39 -20.45 22.89
N ASP F 198 -13.41 -20.98 23.57
CA ASP F 198 -14.53 -21.64 22.88
C ASP F 198 -15.23 -20.62 21.99
N PRO F 199 -15.57 -20.99 20.74
CA PRO F 199 -16.22 -20.05 19.85
C PRO F 199 -17.41 -19.30 20.45
N LYS F 200 -18.19 -19.96 21.31
CA LYS F 200 -19.29 -19.31 22.02
C LYS F 200 -18.76 -18.12 22.84
N ALA F 201 -17.67 -18.33 23.58
CA ALA F 201 -17.09 -17.29 24.44
C ALA F 201 -16.37 -16.23 23.62
N VAL F 202 -15.73 -16.62 22.51
CA VAL F 202 -15.10 -15.65 21.62
C VAL F 202 -16.14 -14.65 21.08
N ARG F 203 -17.31 -15.15 20.74
CA ARG F 203 -18.40 -14.32 20.25
C ARG F 203 -18.81 -13.19 21.22
N ALA F 204 -18.71 -13.43 22.53
CA ALA F 204 -18.98 -12.36 23.49
C ALA F 204 -18.10 -11.13 23.23
N TRP F 205 -16.84 -11.35 22.86
CA TRP F 205 -15.95 -10.24 22.53
C TRP F 205 -16.33 -9.58 21.19
N GLU F 206 -16.82 -10.39 20.24
CA GLU F 206 -17.20 -9.87 18.94
C GLU F 206 -18.39 -8.95 19.10
N VAL F 207 -19.37 -9.37 19.89
CA VAL F 207 -20.55 -8.51 20.16
C VAL F 207 -20.15 -7.26 20.93
N PHE F 208 -19.33 -7.47 21.97
CA PHE F 208 -18.86 -6.37 22.83
C PHE F 208 -18.14 -5.30 22.00
N GLY F 209 -17.31 -5.73 21.04
CA GLY F 209 -16.64 -4.84 20.09
C GLY F 209 -17.60 -3.97 19.31
N ARG F 210 -18.72 -4.56 18.88
CA ARG F 210 -19.75 -3.78 18.18
C ARG F 210 -20.43 -2.76 19.09
N VAL F 211 -20.74 -3.17 20.32
CA VAL F 211 -21.36 -2.29 21.33
C VAL F 211 -20.42 -1.12 21.70
N LEU F 212 -19.13 -1.43 21.85
CA LEU F 212 -18.12 -0.42 22.15
C LEU F 212 -18.11 0.69 21.13
N ASP F 213 -18.40 0.34 19.88
CA ASP F 213 -18.40 1.31 18.80
C ASP F 213 -19.56 2.30 18.90
N CYS F 214 -20.46 2.09 19.88
CA CYS F 214 -21.55 3.02 20.20
C CYS F 214 -21.27 3.97 21.35
N ALA F 215 -20.10 3.86 21.96
CA ALA F 215 -19.79 4.56 23.20
C ALA F 215 -19.02 5.87 22.96
N ASN F 216 -19.09 6.77 23.94
CA ASN F 216 -18.26 7.97 23.99
C ASN F 216 -16.74 7.67 23.98
N LYS F 217 -16.01 8.45 23.19
CA LYS F 217 -14.60 8.16 22.93
C LYS F 217 -13.73 8.57 24.10
N ASP F 218 -14.27 9.40 24.97
CA ASP F 218 -13.53 9.90 26.14
C ASP F 218 -13.73 9.05 27.42
N ALA F 219 -14.35 7.89 27.25
CA ALA F 219 -14.73 7.03 28.37
C ALA F 219 -13.62 6.72 29.36
N ALA F 220 -12.40 6.53 28.87
CA ALA F 220 -11.31 6.01 29.71
C ALA F 220 -11.05 6.85 30.96
N GLY F 221 -11.30 8.14 30.86
CA GLY F 221 -11.01 9.05 31.96
C GLY F 221 -12.19 9.53 32.76
N LEU F 222 -13.35 8.88 32.58
CA LEU F 222 -14.57 9.18 33.32
C LEU F 222 -14.87 8.15 34.44
N SER F 223 -15.34 8.65 35.58
CA SER F 223 -15.88 7.82 36.66
C SER F 223 -17.21 7.24 36.25
N TRP F 224 -17.67 6.22 36.97
CA TRP F 224 -18.99 5.65 36.66
C TRP F 224 -20.13 6.69 36.79
N GLN F 225 -20.04 7.57 37.79
CA GLN F 225 -21.01 8.64 38.01
C GLN F 225 -21.06 9.61 36.82
N GLN F 226 -19.90 9.94 36.27
CA GLN F 226 -19.83 10.83 35.08
C GLN F 226 -20.47 10.17 33.87
N ALA F 227 -20.33 8.85 33.73
CA ALA F 227 -21.02 8.15 32.66
C ALA F 227 -22.56 8.15 32.83
N VAL F 228 -23.03 7.95 34.06
CA VAL F 228 -24.44 8.11 34.34
C VAL F 228 -24.88 9.53 34.02
N ASP F 229 -24.09 10.52 34.37
CA ASP F 229 -24.41 11.92 34.12
C ASP F 229 -24.70 12.16 32.64
N ARG F 230 -23.95 11.48 31.78
CA ARG F 230 -24.12 11.63 30.34
C ARG F 230 -25.51 11.24 29.90
N VAL F 231 -26.06 10.19 30.50
CA VAL F 231 -27.42 9.78 30.23
C VAL F 231 -28.38 10.85 30.77
N VAL F 232 -28.18 11.26 32.03
CA VAL F 232 -29.03 12.26 32.66
C VAL F 232 -29.07 13.56 31.80
N GLN F 233 -27.91 13.89 31.24
CA GLN F 233 -27.73 15.10 30.41
C GLN F 233 -28.22 14.96 28.96
N GLY F 234 -28.61 13.78 28.55
CA GLY F 234 -29.05 13.59 27.17
C GLY F 234 -27.90 13.50 26.20
N LYS F 235 -26.67 13.38 26.73
CA LYS F 235 -25.48 13.15 25.87
C LYS F 235 -25.28 11.69 25.52
N ALA F 236 -26.12 10.85 26.09
CA ALA F 236 -26.15 9.42 25.88
C ALA F 236 -27.57 9.00 26.09
N ALA F 237 -27.95 7.90 25.45
CA ALA F 237 -29.26 7.28 25.62
C ALA F 237 -29.25 6.21 26.71
N PHE F 238 -28.14 5.46 26.82
CA PHE F 238 -28.07 4.25 27.66
C PHE F 238 -26.76 4.20 28.48
N ASN F 239 -26.84 3.53 29.63
CA ASN F 239 -25.64 3.15 30.41
C ASN F 239 -25.90 1.76 31.06
N ILE F 240 -24.91 0.87 31.00
CA ILE F 240 -24.98 -0.44 31.65
C ILE F 240 -24.14 -0.33 32.91
N MET F 241 -24.80 -0.40 34.05
CA MET F 241 -24.15 -0.16 35.32
C MET F 241 -24.93 -0.77 36.47
N GLY F 242 -24.24 -1.05 37.57
CA GLY F 242 -24.87 -1.66 38.75
C GLY F 242 -25.84 -0.66 39.36
N ASP F 243 -26.77 -1.14 40.17
CA ASP F 243 -27.82 -0.29 40.74
C ASP F 243 -27.40 0.64 41.87
N TRP F 244 -26.11 0.72 42.14
CA TRP F 244 -25.60 1.92 42.84
C TRP F 244 -25.92 3.20 42.03
N ALA F 245 -26.15 3.02 40.73
CA ALA F 245 -26.54 4.11 39.84
C ALA F 245 -27.93 4.66 40.18
N ALA F 246 -28.85 3.79 40.63
CA ALA F 246 -30.18 4.19 41.09
C ALA F 246 -30.07 5.03 42.33
N GLY F 247 -29.22 4.62 43.26
CA GLY F 247 -28.99 5.34 44.48
C GLY F 247 -28.41 6.73 44.20
N TYR F 248 -27.46 6.78 43.27
CA TYR F 248 -26.84 8.04 42.86
C TYR F 248 -27.88 9.00 42.30
N MET F 249 -28.70 8.47 41.39
CA MET F 249 -29.74 9.25 40.74
C MET F 249 -30.86 9.73 41.69
N THR F 250 -31.18 8.94 42.71
CA THR F 250 -32.23 9.32 43.68
C THR F 250 -31.64 10.10 44.83
N THR F 251 -30.67 9.52 45.51
CA THR F 251 -30.12 10.11 46.73
C THR F 251 -29.29 11.38 46.46
N THR F 252 -28.53 11.41 45.37
CA THR F 252 -27.63 12.54 45.12
C THR F 252 -28.27 13.58 44.18
N LEU F 253 -28.72 13.13 43.02
CA LEU F 253 -29.29 14.01 42.01
C LEU F 253 -30.79 14.30 42.22
N LYS F 254 -31.41 13.61 43.17
CA LYS F 254 -32.85 13.78 43.47
C LYS F 254 -33.80 13.57 42.32
N LEU F 255 -33.50 12.63 41.41
CA LEU F 255 -34.42 12.25 40.35
C LEU F 255 -35.47 11.24 40.83
N LYS F 256 -36.65 11.28 40.22
CA LYS F 256 -37.73 10.42 40.63
C LYS F 256 -37.74 9.13 39.83
N PRO F 257 -37.58 7.98 40.52
CA PRO F 257 -37.58 6.71 39.82
C PRO F 257 -38.81 6.45 38.97
N GLY F 258 -38.58 6.03 37.72
CA GLY F 258 -39.67 5.64 36.79
C GLY F 258 -40.11 6.76 35.86
N THR F 259 -39.99 7.99 36.32
CA THR F 259 -40.43 9.14 35.55
C THR F 259 -39.23 9.95 35.05
N ASP F 260 -38.34 10.34 35.96
CA ASP F 260 -37.09 11.02 35.58
C ASP F 260 -36.07 10.06 34.94
N PHE F 261 -36.11 8.79 35.32
CA PHE F 261 -35.27 7.78 34.72
C PHE F 261 -35.95 6.43 34.81
N ALA F 262 -35.46 5.48 34.04
CA ALA F 262 -36.02 4.15 34.01
C ALA F 262 -34.91 3.10 33.87
N TRP F 263 -35.29 1.84 33.96
CA TRP F 263 -34.34 0.74 33.94
C TRP F 263 -34.93 -0.46 33.25
N ALA F 264 -34.06 -1.29 32.69
CA ALA F 264 -34.45 -2.60 32.20
C ALA F 264 -33.26 -3.54 32.42
N PRO F 265 -33.48 -4.85 32.33
CA PRO F 265 -32.31 -5.72 32.33
C PRO F 265 -31.39 -5.35 31.18
N SER F 266 -30.10 -5.62 31.33
CA SER F 266 -29.19 -5.46 30.20
C SER F 266 -29.76 -6.22 29.01
N PRO F 267 -29.63 -5.67 27.80
CA PRO F 267 -30.08 -6.41 26.62
C PRO F 267 -29.65 -7.89 26.55
N GLY F 268 -30.62 -8.77 26.28
CA GLY F 268 -30.38 -10.20 26.26
C GLY F 268 -30.28 -10.92 27.60
N THR F 269 -30.59 -10.24 28.72
CA THR F 269 -30.42 -10.85 30.03
C THR F 269 -31.69 -10.85 30.87
N GLN F 270 -32.80 -10.41 30.28
CA GLN F 270 -34.14 -10.52 30.87
C GLN F 270 -34.37 -11.85 31.59
N GLY F 271 -34.82 -11.78 32.84
CA GLY F 271 -35.08 -12.97 33.63
C GLY F 271 -33.89 -13.57 34.35
N VAL F 272 -32.73 -12.96 34.16
CA VAL F 272 -31.49 -13.31 34.87
C VAL F 272 -31.00 -12.10 35.66
N PHE F 273 -30.76 -12.31 36.96
CA PHE F 273 -30.25 -11.31 37.90
C PHE F 273 -28.76 -11.66 38.17
N MET F 274 -27.84 -10.85 37.64
CA MET F 274 -26.41 -10.95 37.94
C MET F 274 -26.11 -10.15 39.20
N MET F 275 -25.86 -10.88 40.28
CA MET F 275 -25.77 -10.32 41.60
C MET F 275 -24.33 -10.14 42.07
N LEU F 276 -24.20 -9.29 43.07
CA LEU F 276 -23.02 -9.17 43.87
C LEU F 276 -23.48 -8.73 45.24
N SER F 277 -22.64 -8.82 46.23
CA SER F 277 -23.02 -8.46 47.60
C SER F 277 -21.86 -7.82 48.33
N ASP F 278 -22.06 -6.61 48.87
CA ASP F 278 -21.08 -6.02 49.78
C ASP F 278 -21.24 -6.62 51.18
N SER F 279 -20.11 -6.99 51.77
CA SER F 279 -20.06 -7.68 53.03
C SER F 279 -18.92 -7.16 53.90
N PHE F 280 -19.01 -7.39 55.22
CA PHE F 280 -17.95 -7.08 56.17
C PHE F 280 -17.62 -8.31 57.03
N GLY F 281 -16.33 -8.55 57.25
CA GLY F 281 -15.86 -9.64 58.11
C GLY F 281 -15.03 -9.12 59.27
N LEU F 282 -14.35 -10.04 59.92
CA LEU F 282 -13.52 -9.75 61.09
C LEU F 282 -12.09 -10.21 60.87
N PRO F 283 -11.19 -9.26 60.53
CA PRO F 283 -9.79 -9.58 60.40
C PRO F 283 -9.17 -10.01 61.73
N LYS F 284 -8.37 -11.08 61.69
CA LYS F 284 -7.54 -11.45 62.84
C LYS F 284 -6.63 -10.28 63.12
N GLY F 285 -6.43 -10.00 64.39
CA GLY F 285 -5.53 -8.92 64.80
C GLY F 285 -6.19 -7.56 64.79
N ALA F 286 -7.49 -7.50 64.52
CA ALA F 286 -8.24 -6.25 64.61
C ALA F 286 -7.99 -5.58 65.96
N LYS F 287 -7.75 -4.27 65.95
CA LYS F 287 -7.40 -3.59 67.19
C LYS F 287 -8.63 -3.37 68.07
N ASN F 288 -9.81 -3.19 67.46
CA ASN F 288 -11.04 -2.97 68.21
C ASN F 288 -12.07 -4.03 67.92
N ARG F 289 -11.76 -5.24 68.37
CA ARG F 289 -12.47 -6.46 68.00
C ARG F 289 -13.92 -6.46 68.41
N GLN F 290 -14.22 -6.09 69.65
CA GLN F 290 -15.62 -6.10 70.08
C GLN F 290 -16.42 -5.04 69.37
N ASN F 291 -15.83 -3.87 69.15
CA ASN F 291 -16.50 -2.84 68.37
C ASN F 291 -16.80 -3.29 66.93
N ALA F 292 -15.85 -4.00 66.31
CA ALA F 292 -16.08 -4.57 64.98
C ALA F 292 -17.22 -5.61 64.98
N ILE F 293 -17.21 -6.51 65.97
CA ILE F 293 -18.29 -7.49 66.08
C ILE F 293 -19.63 -6.79 66.15
N ASN F 294 -19.71 -5.70 66.89
CA ASN F 294 -20.95 -4.92 66.97
C ASN F 294 -21.33 -4.26 65.64
N TRP F 295 -20.32 -3.83 64.89
CA TRP F 295 -20.55 -3.35 63.54
C TRP F 295 -21.20 -4.48 62.73
N LEU F 296 -20.61 -5.68 62.78
CA LEU F 296 -21.12 -6.83 62.04
C LEU F 296 -22.56 -7.15 62.41
N ARG F 297 -22.88 -7.03 63.70
CA ARG F 297 -24.24 -7.28 64.18
C ARG F 297 -25.22 -6.31 63.55
N LEU F 298 -24.87 -5.01 63.55
CA LEU F 298 -25.70 -3.99 62.90
C LEU F 298 -25.88 -4.27 61.37
N VAL F 299 -24.75 -4.45 60.72
CA VAL F 299 -24.68 -4.77 59.28
C VAL F 299 -25.58 -5.97 58.89
N GLY F 300 -25.65 -6.97 59.75
CA GLY F 300 -26.46 -8.16 59.46
C GLY F 300 -27.94 -8.07 59.83
N SER F 301 -28.34 -6.95 60.42
CA SER F 301 -29.69 -6.72 60.95
C SER F 301 -30.64 -6.00 59.98
N LYS F 302 -31.93 -6.26 60.12
CA LYS F 302 -32.95 -5.60 59.31
C LYS F 302 -32.98 -4.09 59.53
N GLU F 303 -32.69 -3.66 60.74
CA GLU F 303 -32.66 -2.24 61.03
C GLU F 303 -31.55 -1.57 60.21
N GLY F 304 -30.36 -2.16 60.23
CA GLY F 304 -29.21 -1.57 59.52
C GLY F 304 -29.43 -1.58 58.03
N GLN F 305 -29.84 -2.73 57.51
CA GLN F 305 -29.99 -2.92 56.08
C GLN F 305 -31.15 -2.14 55.47
N ASP F 306 -32.27 -2.02 56.19
CA ASP F 306 -33.43 -1.26 55.69
C ASP F 306 -33.29 0.26 55.90
N THR F 307 -32.30 0.67 56.69
CA THR F 307 -31.85 2.09 56.77
C THR F 307 -30.88 2.49 55.64
N SER F 308 -29.89 1.65 55.38
CA SER F 308 -28.80 2.03 54.48
C SER F 308 -29.12 1.75 53.00
N ASN F 309 -29.72 0.61 52.71
CA ASN F 309 -29.94 0.21 51.32
C ASN F 309 -30.87 1.09 50.46
N PRO F 310 -31.97 1.61 51.05
CA PRO F 310 -32.75 2.56 50.25
C PRO F 310 -31.95 3.75 49.74
N LEU F 311 -30.94 4.20 50.48
CA LEU F 311 -30.01 5.27 50.05
C LEU F 311 -28.99 4.84 48.97
N LYS F 312 -28.63 3.56 49.02
CA LYS F 312 -27.56 3.02 48.19
C LYS F 312 -28.01 2.63 46.79
N GLY F 313 -29.27 2.23 46.66
CA GLY F 313 -29.79 1.62 45.44
C GLY F 313 -29.70 0.09 45.36
N SER F 314 -28.93 -0.53 46.24
CA SER F 314 -29.00 -1.99 46.44
C SER F 314 -30.29 -2.37 47.19
N ILE F 315 -30.61 -3.66 47.18
CA ILE F 315 -31.65 -4.20 48.08
C ILE F 315 -30.98 -4.85 49.31
N ALA F 316 -31.77 -5.10 50.35
CA ALA F 316 -31.25 -5.77 51.53
C ALA F 316 -30.97 -7.24 51.20
N ALA F 317 -29.96 -7.81 51.85
CA ALA F 317 -29.60 -9.22 51.71
C ALA F 317 -30.56 -10.11 52.54
N ARG F 318 -31.01 -9.56 53.66
CA ARG F 318 -32.00 -10.25 54.52
C ARG F 318 -33.35 -10.50 53.84
N LEU F 319 -33.82 -11.73 54.04
CA LEU F 319 -35.13 -12.15 53.60
C LEU F 319 -36.28 -11.35 54.18
N ASP F 320 -36.14 -10.80 55.39
CA ASP F 320 -37.26 -10.14 56.06
C ASP F 320 -37.39 -8.64 55.77
N SER F 321 -36.61 -8.15 54.79
CA SER F 321 -36.61 -6.73 54.41
C SER F 321 -38.02 -6.21 54.06
N ASP F 322 -38.29 -5.01 54.55
CA ASP F 322 -39.58 -4.34 54.37
C ASP F 322 -39.55 -3.54 53.04
N PRO F 323 -40.27 -4.02 52.02
CA PRO F 323 -40.28 -3.35 50.72
C PRO F 323 -40.84 -1.93 50.73
N SER F 324 -41.58 -1.58 51.78
CA SER F 324 -42.22 -0.27 51.88
C SER F 324 -41.18 0.80 52.19
N LYS F 325 -40.01 0.38 52.66
CA LYS F 325 -38.87 1.27 52.86
C LYS F 325 -38.11 1.62 51.55
N TYR F 326 -38.55 1.09 50.42
CA TYR F 326 -37.85 1.15 49.11
C TYR F 326 -38.68 1.85 48.02
N ASN F 327 -37.98 2.62 47.18
CA ASN F 327 -38.65 3.36 46.12
C ASN F 327 -38.98 2.39 45.00
N ALA F 328 -39.49 2.90 43.88
CA ALA F 328 -39.94 2.06 42.79
C ALA F 328 -38.82 1.21 42.19
N TYR F 329 -37.56 1.66 42.27
CA TYR F 329 -36.46 0.86 41.74
C TYR F 329 -36.18 -0.31 42.69
N GLY F 330 -35.97 -0.01 43.97
CA GLY F 330 -35.72 -1.03 44.98
C GLY F 330 -36.76 -2.11 44.99
N GLN F 331 -38.03 -1.72 44.98
CA GLN F 331 -39.11 -2.68 44.98
C GLN F 331 -39.10 -3.52 43.72
N SER F 332 -38.80 -2.92 42.57
CA SER F 332 -38.60 -3.67 41.32
C SER F 332 -37.46 -4.73 41.44
N ALA F 333 -36.33 -4.31 41.99
CA ALA F 333 -35.15 -5.19 42.16
C ALA F 333 -35.44 -6.32 43.15
N MET F 334 -36.14 -6.02 44.25
CA MET F 334 -36.62 -7.05 45.18
C MET F 334 -37.46 -8.12 44.48
N ARG F 335 -38.35 -7.73 43.58
CA ARG F 335 -39.20 -8.70 42.91
C ARG F 335 -38.37 -9.60 42.02
N ASP F 336 -37.46 -9.01 41.26
CA ASP F 336 -36.61 -9.78 40.33
C ASP F 336 -35.68 -10.71 41.10
N TRP F 337 -35.16 -10.23 42.22
CA TRP F 337 -34.33 -11.06 43.10
C TRP F 337 -35.03 -12.38 43.47
N ARG F 338 -36.34 -12.34 43.74
CA ARG F 338 -37.11 -13.53 44.15
C ARG F 338 -37.55 -14.41 42.98
N SER F 339 -37.70 -13.84 41.80
CA SER F 339 -38.24 -14.58 40.67
C SER F 339 -37.21 -15.00 39.63
N ASN F 340 -36.06 -14.30 39.59
CA ASN F 340 -35.11 -14.53 38.49
C ASN F 340 -34.17 -15.70 38.74
N ARG F 341 -33.62 -16.20 37.64
CA ARG F 341 -32.41 -17.00 37.67
C ARG F 341 -31.27 -16.11 38.21
N ILE F 342 -30.52 -16.60 39.18
CA ILE F 342 -29.42 -15.83 39.78
C ILE F 342 -28.06 -16.36 39.27
N VAL F 343 -27.22 -15.44 38.76
CA VAL F 343 -25.81 -15.73 38.55
C VAL F 343 -24.98 -14.68 39.26
N GLY F 344 -23.68 -14.92 39.33
CA GLY F 344 -22.77 -13.98 39.96
C GLY F 344 -22.00 -13.09 39.00
N SER F 345 -21.59 -11.93 39.52
CA SER F 345 -20.75 -10.97 38.83
C SER F 345 -19.25 -11.38 38.89
N LEU F 346 -18.58 -11.24 37.76
CA LEU F 346 -17.12 -11.26 37.67
C LEU F 346 -16.49 -9.99 38.25
N VAL F 347 -16.91 -8.83 37.75
CA VAL F 347 -16.24 -7.57 38.05
C VAL F 347 -16.38 -7.21 39.55
N HIS F 348 -17.46 -7.70 40.15
CA HIS F 348 -17.76 -7.40 41.54
C HIS F 348 -17.74 -8.64 42.46
N GLY F 349 -16.84 -9.57 42.14
CA GLY F 349 -16.24 -10.45 43.13
C GLY F 349 -16.90 -11.77 43.47
N ALA F 350 -18.03 -12.10 42.82
CA ALA F 350 -18.79 -13.30 43.18
C ALA F 350 -18.18 -14.58 42.62
N VAL F 351 -17.77 -14.56 41.35
CA VAL F 351 -17.51 -15.80 40.62
C VAL F 351 -16.05 -16.14 40.38
N ALA F 352 -15.15 -15.16 40.48
CA ALA F 352 -13.71 -15.37 40.21
C ALA F 352 -12.83 -14.76 41.29
N PRO F 353 -11.67 -15.39 41.54
CA PRO F 353 -10.75 -14.86 42.56
C PRO F 353 -10.10 -13.55 42.08
N GLU F 354 -9.63 -12.74 43.02
CA GLU F 354 -8.96 -11.48 42.71
C GLU F 354 -7.79 -11.67 41.76
N SER F 355 -7.12 -12.82 41.85
CA SER F 355 -5.99 -13.15 40.96
C SER F 355 -6.39 -13.02 39.49
N PHE F 356 -7.58 -13.53 39.18
CA PHE F 356 -8.16 -13.38 37.86
C PHE F 356 -8.78 -11.99 37.64
N MET F 357 -9.60 -11.51 38.58
CA MET F 357 -10.24 -10.20 38.48
C MET F 357 -9.24 -9.10 38.19
N SER F 358 -8.12 -9.11 38.90
CA SER F 358 -7.11 -8.07 38.79
C SER F 358 -6.47 -8.07 37.39
N GLN F 359 -6.35 -9.22 36.76
CA GLN F 359 -5.71 -9.32 35.45
C GLN F 359 -6.69 -9.10 34.26
N PHE F 360 -7.98 -9.26 34.50
CA PHE F 360 -9.02 -9.04 33.49
C PHE F 360 -9.07 -7.57 33.01
N GLY F 361 -8.73 -6.64 33.88
CA GLY F 361 -8.55 -5.27 33.48
C GLY F 361 -7.47 -5.12 32.42
N THR F 362 -6.38 -5.87 32.57
CA THR F 362 -5.31 -5.86 31.58
C THR F 362 -5.81 -6.46 30.24
N VAL F 363 -6.56 -7.56 30.32
CA VAL F 363 -7.19 -8.16 29.13
C VAL F 363 -8.05 -7.14 28.41
N MET F 364 -8.85 -6.41 29.18
CA MET F 364 -9.74 -5.42 28.62
C MET F 364 -8.98 -4.27 27.99
N GLU F 365 -8.05 -3.74 28.78
CA GLU F 365 -7.15 -2.67 28.38
C GLU F 365 -6.55 -2.96 27.01
N ILE F 366 -6.12 -4.20 26.83
CA ILE F 366 -5.54 -4.63 25.56
C ILE F 366 -6.59 -4.82 24.43
N PHE F 367 -7.74 -5.43 24.72
CA PHE F 367 -8.80 -5.49 23.74
C PHE F 367 -9.19 -4.07 23.21
N LEU F 368 -9.24 -3.07 24.09
CA LEU F 368 -9.53 -1.71 23.64
C LEU F 368 -8.52 -1.23 22.60
N GLN F 369 -7.24 -1.55 22.77
CA GLN F 369 -6.25 -1.17 21.78
C GLN F 369 -6.28 -2.02 20.51
N THR F 370 -6.28 -3.34 20.65
CA THR F 370 -6.19 -4.23 19.50
C THR F 370 -7.52 -4.40 18.76
N ARG F 371 -8.61 -4.27 19.50
CA ARG F 371 -9.97 -4.66 19.05
C ARG F 371 -10.05 -6.07 18.45
N ASN F 372 -9.23 -6.98 18.98
CA ASN F 372 -9.15 -8.35 18.43
C ASN F 372 -9.80 -9.32 19.41
N PRO F 373 -11.00 -9.83 19.07
CA PRO F 373 -11.74 -10.71 19.95
C PRO F 373 -11.03 -12.00 20.27
N GLN F 374 -10.38 -12.62 19.29
CA GLN F 374 -9.67 -13.86 19.50
C GLN F 374 -8.49 -13.66 20.46
N ALA F 375 -7.77 -12.55 20.32
CA ALA F 375 -6.66 -12.25 21.20
C ALA F 375 -7.14 -12.03 22.62
N ALA F 376 -8.29 -11.38 22.78
CA ALA F 376 -8.85 -11.13 24.13
C ALA F 376 -9.32 -12.43 24.78
N ALA F 377 -9.96 -13.28 23.99
CA ALA F 377 -10.36 -14.61 24.43
C ALA F 377 -9.15 -15.42 24.86
N ASN F 378 -8.12 -15.42 24.02
CA ASN F 378 -6.89 -16.13 24.32
C ASN F 378 -6.27 -15.58 25.60
N ALA F 379 -6.27 -14.26 25.77
CA ALA F 379 -5.67 -13.65 26.95
C ALA F 379 -6.41 -14.08 28.22
N ALA F 380 -7.75 -14.07 28.18
CA ALA F 380 -8.58 -14.48 29.34
C ALA F 380 -8.31 -15.94 29.69
N GLN F 381 -8.18 -16.79 28.67
CA GLN F 381 -7.84 -18.21 28.90
C GLN F 381 -6.45 -18.35 29.53
N ALA F 382 -5.47 -17.56 29.07
CA ALA F 382 -4.13 -17.62 29.61
C ALA F 382 -4.18 -17.29 31.12
N ILE F 383 -4.89 -16.22 31.48
CA ILE F 383 -5.03 -15.87 32.90
C ILE F 383 -5.69 -16.99 33.69
N ALA F 384 -6.75 -17.57 33.15
CA ALA F 384 -7.49 -18.63 33.82
C ALA F 384 -6.54 -19.82 34.11
N ASP F 385 -5.71 -20.14 33.10
CA ASP F 385 -4.71 -21.20 33.22
C ASP F 385 -3.64 -20.88 34.25
N GLN F 386 -3.10 -19.67 34.23
CA GLN F 386 -2.09 -19.25 35.19
C GLN F 386 -2.59 -19.27 36.64
N VAL F 387 -3.84 -18.81 36.89
CA VAL F 387 -4.38 -18.78 38.23
C VAL F 387 -5.03 -20.11 38.66
N GLY F 388 -5.19 -21.03 37.73
CA GLY F 388 -5.90 -22.27 37.99
C GLY F 388 -7.37 -22.07 38.28
N LEU F 389 -8.01 -21.20 37.49
CA LEU F 389 -9.44 -20.89 37.65
C LEU F 389 -10.32 -22.13 37.82
N GLY F 390 -11.05 -22.20 38.93
CA GLY F 390 -11.86 -23.38 39.26
C GLY F 390 -11.32 -24.14 40.47
N ARG F 391 -10.01 -24.06 40.70
CA ARG F 391 -9.38 -24.84 41.77
C ARG F 391 -9.94 -24.54 43.18
N LEU F 392 -10.22 -23.28 43.48
CA LEU F 392 -10.94 -22.95 44.70
C LEU F 392 -12.42 -23.28 44.47
C1 GLC G . -13.76 -11.70 -14.97
C2 GLC G . -14.67 -11.87 -13.70
C3 GLC G . -15.74 -10.78 -13.50
C4 GLC G . -15.30 -9.45 -14.09
C5 GLC G . -14.93 -9.60 -15.58
C6 GLC G . -14.42 -8.33 -16.27
O1 GLC G . -13.59 -12.83 -15.75
O2 GLC G . -15.13 -13.21 -13.45
O3 GLC G . -15.93 -10.62 -12.11
O4 GLC G . -16.34 -8.48 -13.97
O5 GLC G . -13.92 -10.58 -15.81
O6 GLC G . -13.26 -7.84 -15.65
C1 GLC H . -15.32 36.57 -22.57
C2 GLC H . -16.55 35.75 -22.20
C3 GLC H . -16.93 35.73 -20.72
C4 GLC H . -15.70 35.82 -19.84
C5 GLC H . -14.88 37.07 -20.19
C6 GLC H . -13.55 37.28 -19.46
O1 GLC H . -15.40 37.32 -23.73
O2 GLC H . -17.68 35.85 -23.05
O3 GLC H . -17.54 34.49 -20.52
O4 GLC H . -16.09 35.91 -18.48
O5 GLC H . -14.60 37.24 -21.57
O6 GLC H . -12.66 36.22 -19.69
C2 BGC I . 9.68 22.73 -18.32
C3 BGC I . 9.85 23.34 -16.92
C4 BGC I . 8.50 23.42 -16.20
C5 BGC I . 7.75 22.07 -16.28
C6 BGC I . 6.35 22.10 -15.61
C1 BGC I . 8.88 21.44 -18.25
O1 BGC I . 8.60 20.93 -19.54
O2 BGC I . 10.97 22.52 -18.91
O3 BGC I . 10.45 24.61 -16.99
O4 BGC I . 8.72 23.81 -14.86
O5 BGC I . 7.64 21.63 -17.61
O6 BGC I . 5.46 23.01 -16.23
C2 BGC J . 23.68 -22.59 -26.27
C3 BGC J . 25.04 -22.17 -26.85
C4 BGC J . 25.27 -20.66 -26.71
C5 BGC J . 24.91 -20.20 -25.28
C6 BGC J . 25.05 -18.69 -25.00
C1 BGC J . 23.43 -22.00 -24.89
O1 BGC J . 22.09 -22.23 -24.45
O2 BGC J . 23.56 -23.98 -26.22
O3 BGC J . 25.17 -22.52 -28.21
O4 BGC J . 26.64 -20.41 -27.00
O5 BGC J . 23.59 -20.61 -24.96
O6 BGC J . 24.20 -17.94 -25.83
C1 GLC K . 18.59 -11.78 35.56
C2 GLC K . 19.25 -12.68 34.47
C3 GLC K . 20.70 -12.30 34.12
C4 GLC K . 20.96 -10.79 34.27
C5 GLC K . 20.58 -10.31 35.67
C6 GLC K . 20.72 -8.81 35.89
O1 GLC K . 18.05 -12.48 36.62
O2 GLC K . 19.08 -14.09 34.67
O3 GLC K . 20.85 -12.66 32.76
O4 GLC K . 22.36 -10.54 34.13
O5 GLC K . 19.27 -10.64 36.07
O6 GLC K . 19.83 -8.10 35.05
C1 GLC L . -18.53 -2.11 43.99
C2 GLC L . -19.50 -2.25 45.19
C3 GLC L . -20.61 -1.20 45.29
C4 GLC L . -20.15 0.13 44.71
C5 GLC L . -19.71 -0.05 43.25
C6 GLC L . -19.23 1.23 42.57
O1 GLC L . -18.26 -3.30 43.29
O2 GLC L . -19.97 -3.57 45.39
O3 GLC L . -20.88 -1.04 46.68
O4 GLC L . -21.26 0.99 44.71
O5 GLC L . -18.66 -0.96 43.15
O6 GLC L . -18.18 1.86 43.30
#